data_4LBP
# 
_entry.id   4LBP 
# 
_audit_conform.dict_name       mmcif_pdbx.dic 
_audit_conform.dict_version    5.399 
_audit_conform.dict_location   http://mmcif.pdb.org/dictionaries/ascii/mmcif_pdbx.dic 
# 
loop_
_database_2.database_id 
_database_2.database_code 
_database_2.pdbx_database_accession 
_database_2.pdbx_DOI 
PDB   4LBP         pdb_00004lbp 10.2210/pdb4lbp/pdb 
RCSB  RCSB080428   ?            ?                   
WWPDB D_1000080428 ?            ?                   
# 
loop_
_pdbx_audit_revision_history.ordinal 
_pdbx_audit_revision_history.data_content_type 
_pdbx_audit_revision_history.major_revision 
_pdbx_audit_revision_history.minor_revision 
_pdbx_audit_revision_history.revision_date 
1 'Structure model' 1 0 2013-08-28 
2 'Structure model' 1 1 2013-10-09 
3 'Structure model' 1 2 2013-10-23 
4 'Structure model' 1 3 2024-11-20 
# 
_pdbx_audit_revision_details.ordinal             1 
_pdbx_audit_revision_details.revision_ordinal    1 
_pdbx_audit_revision_details.data_content_type   'Structure model' 
_pdbx_audit_revision_details.provider            repository 
_pdbx_audit_revision_details.type                'Initial release' 
_pdbx_audit_revision_details.description         ? 
_pdbx_audit_revision_details.details             ? 
# 
loop_
_pdbx_audit_revision_group.ordinal 
_pdbx_audit_revision_group.revision_ordinal 
_pdbx_audit_revision_group.data_content_type 
_pdbx_audit_revision_group.group 
1 2 'Structure model' 'Database references'  
2 3 'Structure model' 'Database references'  
3 4 'Structure model' 'Data collection'      
4 4 'Structure model' 'Database references'  
5 4 'Structure model' 'Derived calculations' 
6 4 'Structure model' 'Structure summary'    
# 
loop_
_pdbx_audit_revision_category.ordinal 
_pdbx_audit_revision_category.revision_ordinal 
_pdbx_audit_revision_category.data_content_type 
_pdbx_audit_revision_category.category 
1 4 'Structure model' chem_comp_atom            
2 4 'Structure model' chem_comp_bond            
3 4 'Structure model' database_2                
4 4 'Structure model' pdbx_entry_details        
5 4 'Structure model' pdbx_modification_feature 
6 4 'Structure model' struct_conn               
7 4 'Structure model' struct_site               
# 
loop_
_pdbx_audit_revision_item.ordinal 
_pdbx_audit_revision_item.revision_ordinal 
_pdbx_audit_revision_item.data_content_type 
_pdbx_audit_revision_item.item 
1 4 'Structure model' '_database_2.pdbx_DOI'                
2 4 'Structure model' '_database_2.pdbx_database_accession' 
3 4 'Structure model' '_struct_conn.pdbx_leaving_atom_flag' 
4 4 'Structure model' '_struct_site.pdbx_auth_asym_id'      
5 4 'Structure model' '_struct_site.pdbx_auth_comp_id'      
6 4 'Structure model' '_struct_site.pdbx_auth_seq_id'       
# 
_pdbx_database_status.status_code                     REL 
_pdbx_database_status.entry_id                        4LBP 
_pdbx_database_status.recvd_initial_deposition_date   2013-06-20 
_pdbx_database_status.deposit_site                    RCSB 
_pdbx_database_status.process_site                    RCSB 
_pdbx_database_status.status_code_sf                  REL 
_pdbx_database_status.status_code_mr                  ? 
_pdbx_database_status.SG_entry                        ? 
_pdbx_database_status.status_code_cs                  ? 
_pdbx_database_status.methods_development_category    ? 
_pdbx_database_status.pdb_format_compatible           Y 
_pdbx_database_status.status_code_nmr_data            ? 
# 
loop_
_pdbx_database_related.db_name 
_pdbx_database_related.db_id 
_pdbx_database_related.details 
_pdbx_database_related.content_type 
PDB 4LBH . unspecified 
PDB 4LBI . unspecified 
# 
loop_
_audit_author.name 
_audit_author.pdbx_ordinal 
'Hayes, R.P.' 1 
'Lewis, K.M.' 2 
'Xun, L.'     3 
'Kang, C.'    4 
# 
_citation.id                        primary 
_citation.title                     
'Catalytic Mechanism of 5-Chlorohydroxyhydroquinone Dehydrochlorinase from the YCII Superfamily of Largely Unknown Function.' 
_citation.journal_abbrev            J.Biol.Chem. 
_citation.journal_volume            288 
_citation.page_first                28447 
_citation.page_last                 28456 
_citation.year                      2013 
_citation.journal_id_ASTM           JBCHA3 
_citation.country                   US 
_citation.journal_id_ISSN           0021-9258 
_citation.journal_id_CSD            0071 
_citation.book_publisher            ? 
_citation.pdbx_database_id_PubMed   23955343 
_citation.pdbx_database_id_DOI      10.1074/jbc.M113.499368 
# 
loop_
_citation_author.citation_id 
_citation_author.name 
_citation_author.ordinal 
_citation_author.identifier_ORCID 
primary 'Hayes, R.P.' 1 ? 
primary 'Lewis, K.M.' 2 ? 
primary 'Xun, L.'     3 ? 
primary 'Kang, C.'    4 ? 
# 
loop_
_entity.id 
_entity.type 
_entity.src_method 
_entity.pdbx_description 
_entity.formula_weight 
_entity.pdbx_number_of_molecules 
_entity.pdbx_ec 
_entity.pdbx_mutation 
_entity.pdbx_fragment 
_entity.details 
1 polymer     man '5-chloro-2-hydroxyhydroquinone dehydrochlorinase (TftG)' 11322.350 1  ? ? ? ? 
2 non-polymer syn 2,5-dihydroxycyclohexa-2,5-diene-1,4-dione                140.094   1  ? ? ? ? 
3 water       nat water                                                     18.015    78 ? ? ? ? 
# 
_entity_poly.entity_id                      1 
_entity_poly.type                           'polypeptide(L)' 
_entity_poly.nstd_linkage                   no 
_entity_poly.nstd_monomer                   yes 
_entity_poly.pdbx_seq_one_letter_code       
;(MSE)LFLIYRKDRPGSLQVRIDNYAAHLAYLEPLKAKIQVGGPTLGAGTGTDDKD(MSE)TGSFLI(MSE)EAESWDEV
HSFVENDPFTKAGLFAATIVERWKHGKHNDSK
;
_entity_poly.pdbx_seq_one_letter_code_can   
;MLFLIYRKDRPGSLQVRIDNYAAHLAYLEPLKAKIQVGGPTLGAGTGTDDKDMTGSFLIMEAESWDEVHSFVENDPFTKA
GLFAATIVERWKHGKHNDSK
;
_entity_poly.pdbx_strand_id                 A 
_entity_poly.pdbx_target_identifier         ? 
# 
loop_
_pdbx_entity_nonpoly.entity_id 
_pdbx_entity_nonpoly.name 
_pdbx_entity_nonpoly.comp_id 
2 2,5-dihydroxycyclohexa-2,5-diene-1,4-dione 1WG 
3 water                                      HOH 
# 
loop_
_entity_poly_seq.entity_id 
_entity_poly_seq.num 
_entity_poly_seq.mon_id 
_entity_poly_seq.hetero 
1 1   MSE n 
1 2   LEU n 
1 3   PHE n 
1 4   LEU n 
1 5   ILE n 
1 6   TYR n 
1 7   ARG n 
1 8   LYS n 
1 9   ASP n 
1 10  ARG n 
1 11  PRO n 
1 12  GLY n 
1 13  SER n 
1 14  LEU n 
1 15  GLN n 
1 16  VAL n 
1 17  ARG n 
1 18  ILE n 
1 19  ASP n 
1 20  ASN n 
1 21  TYR n 
1 22  ALA n 
1 23  ALA n 
1 24  HIS n 
1 25  LEU n 
1 26  ALA n 
1 27  TYR n 
1 28  LEU n 
1 29  GLU n 
1 30  PRO n 
1 31  LEU n 
1 32  LYS n 
1 33  ALA n 
1 34  LYS n 
1 35  ILE n 
1 36  GLN n 
1 37  VAL n 
1 38  GLY n 
1 39  GLY n 
1 40  PRO n 
1 41  THR n 
1 42  LEU n 
1 43  GLY n 
1 44  ALA n 
1 45  GLY n 
1 46  THR n 
1 47  GLY n 
1 48  THR n 
1 49  ASP n 
1 50  ASP n 
1 51  LYS n 
1 52  ASP n 
1 53  MSE n 
1 54  THR n 
1 55  GLY n 
1 56  SER n 
1 57  PHE n 
1 58  LEU n 
1 59  ILE n 
1 60  MSE n 
1 61  GLU n 
1 62  ALA n 
1 63  GLU n 
1 64  SER n 
1 65  TRP n 
1 66  ASP n 
1 67  GLU n 
1 68  VAL n 
1 69  HIS n 
1 70  SER n 
1 71  PHE n 
1 72  VAL n 
1 73  GLU n 
1 74  ASN n 
1 75  ASP n 
1 76  PRO n 
1 77  PHE n 
1 78  THR n 
1 79  LYS n 
1 80  ALA n 
1 81  GLY n 
1 82  LEU n 
1 83  PHE n 
1 84  ALA n 
1 85  ALA n 
1 86  THR n 
1 87  ILE n 
1 88  VAL n 
1 89  GLU n 
1 90  ARG n 
1 91  TRP n 
1 92  LYS n 
1 93  HIS n 
1 94  GLY n 
1 95  LYS n 
1 96  HIS n 
1 97  ASN n 
1 98  ASP n 
1 99  SER n 
1 100 LYS n 
# 
_entity_src_gen.entity_id                          1 
_entity_src_gen.pdbx_src_id                        1 
_entity_src_gen.pdbx_alt_source_flag               sample 
_entity_src_gen.pdbx_seq_type                      ? 
_entity_src_gen.pdbx_beg_seq_num                   ? 
_entity_src_gen.pdbx_end_seq_num                   ? 
_entity_src_gen.gene_src_common_name               ? 
_entity_src_gen.gene_src_genus                     ? 
_entity_src_gen.pdbx_gene_src_gene                 ? 
_entity_src_gen.gene_src_species                   ? 
_entity_src_gen.gene_src_strain                    ? 
_entity_src_gen.gene_src_tissue                    ? 
_entity_src_gen.gene_src_tissue_fraction           ? 
_entity_src_gen.gene_src_details                   ? 
_entity_src_gen.pdbx_gene_src_fragment             ? 
_entity_src_gen.pdbx_gene_src_scientific_name      'Burkholderia cepacia' 
_entity_src_gen.pdbx_gene_src_ncbi_taxonomy_id     292 
_entity_src_gen.pdbx_gene_src_variant              ? 
_entity_src_gen.pdbx_gene_src_cell_line            ? 
_entity_src_gen.pdbx_gene_src_atcc                 ? 
_entity_src_gen.pdbx_gene_src_organ                ? 
_entity_src_gen.pdbx_gene_src_organelle            ? 
_entity_src_gen.pdbx_gene_src_cell                 ? 
_entity_src_gen.pdbx_gene_src_cellular_location    ? 
_entity_src_gen.host_org_common_name               ? 
_entity_src_gen.pdbx_host_org_scientific_name      'Escherichia coli' 
_entity_src_gen.pdbx_host_org_ncbi_taxonomy_id     562 
_entity_src_gen.host_org_genus                     ? 
_entity_src_gen.pdbx_host_org_gene                 ? 
_entity_src_gen.pdbx_host_org_organ                ? 
_entity_src_gen.host_org_species                   ? 
_entity_src_gen.pdbx_host_org_tissue               ? 
_entity_src_gen.pdbx_host_org_tissue_fraction      ? 
_entity_src_gen.pdbx_host_org_strain               ? 
_entity_src_gen.pdbx_host_org_variant              ? 
_entity_src_gen.pdbx_host_org_cell_line            ? 
_entity_src_gen.pdbx_host_org_atcc                 ? 
_entity_src_gen.pdbx_host_org_culture_collection   ? 
_entity_src_gen.pdbx_host_org_cell                 ? 
_entity_src_gen.pdbx_host_org_organelle            ? 
_entity_src_gen.pdbx_host_org_cellular_location    ? 
_entity_src_gen.pdbx_host_org_vector_type          ? 
_entity_src_gen.pdbx_host_org_vector               ? 
_entity_src_gen.host_org_details                   ? 
_entity_src_gen.expression_system_id               ? 
_entity_src_gen.plasmid_name                       ? 
_entity_src_gen.plasmid_details                    ? 
_entity_src_gen.pdbx_description                   ? 
# 
loop_
_chem_comp.id 
_chem_comp.type 
_chem_comp.mon_nstd_flag 
_chem_comp.name 
_chem_comp.pdbx_synonyms 
_chem_comp.formula 
_chem_comp.formula_weight 
1WG non-polymer         . 2,5-dihydroxycyclohexa-2,5-diene-1,4-dione 2,5-dihydroxybenzoquinone 'C6 H4 O4'       140.094 
ALA 'L-peptide linking' y ALANINE                                    ?                         'C3 H7 N O2'     89.093  
ARG 'L-peptide linking' y ARGININE                                   ?                         'C6 H15 N4 O2 1' 175.209 
ASN 'L-peptide linking' y ASPARAGINE                                 ?                         'C4 H8 N2 O3'    132.118 
ASP 'L-peptide linking' y 'ASPARTIC ACID'                            ?                         'C4 H7 N O4'     133.103 
GLN 'L-peptide linking' y GLUTAMINE                                  ?                         'C5 H10 N2 O3'   146.144 
GLU 'L-peptide linking' y 'GLUTAMIC ACID'                            ?                         'C5 H9 N O4'     147.129 
GLY 'peptide linking'   y GLYCINE                                    ?                         'C2 H5 N O2'     75.067  
HIS 'L-peptide linking' y HISTIDINE                                  ?                         'C6 H10 N3 O2 1' 156.162 
HOH non-polymer         . WATER                                      ?                         'H2 O'           18.015  
ILE 'L-peptide linking' y ISOLEUCINE                                 ?                         'C6 H13 N O2'    131.173 
LEU 'L-peptide linking' y LEUCINE                                    ?                         'C6 H13 N O2'    131.173 
LYS 'L-peptide linking' y LYSINE                                     ?                         'C6 H15 N2 O2 1' 147.195 
MSE 'L-peptide linking' n SELENOMETHIONINE                           ?                         'C5 H11 N O2 Se' 196.106 
PHE 'L-peptide linking' y PHENYLALANINE                              ?                         'C9 H11 N O2'    165.189 
PRO 'L-peptide linking' y PROLINE                                    ?                         'C5 H9 N O2'     115.130 
SER 'L-peptide linking' y SERINE                                     ?                         'C3 H7 N O3'     105.093 
THR 'L-peptide linking' y THREONINE                                  ?                         'C4 H9 N O3'     119.119 
TRP 'L-peptide linking' y TRYPTOPHAN                                 ?                         'C11 H12 N2 O2'  204.225 
TYR 'L-peptide linking' y TYROSINE                                   ?                         'C9 H11 N O3'    181.189 
VAL 'L-peptide linking' y VALINE                                     ?                         'C5 H11 N O2'    117.146 
# 
loop_
_pdbx_poly_seq_scheme.asym_id 
_pdbx_poly_seq_scheme.entity_id 
_pdbx_poly_seq_scheme.seq_id 
_pdbx_poly_seq_scheme.mon_id 
_pdbx_poly_seq_scheme.ndb_seq_num 
_pdbx_poly_seq_scheme.pdb_seq_num 
_pdbx_poly_seq_scheme.auth_seq_num 
_pdbx_poly_seq_scheme.pdb_mon_id 
_pdbx_poly_seq_scheme.auth_mon_id 
_pdbx_poly_seq_scheme.pdb_strand_id 
_pdbx_poly_seq_scheme.pdb_ins_code 
_pdbx_poly_seq_scheme.hetero 
A 1 1   MSE 1   1   1  MSE MSE A . n 
A 1 2   LEU 2   2   2  LEU LEU A . n 
A 1 3   PHE 3   3   3  PHE PHE A . n 
A 1 4   LEU 4   4   4  LEU LEU A . n 
A 1 5   ILE 5   5   5  ILE ILE A . n 
A 1 6   TYR 6   6   6  TYR TYR A . n 
A 1 7   ARG 7   7   7  ARG ARG A . n 
A 1 8   LYS 8   8   8  LYS LYS A . n 
A 1 9   ASP 9   9   9  ASP ASP A . n 
A 1 10  ARG 10  10  10 ARG ARG A . n 
A 1 11  PRO 11  11  11 PRO PRO A . n 
A 1 12  GLY 12  12  12 GLY GLY A . n 
A 1 13  SER 13  13  13 SER SER A . n 
A 1 14  LEU 14  14  14 LEU LEU A . n 
A 1 15  GLN 15  15  15 GLN GLN A . n 
A 1 16  VAL 16  16  16 VAL VAL A . n 
A 1 17  ARG 17  17  17 ARG ARG A . n 
A 1 18  ILE 18  18  18 ILE ILE A . n 
A 1 19  ASP 19  19  19 ASP ASP A . n 
A 1 20  ASN 20  20  20 ASN ASN A . n 
A 1 21  TYR 21  21  21 TYR TYR A . n 
A 1 22  ALA 22  22  22 ALA ALA A . n 
A 1 23  ALA 23  23  23 ALA ALA A . n 
A 1 24  HIS 24  24  24 HIS HIS A . n 
A 1 25  LEU 25  25  25 LEU LEU A . n 
A 1 26  ALA 26  26  26 ALA ALA A . n 
A 1 27  TYR 27  27  27 TYR TYR A . n 
A 1 28  LEU 28  28  28 LEU LEU A . n 
A 1 29  GLU 29  29  29 GLU GLU A . n 
A 1 30  PRO 30  30  30 PRO PRO A . n 
A 1 31  LEU 31  31  31 LEU LEU A . n 
A 1 32  LYS 32  32  32 LYS LYS A . n 
A 1 33  ALA 33  33  33 ALA ALA A . n 
A 1 34  LYS 34  34  34 LYS LYS A . n 
A 1 35  ILE 35  35  35 ILE ILE A . n 
A 1 36  GLN 36  36  36 GLN GLN A . n 
A 1 37  VAL 37  37  37 VAL VAL A . n 
A 1 38  GLY 38  38  38 GLY GLY A . n 
A 1 39  GLY 39  39  39 GLY GLY A . n 
A 1 40  PRO 40  40  40 PRO PRO A . n 
A 1 41  THR 41  41  41 THR THR A . n 
A 1 42  LEU 42  42  42 LEU LEU A . n 
A 1 43  GLY 43  43  43 GLY GLY A . n 
A 1 44  ALA 44  44  44 ALA ALA A . n 
A 1 45  GLY 45  45  45 GLY GLY A . n 
A 1 46  THR 46  46  46 THR THR A . n 
A 1 47  GLY 47  47  47 GLY GLY A . n 
A 1 48  THR 48  48  48 THR THR A . n 
A 1 49  ASP 49  49  49 ASP ASP A . n 
A 1 50  ASP 50  50  50 ASP ASP A . n 
A 1 51  LYS 51  51  51 LYS LYS A . n 
A 1 52  ASP 52  52  52 ASP ASP A . n 
A 1 53  MSE 53  53  53 MSE MSE A . n 
A 1 54  THR 54  54  54 THR THR A . n 
A 1 55  GLY 55  55  55 GLY GLY A . n 
A 1 56  SER 56  56  56 SER SER A . n 
A 1 57  PHE 57  57  57 PHE PHE A . n 
A 1 58  LEU 58  58  58 LEU LEU A . n 
A 1 59  ILE 59  59  59 ILE ILE A . n 
A 1 60  MSE 60  60  60 MSE MSE A . n 
A 1 61  GLU 61  61  61 GLU GLU A . n 
A 1 62  ALA 62  62  62 ALA ALA A . n 
A 1 63  GLU 63  63  63 GLU GLU A . n 
A 1 64  SER 64  64  64 SER SER A . n 
A 1 65  TRP 65  65  65 TRP TRP A . n 
A 1 66  ASP 66  66  66 ASP ASP A . n 
A 1 67  GLU 67  67  67 GLU GLU A . n 
A 1 68  VAL 68  68  68 VAL VAL A . n 
A 1 69  HIS 69  69  69 HIS HIS A . n 
A 1 70  SER 70  70  70 SER SER A . n 
A 1 71  PHE 71  71  71 PHE PHE A . n 
A 1 72  VAL 72  72  72 VAL VAL A . n 
A 1 73  GLU 73  73  73 GLU GLU A . n 
A 1 74  ASN 74  74  74 ASN ASN A . n 
A 1 75  ASP 75  75  75 ASP ASP A . n 
A 1 76  PRO 76  76  76 PRO PRO A . n 
A 1 77  PHE 77  77  77 PHE PHE A . n 
A 1 78  THR 78  78  78 THR THR A . n 
A 1 79  LYS 79  79  79 LYS LYS A . n 
A 1 80  ALA 80  80  80 ALA ALA A . n 
A 1 81  GLY 81  81  81 GLY GLY A . n 
A 1 82  LEU 82  82  82 LEU LEU A . n 
A 1 83  PHE 83  83  83 PHE PHE A . n 
A 1 84  ALA 84  84  84 ALA ALA A . n 
A 1 85  ALA 85  85  85 ALA ALA A . n 
A 1 86  THR 86  86  86 THR THR A . n 
A 1 87  ILE 87  87  87 ILE ILE A . n 
A 1 88  VAL 88  88  88 VAL VAL A . n 
A 1 89  GLU 89  89  89 GLU GLU A . n 
A 1 90  ARG 90  90  90 ARG ARG A . n 
A 1 91  TRP 91  91  91 TRP TRP A . n 
A 1 92  LYS 92  92  92 LYS LYS A . n 
A 1 93  HIS 93  93  93 HIS HIS A . n 
A 1 94  GLY 94  94  94 GLY GLY A . n 
A 1 95  LYS 95  95  95 LYS LYS A . n 
A 1 96  HIS 96  96  96 HIS HIS A . n 
A 1 97  ASN 97  97  97 ASN ASN A . n 
A 1 98  ASP 98  98  98 ASP ASP A . n 
A 1 99  SER 99  99  ?  ?   ?   A . n 
A 1 100 LYS 100 100 ?  ?   ?   A . n 
# 
loop_
_pdbx_nonpoly_scheme.asym_id 
_pdbx_nonpoly_scheme.entity_id 
_pdbx_nonpoly_scheme.mon_id 
_pdbx_nonpoly_scheme.ndb_seq_num 
_pdbx_nonpoly_scheme.pdb_seq_num 
_pdbx_nonpoly_scheme.auth_seq_num 
_pdbx_nonpoly_scheme.pdb_mon_id 
_pdbx_nonpoly_scheme.auth_mon_id 
_pdbx_nonpoly_scheme.pdb_strand_id 
_pdbx_nonpoly_scheme.pdb_ins_code 
B 2 1WG 1  201 1  1WG 1WG A . 
C 3 HOH 1  301 1  HOH HOH A . 
C 3 HOH 2  302 2  HOH HOH A . 
C 3 HOH 3  303 3  HOH HOH A . 
C 3 HOH 4  304 4  HOH HOH A . 
C 3 HOH 5  305 5  HOH HOH A . 
C 3 HOH 6  306 6  HOH HOH A . 
C 3 HOH 7  307 7  HOH HOH A . 
C 3 HOH 8  308 8  HOH HOH A . 
C 3 HOH 9  309 9  HOH HOH A . 
C 3 HOH 10 310 10 HOH HOH A . 
C 3 HOH 11 311 11 HOH HOH A . 
C 3 HOH 12 312 12 HOH HOH A . 
C 3 HOH 13 313 13 HOH HOH A . 
C 3 HOH 14 314 14 HOH HOH A . 
C 3 HOH 15 315 15 HOH HOH A . 
C 3 HOH 16 316 16 HOH HOH A . 
C 3 HOH 17 317 17 HOH HOH A . 
C 3 HOH 18 318 18 HOH HOH A . 
C 3 HOH 19 319 19 HOH HOH A . 
C 3 HOH 20 320 20 HOH HOH A . 
C 3 HOH 21 321 21 HOH HOH A . 
C 3 HOH 22 322 22 HOH HOH A . 
C 3 HOH 23 323 23 HOH HOH A . 
C 3 HOH 24 324 24 HOH HOH A . 
C 3 HOH 25 325 25 HOH HOH A . 
C 3 HOH 26 326 26 HOH HOH A . 
C 3 HOH 27 327 27 HOH HOH A . 
C 3 HOH 28 328 28 HOH HOH A . 
C 3 HOH 29 329 29 HOH HOH A . 
C 3 HOH 30 330 30 HOH HOH A . 
C 3 HOH 31 331 31 HOH HOH A . 
C 3 HOH 32 332 32 HOH HOH A . 
C 3 HOH 33 333 33 HOH HOH A . 
C 3 HOH 34 334 34 HOH HOH A . 
C 3 HOH 35 335 35 HOH HOH A . 
C 3 HOH 36 336 36 HOH HOH A . 
C 3 HOH 37 337 37 HOH HOH A . 
C 3 HOH 38 338 38 HOH HOH A . 
C 3 HOH 39 339 39 HOH HOH A . 
C 3 HOH 40 340 40 HOH HOH A . 
C 3 HOH 41 341 41 HOH HOH A . 
C 3 HOH 42 342 42 HOH HOH A . 
C 3 HOH 43 343 43 HOH HOH A . 
C 3 HOH 44 344 44 HOH HOH A . 
C 3 HOH 45 345 45 HOH HOH A . 
C 3 HOH 46 346 46 HOH HOH A . 
C 3 HOH 47 347 47 HOH HOH A . 
C 3 HOH 48 348 48 HOH HOH A . 
C 3 HOH 49 349 49 HOH HOH A . 
C 3 HOH 50 350 50 HOH HOH A . 
C 3 HOH 51 351 51 HOH HOH A . 
C 3 HOH 52 352 52 HOH HOH A . 
C 3 HOH 53 353 53 HOH HOH A . 
C 3 HOH 54 354 54 HOH HOH A . 
C 3 HOH 55 355 55 HOH HOH A . 
C 3 HOH 56 356 56 HOH HOH A . 
C 3 HOH 57 357 57 HOH HOH A . 
C 3 HOH 58 358 58 HOH HOH A . 
C 3 HOH 59 359 59 HOH HOH A . 
C 3 HOH 60 360 60 HOH HOH A . 
C 3 HOH 61 361 61 HOH HOH A . 
C 3 HOH 62 362 62 HOH HOH A . 
C 3 HOH 63 363 63 HOH HOH A . 
C 3 HOH 64 364 64 HOH HOH A . 
C 3 HOH 65 365 65 HOH HOH A . 
C 3 HOH 66 366 66 HOH HOH A . 
C 3 HOH 67 367 67 HOH HOH A . 
C 3 HOH 68 368 68 HOH HOH A . 
C 3 HOH 69 369 69 HOH HOH A . 
C 3 HOH 70 370 70 HOH HOH A . 
C 3 HOH 71 371 71 HOH HOH A . 
C 3 HOH 72 372 72 HOH HOH A . 
C 3 HOH 73 373 73 HOH HOH A . 
C 3 HOH 74 374 74 HOH HOH A . 
C 3 HOH 75 375 75 HOH HOH A . 
C 3 HOH 76 376 76 HOH HOH A . 
C 3 HOH 77 377 77 HOH HOH A . 
C 3 HOH 78 378 78 HOH HOH A . 
# 
loop_
_software.name 
_software.classification 
_software.version 
_software.citation_id 
_software.pdbx_ordinal 
BOS      'data collection' .                             ? 1 
PHENIX   'model building'  .                             ? 2 
PHENIX   refinement        '(phenix.refine: 1.8.2_1309)' ? 3 
HKL-2000 'data reduction'  .                             ? 4 
HKL-2000 'data scaling'    .                             ? 5 
PHENIX   phasing           .                             ? 6 
# 
_cell.entry_id           4LBP 
_cell.length_a           90.191 
_cell.length_b           90.191 
_cell.length_c           50.917 
_cell.angle_alpha        90.00 
_cell.angle_beta         90.00 
_cell.angle_gamma        120.00 
_cell.Z_PDB              12 
_cell.pdbx_unique_axis   ? 
_cell.length_a_esd       ? 
_cell.length_b_esd       ? 
_cell.length_c_esd       ? 
_cell.angle_alpha_esd    ? 
_cell.angle_beta_esd     ? 
_cell.angle_gamma_esd    ? 
# 
_symmetry.entry_id                         4LBP 
_symmetry.space_group_name_H-M             'P 6 2 2' 
_symmetry.pdbx_full_space_group_name_H-M   ? 
_symmetry.cell_setting                     ? 
_symmetry.Int_Tables_number                177 
_symmetry.space_group_name_Hall            ? 
# 
_exptl.entry_id          4LBP 
_exptl.method            'X-RAY DIFFRACTION' 
_exptl.crystals_number   1 
# 
_exptl_crystal.id                    1 
_exptl_crystal.density_meas          ? 
_exptl_crystal.density_Matthews      2.64 
_exptl_crystal.density_percent_sol   53.41 
_exptl_crystal.description           ? 
_exptl_crystal.F_000                 ? 
_exptl_crystal.preparation           ? 
# 
_exptl_crystal_grow.crystal_id      1 
_exptl_crystal_grow.method          'VAPOR DIFFUSION, HANGING DROP' 
_exptl_crystal_grow.temp            277.15 
_exptl_crystal_grow.temp_details    ? 
_exptl_crystal_grow.pH              7.5 
_exptl_crystal_grow.pdbx_details    
'30% (w/v) polyethylene glycol 1500, pH 7.5, VAPOR DIFFUSION, HANGING DROP, temperature 277.15K' 
_exptl_crystal_grow.pdbx_pH_range   ? 
# 
_diffrn.id                     1 
_diffrn.ambient_temp           100 
_diffrn.ambient_temp_details   ? 
_diffrn.crystal_id             1 
# 
_diffrn_detector.diffrn_id              1 
_diffrn_detector.detector               CCD 
_diffrn_detector.type                   'ADSC QUANTUM 315r' 
_diffrn_detector.pdbx_collection_date   2012-12-19 
_diffrn_detector.details                ? 
# 
_diffrn_radiation.diffrn_id                        1 
_diffrn_radiation.wavelength_id                    1 
_diffrn_radiation.pdbx_monochromatic_or_laue_m_l   M 
_diffrn_radiation.monochromator                    'Double crystal, Si(111)' 
_diffrn_radiation.pdbx_diffrn_protocol             'SINGLE WAVELENGTH' 
_diffrn_radiation.pdbx_scattering_type             x-ray 
# 
_diffrn_radiation_wavelength.id           1 
_diffrn_radiation_wavelength.wavelength   1.0000 
_diffrn_radiation_wavelength.wt           1.0 
# 
_diffrn_source.diffrn_id                   1 
_diffrn_source.source                      SYNCHROTRON 
_diffrn_source.type                        'ALS BEAMLINE 8.2.1' 
_diffrn_source.pdbx_synchrotron_site       ALS 
_diffrn_source.pdbx_synchrotron_beamline   8.2.1 
_diffrn_source.pdbx_wavelength             ? 
_diffrn_source.pdbx_wavelength_list        1.0000 
# 
_reflns.entry_id                     4LBP 
_reflns.observed_criterion_sigma_I   -3 
_reflns.observed_criterion_sigma_F   ? 
_reflns.d_resolution_low             50.0 
_reflns.d_resolution_high            1.87 
_reflns.number_obs                   10578 
_reflns.number_all                   10578 
_reflns.percent_possible_obs         99.9 
_reflns.pdbx_netI_over_sigmaI        ? 
_reflns.B_iso_Wilson_estimate        ? 
_reflns.pdbx_redundancy              ? 
_reflns.R_free_details               ? 
_reflns.limit_h_max                  ? 
_reflns.limit_h_min                  ? 
_reflns.limit_k_max                  ? 
_reflns.limit_k_min                  ? 
_reflns.limit_l_max                  ? 
_reflns.limit_l_min                  ? 
_reflns.observed_criterion_F_max     ? 
_reflns.observed_criterion_F_min     ? 
_reflns.pdbx_chi_squared             ? 
_reflns.pdbx_scaling_rejects         ? 
_reflns.pdbx_Rmerge_I_obs            ? 
_reflns.pdbx_Rsym_value              ? 
_reflns.pdbx_ordinal                 1 
_reflns.pdbx_diffrn_id               1 
# 
loop_
_reflns_shell.d_res_high 
_reflns_shell.d_res_low 
_reflns_shell.percent_possible_all 
_reflns_shell.Rmerge_I_obs 
_reflns_shell.pdbx_Rsym_value 
_reflns_shell.meanI_over_sigI_obs 
_reflns_shell.pdbx_redundancy 
_reflns_shell.percent_possible_obs 
_reflns_shell.number_unique_all 
_reflns_shell.number_measured_all 
_reflns_shell.number_measured_obs 
_reflns_shell.number_unique_obs 
_reflns_shell.pdbx_chi_squared 
_reflns_shell.pdbx_ordinal 
_reflns_shell.pdbx_diffrn_id 
1.87 1.90 100.0 ? ? ? ? ? ? ? ? ? ? 1 1 
1.90 1.94 100.0 ? ? ? ? ? ? ? ? ? ? 2 1 
1.94 1.97 100.0 ? ? ? ? ? ? ? ? ? ? 3 1 
1.97 2.01 100.0 ? ? ? ? ? ? ? ? ? ? 4 1 
2.01 2.06 100.0 ? ? ? ? ? ? ? ? ? ? 5 1 
2.06 2.11 100.0 ? ? ? ? ? ? ? ? ? ? 6 1 
# 
_refine.entry_id                                 4LBP 
_refine.ls_number_reflns_obs                     10571 
_refine.ls_number_reflns_all                     ? 
_refine.pdbx_ls_sigma_I                          ? 
_refine.pdbx_ls_sigma_F                          1.34 
_refine.pdbx_data_cutoff_high_absF               ? 
_refine.pdbx_data_cutoff_low_absF                ? 
_refine.pdbx_data_cutoff_high_rms_absF           ? 
_refine.ls_d_res_low                             45.096 
_refine.ls_d_res_high                            1.87 
_refine.ls_percent_reflns_obs                    99.79 
_refine.ls_R_factor_obs                          0.1917 
_refine.ls_R_factor_R_work                       0.1887 
_refine.ls_R_factor_R_free                       0.2194 
_refine.ls_R_factor_R_free_error                 ? 
_refine.ls_R_factor_R_free_error_details         ? 
_refine.ls_percent_reflns_R_free                 10.01 
_refine.ls_number_reflns_R_free                  1058 
_refine.ls_number_parameters                     ? 
_refine.ls_number_restraints                     ? 
_refine.occupancy_min                            ? 
_refine.occupancy_max                            ? 
_refine.correlation_coeff_Fo_to_Fc               ? 
_refine.correlation_coeff_Fo_to_Fc_free          ? 
_refine.B_iso_mean                               ? 
_refine.aniso_B[1][1]                            ? 
_refine.aniso_B[2][2]                            ? 
_refine.aniso_B[3][3]                            ? 
_refine.aniso_B[1][2]                            ? 
_refine.aniso_B[1][3]                            ? 
_refine.aniso_B[2][3]                            ? 
_refine.solvent_model_details                    'FLAT BULK SOLVENT MODEL' 
_refine.solvent_model_param_ksol                 ? 
_refine.solvent_model_param_bsol                 ? 
_refine.pdbx_solvent_vdw_probe_radii             1.11 
_refine.pdbx_solvent_ion_probe_radii             ? 
_refine.pdbx_solvent_shrinkage_radii             0.90 
_refine.pdbx_ls_cross_valid_method               ? 
_refine.details                                  ? 
_refine.pdbx_starting_model                      ? 
_refine.pdbx_method_to_determine_struct          'MOLECULAR REPLACEMENT' 
_refine.pdbx_isotropic_thermal_model             ? 
_refine.pdbx_stereochemistry_target_values       ML 
_refine.pdbx_stereochem_target_val_spec_case     ? 
_refine.pdbx_R_Free_selection_details            ? 
_refine.pdbx_overall_ESU_R                       ? 
_refine.pdbx_overall_ESU_R_Free                  ? 
_refine.overall_SU_ML                            0.17 
_refine.pdbx_overall_phase_error                 20.94 
_refine.overall_SU_B                             ? 
_refine.overall_SU_R_Cruickshank_DPI             ? 
_refine.ls_redundancy_reflns_obs                 ? 
_refine.B_iso_min                                ? 
_refine.B_iso_max                                ? 
_refine.overall_SU_R_free                        ? 
_refine.ls_wR_factor_R_free                      ? 
_refine.ls_wR_factor_R_work                      ? 
_refine.overall_FOM_free_R_set                   ? 
_refine.overall_FOM_work_R_set                   ? 
_refine.ls_R_factor_all                          ? 
_refine.pdbx_diffrn_id                           1 
_refine.pdbx_refine_id                           'X-RAY DIFFRACTION' 
_refine.pdbx_TLS_residual_ADP_flag               ? 
_refine.pdbx_overall_SU_R_free_Cruickshank_DPI   ? 
_refine.pdbx_overall_SU_R_Blow_DPI               ? 
_refine.pdbx_overall_SU_R_free_Blow_DPI          ? 
# 
_refine_hist.pdbx_refine_id                   'X-RAY DIFFRACTION' 
_refine_hist.cycle_id                         LAST 
_refine_hist.pdbx_number_atoms_protein        772 
_refine_hist.pdbx_number_atoms_nucleic_acid   0 
_refine_hist.pdbx_number_atoms_ligand         10 
_refine_hist.number_atoms_solvent             78 
_refine_hist.number_atoms_total               860 
_refine_hist.d_res_high                       1.87 
_refine_hist.d_res_low                        45.096 
# 
loop_
_refine_ls_restr.type 
_refine_ls_restr.dev_ideal 
_refine_ls_restr.dev_ideal_target 
_refine_ls_restr.weight 
_refine_ls_restr.number 
_refine_ls_restr.pdbx_restraint_function 
_refine_ls_restr.pdbx_refine_id 
f_bond_d           0.007  ? ? 813  ? 'X-RAY DIFFRACTION' 
f_angle_d          1.056  ? ? 1100 ? 'X-RAY DIFFRACTION' 
f_dihedral_angle_d 12.036 ? ? 293  ? 'X-RAY DIFFRACTION' 
f_chiral_restr     0.079  ? ? 115  ? 'X-RAY DIFFRACTION' 
f_plane_restr      0.004  ? ? 142  ? 'X-RAY DIFFRACTION' 
# 
loop_
_refine_ls_shell.pdbx_total_number_of_bins_used 
_refine_ls_shell.d_res_high 
_refine_ls_shell.d_res_low 
_refine_ls_shell.number_reflns_R_work 
_refine_ls_shell.R_factor_R_work 
_refine_ls_shell.percent_reflns_obs 
_refine_ls_shell.R_factor_R_free 
_refine_ls_shell.R_factor_R_free_error 
_refine_ls_shell.percent_reflns_R_free 
_refine_ls_shell.number_reflns_R_free 
_refine_ls_shell.number_reflns_all 
_refine_ls_shell.R_factor_all 
_refine_ls_shell.number_reflns_obs 
_refine_ls_shell.redundancy_reflns_obs 
_refine_ls_shell.pdbx_refine_id 
. 1.87   1.9540 1167 0.1890 100.00 0.2456 . . 130 . . . . 'X-RAY DIFFRACTION' 
. 1.9540 2.0570 1147 0.1766 100.00 0.2330 . . 128 . . . . 'X-RAY DIFFRACTION' 
. 2.0570 2.1859 1154 0.1908 100.00 0.2468 . . 127 . . . . 'X-RAY DIFFRACTION' 
. 2.1859 2.3547 1175 0.1978 100.00 0.1880 . . 132 . . . . 'X-RAY DIFFRACTION' 
. 2.3547 2.5916 1177 0.1982 100.00 0.2369 . . 130 . . . . 'X-RAY DIFFRACTION' 
. 2.5916 2.9666 1186 0.1967 100.00 0.2285 . . 132 . . . . 'X-RAY DIFFRACTION' 
. 2.9666 3.7373 1203 0.1934 100.00 0.2226 . . 134 . . . . 'X-RAY DIFFRACTION' 
. 3.7373 45.096 1304 0.1790 100.00 0.2060 . . 145 . . . . 'X-RAY DIFFRACTION' 
# 
_struct.entry_id                  4LBP 
_struct.title                     
;5-chloro-2-hydroxyhydroquinone dehydrochlorinase (TftG) from Burkholderia phenoliruptrix AC1100: Complex with 2,5-dihydroxybenzoquinone
;
_struct.pdbx_model_details        ? 
_struct.pdbx_CASP_flag            ? 
_struct.pdbx_model_type_details   ? 
# 
_struct_keywords.entry_id        4LBP 
_struct_keywords.pdbx_keywords   LYASE 
_struct_keywords.text            LYASE 
# 
loop_
_struct_asym.id 
_struct_asym.pdbx_blank_PDB_chainid_flag 
_struct_asym.pdbx_modified 
_struct_asym.entity_id 
_struct_asym.details 
A N N 1 ? 
B N N 2 ? 
C N N 3 ? 
# 
_struct_ref.id                         1 
_struct_ref.db_name                    UNP 
_struct_ref.db_code                    Q45075_BURCE 
_struct_ref.pdbx_db_accession          Q45075 
_struct_ref.entity_id                  1 
_struct_ref.pdbx_seq_one_letter_code   
;MLFLIYRKDRPGSLQVRIDNYAAHLAYLEPLKAKIQVGGPTLGAGTGTDDKDMTGSFLIMEAESWDEVHSFVENDPFTKA
GLFAATIVERWKHGKHNDSK
;
_struct_ref.pdbx_align_begin           1 
_struct_ref.pdbx_db_isoform            ? 
# 
_struct_ref_seq.align_id                      1 
_struct_ref_seq.ref_id                        1 
_struct_ref_seq.pdbx_PDB_id_code              4LBP 
_struct_ref_seq.pdbx_strand_id                A 
_struct_ref_seq.seq_align_beg                 1 
_struct_ref_seq.pdbx_seq_align_beg_ins_code   ? 
_struct_ref_seq.seq_align_end                 100 
_struct_ref_seq.pdbx_seq_align_end_ins_code   ? 
_struct_ref_seq.pdbx_db_accession             Q45075 
_struct_ref_seq.db_align_beg                  1 
_struct_ref_seq.pdbx_db_align_beg_ins_code    ? 
_struct_ref_seq.db_align_end                  100 
_struct_ref_seq.pdbx_db_align_end_ins_code    ? 
_struct_ref_seq.pdbx_auth_seq_align_beg       1 
_struct_ref_seq.pdbx_auth_seq_align_end       100 
# 
_pdbx_struct_assembly.id                   1 
_pdbx_struct_assembly.details              author_and_software_defined_assembly 
_pdbx_struct_assembly.method_details       PISA 
_pdbx_struct_assembly.oligomeric_details   tetrameric 
_pdbx_struct_assembly.oligomeric_count     4 
# 
loop_
_pdbx_struct_assembly_prop.biol_id 
_pdbx_struct_assembly_prop.type 
_pdbx_struct_assembly_prop.value 
_pdbx_struct_assembly_prop.details 
1 'ABSA (A^2)' 8440  ? 
1 MORE         -35   ? 
1 'SSA (A^2)'  16220 ? 
# 
_pdbx_struct_assembly_gen.assembly_id       1 
_pdbx_struct_assembly_gen.oper_expression   1,2,3,4 
_pdbx_struct_assembly_gen.asym_id_list      A,B,C 
# 
loop_
_pdbx_struct_oper_list.id 
_pdbx_struct_oper_list.type 
_pdbx_struct_oper_list.name 
_pdbx_struct_oper_list.symmetry_operation 
_pdbx_struct_oper_list.matrix[1][1] 
_pdbx_struct_oper_list.matrix[1][2] 
_pdbx_struct_oper_list.matrix[1][3] 
_pdbx_struct_oper_list.vector[1] 
_pdbx_struct_oper_list.matrix[2][1] 
_pdbx_struct_oper_list.matrix[2][2] 
_pdbx_struct_oper_list.matrix[2][3] 
_pdbx_struct_oper_list.vector[2] 
_pdbx_struct_oper_list.matrix[3][1] 
_pdbx_struct_oper_list.matrix[3][2] 
_pdbx_struct_oper_list.matrix[3][3] 
_pdbx_struct_oper_list.vector[3] 
1 'identity operation'         1_555  x,y,z      1.0000000000  0.0000000000  0.0000000000  0.0000000000   0.0000000000  1.0000000000  0.0000000000  0.0000000000  0.0000000000  0.0000000000  1.0000000000  0.0000000000  
2 'crystal symmetry operation' 4_565  -x,-y+1,z  -0.6313771980 -0.3841312422 -0.6736512618 3.6022368305   -0.3841312422 -0.5997078573 0.7019926457  17.0345300606 -0.6736512618 0.7019926457  0.2310850554  -7.7423273054 
3 'crystal symmetry operation' 9_555  -x,-x+y,-z -0.3306900171 0.9294275025  -0.1637334123 -15.3809602904 0.9294275025  0.2906358852  -0.2273660042 13.1035536781 -0.1637334123 -0.2273660042 -0.9599458682 11.5075650862 
4 'crystal symmetry operation' 12_565 x,x-y+1,-z -0.0379327849 -0.5452962603 0.8373846741  0.5278543490   -0.5452962603 -0.6909280279 -0.4746266415 23.1627594042 0.8373846741  -0.4746266415 -0.2711391872 14.4769006320 
# 
_struct_biol.id        1 
_struct_biol.details   ? 
# 
loop_
_struct_conf.conf_type_id 
_struct_conf.id 
_struct_conf.pdbx_PDB_helix_id 
_struct_conf.beg_label_comp_id 
_struct_conf.beg_label_asym_id 
_struct_conf.beg_label_seq_id 
_struct_conf.pdbx_beg_PDB_ins_code 
_struct_conf.end_label_comp_id 
_struct_conf.end_label_asym_id 
_struct_conf.end_label_seq_id 
_struct_conf.pdbx_end_PDB_ins_code 
_struct_conf.beg_auth_comp_id 
_struct_conf.beg_auth_asym_id 
_struct_conf.beg_auth_seq_id 
_struct_conf.end_auth_comp_id 
_struct_conf.end_auth_asym_id 
_struct_conf.end_auth_seq_id 
_struct_conf.pdbx_PDB_helix_class 
_struct_conf.details 
_struct_conf.pdbx_PDB_helix_length 
HELX_P HELX_P1 1 SER A 13 ? GLU A 29 ? SER A 13 GLU A 29 1 ? 17 
HELX_P HELX_P2 2 PRO A 30 ? ALA A 33 ? PRO A 30 ALA A 33 5 ? 4  
HELX_P HELX_P3 3 ASP A 49 ? LYS A 51 ? ASP A 49 LYS A 51 5 ? 3  
HELX_P HELX_P4 4 SER A 64 ? ASN A 74 ? SER A 64 ASN A 74 1 ? 11 
HELX_P HELX_P5 5 ASP A 75 ? ALA A 80 ? ASP A 75 ALA A 80 1 ? 6  
# 
_struct_conf_type.id          HELX_P 
_struct_conf_type.criteria    ? 
_struct_conf_type.reference   ? 
# 
loop_
_struct_conn.id 
_struct_conn.conn_type_id 
_struct_conn.pdbx_leaving_atom_flag 
_struct_conn.pdbx_PDB_id 
_struct_conn.ptnr1_label_asym_id 
_struct_conn.ptnr1_label_comp_id 
_struct_conn.ptnr1_label_seq_id 
_struct_conn.ptnr1_label_atom_id 
_struct_conn.pdbx_ptnr1_label_alt_id 
_struct_conn.pdbx_ptnr1_PDB_ins_code 
_struct_conn.pdbx_ptnr1_standard_comp_id 
_struct_conn.ptnr1_symmetry 
_struct_conn.ptnr2_label_asym_id 
_struct_conn.ptnr2_label_comp_id 
_struct_conn.ptnr2_label_seq_id 
_struct_conn.ptnr2_label_atom_id 
_struct_conn.pdbx_ptnr2_label_alt_id 
_struct_conn.pdbx_ptnr2_PDB_ins_code 
_struct_conn.ptnr1_auth_asym_id 
_struct_conn.ptnr1_auth_comp_id 
_struct_conn.ptnr1_auth_seq_id 
_struct_conn.ptnr2_auth_asym_id 
_struct_conn.ptnr2_auth_comp_id 
_struct_conn.ptnr2_auth_seq_id 
_struct_conn.ptnr2_symmetry 
_struct_conn.pdbx_ptnr3_label_atom_id 
_struct_conn.pdbx_ptnr3_label_seq_id 
_struct_conn.pdbx_ptnr3_label_comp_id 
_struct_conn.pdbx_ptnr3_label_asym_id 
_struct_conn.pdbx_ptnr3_label_alt_id 
_struct_conn.pdbx_ptnr3_PDB_ins_code 
_struct_conn.details 
_struct_conn.pdbx_dist_value 
_struct_conn.pdbx_value_order 
_struct_conn.pdbx_role 
covale1 covale both ? A MSE 1  C ? ? ? 1_555 A LEU 2  N ? ? A MSE 1  A LEU 2  1_555 ? ? ? ? ? ? ? 1.328 ? ? 
covale2 covale both ? A ASP 52 C ? ? ? 1_555 A MSE 53 N ? ? A ASP 52 A MSE 53 1_555 ? ? ? ? ? ? ? 1.330 ? ? 
covale3 covale both ? A MSE 53 C ? ? ? 1_555 A THR 54 N ? ? A MSE 53 A THR 54 1_555 ? ? ? ? ? ? ? 1.333 ? ? 
covale4 covale both ? A ILE 59 C ? ? ? 1_555 A MSE 60 N ? ? A ILE 59 A MSE 60 1_555 ? ? ? ? ? ? ? 1.330 ? ? 
covale5 covale both ? A MSE 60 C ? ? ? 1_555 A GLU 61 N ? ? A MSE 60 A GLU 61 1_555 ? ? ? ? ? ? ? 1.328 ? ? 
# 
_struct_conn_type.id          covale 
_struct_conn_type.criteria    ? 
_struct_conn_type.reference   ? 
# 
loop_
_pdbx_modification_feature.ordinal 
_pdbx_modification_feature.label_comp_id 
_pdbx_modification_feature.label_asym_id 
_pdbx_modification_feature.label_seq_id 
_pdbx_modification_feature.label_alt_id 
_pdbx_modification_feature.modified_residue_label_comp_id 
_pdbx_modification_feature.modified_residue_label_asym_id 
_pdbx_modification_feature.modified_residue_label_seq_id 
_pdbx_modification_feature.modified_residue_label_alt_id 
_pdbx_modification_feature.auth_comp_id 
_pdbx_modification_feature.auth_asym_id 
_pdbx_modification_feature.auth_seq_id 
_pdbx_modification_feature.PDB_ins_code 
_pdbx_modification_feature.symmetry 
_pdbx_modification_feature.modified_residue_auth_comp_id 
_pdbx_modification_feature.modified_residue_auth_asym_id 
_pdbx_modification_feature.modified_residue_auth_seq_id 
_pdbx_modification_feature.modified_residue_PDB_ins_code 
_pdbx_modification_feature.modified_residue_symmetry 
_pdbx_modification_feature.comp_id_linking_atom 
_pdbx_modification_feature.modified_residue_id_linking_atom 
_pdbx_modification_feature.modified_residue_id 
_pdbx_modification_feature.ref_pcm_id 
_pdbx_modification_feature.ref_comp_id 
_pdbx_modification_feature.type 
_pdbx_modification_feature.category 
1 MSE A 1  ? . . . . MSE A 1  ? 1_555 . . . . . . . MET 1 MSE Selenomethionine 'Named protein modification' 
2 MSE A 53 ? . . . . MSE A 53 ? 1_555 . . . . . . . MET 1 MSE Selenomethionine 'Named protein modification' 
3 MSE A 60 ? . . . . MSE A 60 ? 1_555 . . . . . . . MET 1 MSE Selenomethionine 'Named protein modification' 
# 
_struct_sheet.id               A 
_struct_sheet.type             ? 
_struct_sheet.number_strands   4 
_struct_sheet.details          ? 
# 
loop_
_struct_sheet_order.sheet_id 
_struct_sheet_order.range_id_1 
_struct_sheet_order.range_id_2 
_struct_sheet_order.offset 
_struct_sheet_order.sense 
A 1 2 ? anti-parallel 
A 2 3 ? anti-parallel 
A 3 4 ? anti-parallel 
# 
loop_
_struct_sheet_range.sheet_id 
_struct_sheet_range.id 
_struct_sheet_range.beg_label_comp_id 
_struct_sheet_range.beg_label_asym_id 
_struct_sheet_range.beg_label_seq_id 
_struct_sheet_range.pdbx_beg_PDB_ins_code 
_struct_sheet_range.end_label_comp_id 
_struct_sheet_range.end_label_asym_id 
_struct_sheet_range.end_label_seq_id 
_struct_sheet_range.pdbx_end_PDB_ins_code 
_struct_sheet_range.beg_auth_comp_id 
_struct_sheet_range.beg_auth_asym_id 
_struct_sheet_range.beg_auth_seq_id 
_struct_sheet_range.end_auth_comp_id 
_struct_sheet_range.end_auth_asym_id 
_struct_sheet_range.end_auth_seq_id 
A 1 ILE A 35 ? LEU A 42 ? ILE A 35 LEU A 42 
A 2 MSE A 53 ? GLU A 61 ? MSE A 53 GLU A 61 
A 3 LEU A 2  ? ASP A 9  ? LEU A 2  ASP A 9  
A 4 PHE A 83 ? TRP A 91 ? PHE A 83 TRP A 91 
# 
loop_
_pdbx_struct_sheet_hbond.sheet_id 
_pdbx_struct_sheet_hbond.range_id_1 
_pdbx_struct_sheet_hbond.range_id_2 
_pdbx_struct_sheet_hbond.range_1_label_atom_id 
_pdbx_struct_sheet_hbond.range_1_label_comp_id 
_pdbx_struct_sheet_hbond.range_1_label_asym_id 
_pdbx_struct_sheet_hbond.range_1_label_seq_id 
_pdbx_struct_sheet_hbond.range_1_PDB_ins_code 
_pdbx_struct_sheet_hbond.range_1_auth_atom_id 
_pdbx_struct_sheet_hbond.range_1_auth_comp_id 
_pdbx_struct_sheet_hbond.range_1_auth_asym_id 
_pdbx_struct_sheet_hbond.range_1_auth_seq_id 
_pdbx_struct_sheet_hbond.range_2_label_atom_id 
_pdbx_struct_sheet_hbond.range_2_label_comp_id 
_pdbx_struct_sheet_hbond.range_2_label_asym_id 
_pdbx_struct_sheet_hbond.range_2_label_seq_id 
_pdbx_struct_sheet_hbond.range_2_PDB_ins_code 
_pdbx_struct_sheet_hbond.range_2_auth_atom_id 
_pdbx_struct_sheet_hbond.range_2_auth_comp_id 
_pdbx_struct_sheet_hbond.range_2_auth_asym_id 
_pdbx_struct_sheet_hbond.range_2_auth_seq_id 
A 1 2 N GLY A 39 ? N GLY A 39 O PHE A 57 ? O PHE A 57 
A 2 3 O SER A 56 ? O SER A 56 N ARG A 7  ? N ARG A 7  
A 3 4 N LYS A 8  ? N LYS A 8  O ALA A 84 ? O ALA A 84 
# 
_struct_site.id                   AC1 
_struct_site.pdbx_evidence_code   Software 
_struct_site.pdbx_auth_asym_id    A 
_struct_site.pdbx_auth_comp_id    1WG 
_struct_site.pdbx_auth_seq_id     201 
_struct_site.pdbx_auth_ins_code   ? 
_struct_site.pdbx_num_residues    10 
_struct_site.details              'BINDING SITE FOR RESIDUE 1WG A 201' 
# 
loop_
_struct_site_gen.id 
_struct_site_gen.site_id 
_struct_site_gen.pdbx_num_res 
_struct_site_gen.label_comp_id 
_struct_site_gen.label_asym_id 
_struct_site_gen.label_seq_id 
_struct_site_gen.pdbx_auth_ins_code 
_struct_site_gen.auth_comp_id 
_struct_site_gen.auth_asym_id 
_struct_site_gen.auth_seq_id 
_struct_site_gen.label_atom_id 
_struct_site_gen.label_alt_id 
_struct_site_gen.symmetry 
_struct_site_gen.details 
1  AC1 10 ARG A 17 ? ARG A 17  . ? 1_555 ? 
2  AC1 10 TYR A 21 ? TYR A 21  . ? 1_555 ? 
3  AC1 10 HIS A 24 ? HIS A 24  . ? 1_555 ? 
4  AC1 10 GLY A 39 ? GLY A 39  . ? 1_555 ? 
5  AC1 10 PRO A 40 ? PRO A 40  . ? 1_555 ? 
6  AC1 10 SER A 56 ? SER A 56  . ? 1_555 ? 
7  AC1 10 GLY A 94 ? GLY A 94  . ? 4_565 ? 
8  AC1 10 HIS A 96 ? HIS A 96  . ? 4_565 ? 
9  AC1 10 ASP A 98 ? ASP A 98  . ? 4_565 ? 
10 AC1 10 HOH C .  ? HOH A 370 . ? 1_555 ? 
# 
_pdbx_entry_details.entry_id                   4LBP 
_pdbx_entry_details.compound_details           ? 
_pdbx_entry_details.source_details             ? 
_pdbx_entry_details.nonpolymer_details         ? 
_pdbx_entry_details.sequence_details           ? 
_pdbx_entry_details.has_ligand_of_interest     ? 
_pdbx_entry_details.has_protein_modification   Y 
# 
_pdbx_validate_close_contact.id               1 
_pdbx_validate_close_contact.PDB_model_num    1 
_pdbx_validate_close_contact.auth_atom_id_1   NH1 
_pdbx_validate_close_contact.auth_asym_id_1   A 
_pdbx_validate_close_contact.auth_comp_id_1   ARG 
_pdbx_validate_close_contact.auth_seq_id_1    7 
_pdbx_validate_close_contact.PDB_ins_code_1   ? 
_pdbx_validate_close_contact.label_alt_id_1   B 
_pdbx_validate_close_contact.auth_atom_id_2   OG1 
_pdbx_validate_close_contact.auth_asym_id_2   A 
_pdbx_validate_close_contact.auth_comp_id_2   THR 
_pdbx_validate_close_contact.auth_seq_id_2    78 
_pdbx_validate_close_contact.PDB_ins_code_2   ? 
_pdbx_validate_close_contact.label_alt_id_2   ? 
_pdbx_validate_close_contact.dist             2.06 
# 
_pdbx_validate_torsion.id              1 
_pdbx_validate_torsion.PDB_model_num   1 
_pdbx_validate_torsion.auth_comp_id    HIS 
_pdbx_validate_torsion.auth_asym_id    A 
_pdbx_validate_torsion.auth_seq_id     96 
_pdbx_validate_torsion.PDB_ins_code    ? 
_pdbx_validate_torsion.label_alt_id    ? 
_pdbx_validate_torsion.phi             -62.69 
_pdbx_validate_torsion.psi             -129.37 
# 
_pdbx_validate_peptide_omega.id               1 
_pdbx_validate_peptide_omega.PDB_model_num    1 
_pdbx_validate_peptide_omega.auth_comp_id_1   LYS 
_pdbx_validate_peptide_omega.auth_asym_id_1   A 
_pdbx_validate_peptide_omega.auth_seq_id_1    95 
_pdbx_validate_peptide_omega.PDB_ins_code_1   ? 
_pdbx_validate_peptide_omega.label_alt_id_1   ? 
_pdbx_validate_peptide_omega.auth_comp_id_2   HIS 
_pdbx_validate_peptide_omega.auth_asym_id_2   A 
_pdbx_validate_peptide_omega.auth_seq_id_2    96 
_pdbx_validate_peptide_omega.PDB_ins_code_2   ? 
_pdbx_validate_peptide_omega.label_alt_id_2   ? 
_pdbx_validate_peptide_omega.omega            148.14 
# 
loop_
_pdbx_struct_mod_residue.id 
_pdbx_struct_mod_residue.label_asym_id 
_pdbx_struct_mod_residue.label_comp_id 
_pdbx_struct_mod_residue.label_seq_id 
_pdbx_struct_mod_residue.auth_asym_id 
_pdbx_struct_mod_residue.auth_comp_id 
_pdbx_struct_mod_residue.auth_seq_id 
_pdbx_struct_mod_residue.PDB_ins_code 
_pdbx_struct_mod_residue.parent_comp_id 
_pdbx_struct_mod_residue.details 
1 A MSE 1  A MSE 1  ? MET SELENOMETHIONINE 
2 A MSE 53 A MSE 53 ? MET SELENOMETHIONINE 
3 A MSE 60 A MSE 60 ? MET SELENOMETHIONINE 
# 
loop_
_pdbx_struct_special_symmetry.id 
_pdbx_struct_special_symmetry.PDB_model_num 
_pdbx_struct_special_symmetry.auth_asym_id 
_pdbx_struct_special_symmetry.auth_comp_id 
_pdbx_struct_special_symmetry.auth_seq_id 
_pdbx_struct_special_symmetry.PDB_ins_code 
_pdbx_struct_special_symmetry.label_asym_id 
_pdbx_struct_special_symmetry.label_comp_id 
_pdbx_struct_special_symmetry.label_seq_id 
1 1 A HOH 343 ? C HOH . 
2 1 A HOH 347 ? C HOH . 
3 1 A HOH 364 ? C HOH . 
# 
loop_
_pdbx_unobs_or_zero_occ_residues.id 
_pdbx_unobs_or_zero_occ_residues.PDB_model_num 
_pdbx_unobs_or_zero_occ_residues.polymer_flag 
_pdbx_unobs_or_zero_occ_residues.occupancy_flag 
_pdbx_unobs_or_zero_occ_residues.auth_asym_id 
_pdbx_unobs_or_zero_occ_residues.auth_comp_id 
_pdbx_unobs_or_zero_occ_residues.auth_seq_id 
_pdbx_unobs_or_zero_occ_residues.PDB_ins_code 
_pdbx_unobs_or_zero_occ_residues.label_asym_id 
_pdbx_unobs_or_zero_occ_residues.label_comp_id 
_pdbx_unobs_or_zero_occ_residues.label_seq_id 
1 1 Y 1 A SER 99  ? A SER 99  
2 1 Y 1 A LYS 100 ? A LYS 100 
# 
loop_
_chem_comp_atom.comp_id 
_chem_comp_atom.atom_id 
_chem_comp_atom.type_symbol 
_chem_comp_atom.pdbx_aromatic_flag 
_chem_comp_atom.pdbx_stereo_config 
_chem_comp_atom.pdbx_ordinal 
1WG O01  O  N N 1   
1WG C02  C  N N 2   
1WG C03  C  N N 3   
1WG O04  O  N N 4   
1WG C05  C  N N 5   
1WG C06  C  N N 6   
1WG O07  O  N N 7   
1WG C08  C  N N 8   
1WG O09  O  N N 9   
1WG C10  C  N N 10  
1WG H1   H  N N 11  
1WG H2   H  N N 12  
1WG H3   H  N N 13  
1WG H4   H  N N 14  
ALA N    N  N N 15  
ALA CA   C  N S 16  
ALA C    C  N N 17  
ALA O    O  N N 18  
ALA CB   C  N N 19  
ALA OXT  O  N N 20  
ALA H    H  N N 21  
ALA H2   H  N N 22  
ALA HA   H  N N 23  
ALA HB1  H  N N 24  
ALA HB2  H  N N 25  
ALA HB3  H  N N 26  
ALA HXT  H  N N 27  
ARG N    N  N N 28  
ARG CA   C  N S 29  
ARG C    C  N N 30  
ARG O    O  N N 31  
ARG CB   C  N N 32  
ARG CG   C  N N 33  
ARG CD   C  N N 34  
ARG NE   N  N N 35  
ARG CZ   C  N N 36  
ARG NH1  N  N N 37  
ARG NH2  N  N N 38  
ARG OXT  O  N N 39  
ARG H    H  N N 40  
ARG H2   H  N N 41  
ARG HA   H  N N 42  
ARG HB2  H  N N 43  
ARG HB3  H  N N 44  
ARG HG2  H  N N 45  
ARG HG3  H  N N 46  
ARG HD2  H  N N 47  
ARG HD3  H  N N 48  
ARG HE   H  N N 49  
ARG HH11 H  N N 50  
ARG HH12 H  N N 51  
ARG HH21 H  N N 52  
ARG HH22 H  N N 53  
ARG HXT  H  N N 54  
ASN N    N  N N 55  
ASN CA   C  N S 56  
ASN C    C  N N 57  
ASN O    O  N N 58  
ASN CB   C  N N 59  
ASN CG   C  N N 60  
ASN OD1  O  N N 61  
ASN ND2  N  N N 62  
ASN OXT  O  N N 63  
ASN H    H  N N 64  
ASN H2   H  N N 65  
ASN HA   H  N N 66  
ASN HB2  H  N N 67  
ASN HB3  H  N N 68  
ASN HD21 H  N N 69  
ASN HD22 H  N N 70  
ASN HXT  H  N N 71  
ASP N    N  N N 72  
ASP CA   C  N S 73  
ASP C    C  N N 74  
ASP O    O  N N 75  
ASP CB   C  N N 76  
ASP CG   C  N N 77  
ASP OD1  O  N N 78  
ASP OD2  O  N N 79  
ASP OXT  O  N N 80  
ASP H    H  N N 81  
ASP H2   H  N N 82  
ASP HA   H  N N 83  
ASP HB2  H  N N 84  
ASP HB3  H  N N 85  
ASP HD2  H  N N 86  
ASP HXT  H  N N 87  
GLN N    N  N N 88  
GLN CA   C  N S 89  
GLN C    C  N N 90  
GLN O    O  N N 91  
GLN CB   C  N N 92  
GLN CG   C  N N 93  
GLN CD   C  N N 94  
GLN OE1  O  N N 95  
GLN NE2  N  N N 96  
GLN OXT  O  N N 97  
GLN H    H  N N 98  
GLN H2   H  N N 99  
GLN HA   H  N N 100 
GLN HB2  H  N N 101 
GLN HB3  H  N N 102 
GLN HG2  H  N N 103 
GLN HG3  H  N N 104 
GLN HE21 H  N N 105 
GLN HE22 H  N N 106 
GLN HXT  H  N N 107 
GLU N    N  N N 108 
GLU CA   C  N S 109 
GLU C    C  N N 110 
GLU O    O  N N 111 
GLU CB   C  N N 112 
GLU CG   C  N N 113 
GLU CD   C  N N 114 
GLU OE1  O  N N 115 
GLU OE2  O  N N 116 
GLU OXT  O  N N 117 
GLU H    H  N N 118 
GLU H2   H  N N 119 
GLU HA   H  N N 120 
GLU HB2  H  N N 121 
GLU HB3  H  N N 122 
GLU HG2  H  N N 123 
GLU HG3  H  N N 124 
GLU HE2  H  N N 125 
GLU HXT  H  N N 126 
GLY N    N  N N 127 
GLY CA   C  N N 128 
GLY C    C  N N 129 
GLY O    O  N N 130 
GLY OXT  O  N N 131 
GLY H    H  N N 132 
GLY H2   H  N N 133 
GLY HA2  H  N N 134 
GLY HA3  H  N N 135 
GLY HXT  H  N N 136 
HIS N    N  N N 137 
HIS CA   C  N S 138 
HIS C    C  N N 139 
HIS O    O  N N 140 
HIS CB   C  N N 141 
HIS CG   C  Y N 142 
HIS ND1  N  Y N 143 
HIS CD2  C  Y N 144 
HIS CE1  C  Y N 145 
HIS NE2  N  Y N 146 
HIS OXT  O  N N 147 
HIS H    H  N N 148 
HIS H2   H  N N 149 
HIS HA   H  N N 150 
HIS HB2  H  N N 151 
HIS HB3  H  N N 152 
HIS HD1  H  N N 153 
HIS HD2  H  N N 154 
HIS HE1  H  N N 155 
HIS HE2  H  N N 156 
HIS HXT  H  N N 157 
HOH O    O  N N 158 
HOH H1   H  N N 159 
HOH H2   H  N N 160 
ILE N    N  N N 161 
ILE CA   C  N S 162 
ILE C    C  N N 163 
ILE O    O  N N 164 
ILE CB   C  N S 165 
ILE CG1  C  N N 166 
ILE CG2  C  N N 167 
ILE CD1  C  N N 168 
ILE OXT  O  N N 169 
ILE H    H  N N 170 
ILE H2   H  N N 171 
ILE HA   H  N N 172 
ILE HB   H  N N 173 
ILE HG12 H  N N 174 
ILE HG13 H  N N 175 
ILE HG21 H  N N 176 
ILE HG22 H  N N 177 
ILE HG23 H  N N 178 
ILE HD11 H  N N 179 
ILE HD12 H  N N 180 
ILE HD13 H  N N 181 
ILE HXT  H  N N 182 
LEU N    N  N N 183 
LEU CA   C  N S 184 
LEU C    C  N N 185 
LEU O    O  N N 186 
LEU CB   C  N N 187 
LEU CG   C  N N 188 
LEU CD1  C  N N 189 
LEU CD2  C  N N 190 
LEU OXT  O  N N 191 
LEU H    H  N N 192 
LEU H2   H  N N 193 
LEU HA   H  N N 194 
LEU HB2  H  N N 195 
LEU HB3  H  N N 196 
LEU HG   H  N N 197 
LEU HD11 H  N N 198 
LEU HD12 H  N N 199 
LEU HD13 H  N N 200 
LEU HD21 H  N N 201 
LEU HD22 H  N N 202 
LEU HD23 H  N N 203 
LEU HXT  H  N N 204 
LYS N    N  N N 205 
LYS CA   C  N S 206 
LYS C    C  N N 207 
LYS O    O  N N 208 
LYS CB   C  N N 209 
LYS CG   C  N N 210 
LYS CD   C  N N 211 
LYS CE   C  N N 212 
LYS NZ   N  N N 213 
LYS OXT  O  N N 214 
LYS H    H  N N 215 
LYS H2   H  N N 216 
LYS HA   H  N N 217 
LYS HB2  H  N N 218 
LYS HB3  H  N N 219 
LYS HG2  H  N N 220 
LYS HG3  H  N N 221 
LYS HD2  H  N N 222 
LYS HD3  H  N N 223 
LYS HE2  H  N N 224 
LYS HE3  H  N N 225 
LYS HZ1  H  N N 226 
LYS HZ2  H  N N 227 
LYS HZ3  H  N N 228 
LYS HXT  H  N N 229 
MSE N    N  N N 230 
MSE CA   C  N S 231 
MSE C    C  N N 232 
MSE O    O  N N 233 
MSE OXT  O  N N 234 
MSE CB   C  N N 235 
MSE CG   C  N N 236 
MSE SE   SE N N 237 
MSE CE   C  N N 238 
MSE H    H  N N 239 
MSE H2   H  N N 240 
MSE HA   H  N N 241 
MSE HXT  H  N N 242 
MSE HB2  H  N N 243 
MSE HB3  H  N N 244 
MSE HG2  H  N N 245 
MSE HG3  H  N N 246 
MSE HE1  H  N N 247 
MSE HE2  H  N N 248 
MSE HE3  H  N N 249 
PHE N    N  N N 250 
PHE CA   C  N S 251 
PHE C    C  N N 252 
PHE O    O  N N 253 
PHE CB   C  N N 254 
PHE CG   C  Y N 255 
PHE CD1  C  Y N 256 
PHE CD2  C  Y N 257 
PHE CE1  C  Y N 258 
PHE CE2  C  Y N 259 
PHE CZ   C  Y N 260 
PHE OXT  O  N N 261 
PHE H    H  N N 262 
PHE H2   H  N N 263 
PHE HA   H  N N 264 
PHE HB2  H  N N 265 
PHE HB3  H  N N 266 
PHE HD1  H  N N 267 
PHE HD2  H  N N 268 
PHE HE1  H  N N 269 
PHE HE2  H  N N 270 
PHE HZ   H  N N 271 
PHE HXT  H  N N 272 
PRO N    N  N N 273 
PRO CA   C  N S 274 
PRO C    C  N N 275 
PRO O    O  N N 276 
PRO CB   C  N N 277 
PRO CG   C  N N 278 
PRO CD   C  N N 279 
PRO OXT  O  N N 280 
PRO H    H  N N 281 
PRO HA   H  N N 282 
PRO HB2  H  N N 283 
PRO HB3  H  N N 284 
PRO HG2  H  N N 285 
PRO HG3  H  N N 286 
PRO HD2  H  N N 287 
PRO HD3  H  N N 288 
PRO HXT  H  N N 289 
SER N    N  N N 290 
SER CA   C  N S 291 
SER C    C  N N 292 
SER O    O  N N 293 
SER CB   C  N N 294 
SER OG   O  N N 295 
SER OXT  O  N N 296 
SER H    H  N N 297 
SER H2   H  N N 298 
SER HA   H  N N 299 
SER HB2  H  N N 300 
SER HB3  H  N N 301 
SER HG   H  N N 302 
SER HXT  H  N N 303 
THR N    N  N N 304 
THR CA   C  N S 305 
THR C    C  N N 306 
THR O    O  N N 307 
THR CB   C  N R 308 
THR OG1  O  N N 309 
THR CG2  C  N N 310 
THR OXT  O  N N 311 
THR H    H  N N 312 
THR H2   H  N N 313 
THR HA   H  N N 314 
THR HB   H  N N 315 
THR HG1  H  N N 316 
THR HG21 H  N N 317 
THR HG22 H  N N 318 
THR HG23 H  N N 319 
THR HXT  H  N N 320 
TRP N    N  N N 321 
TRP CA   C  N S 322 
TRP C    C  N N 323 
TRP O    O  N N 324 
TRP CB   C  N N 325 
TRP CG   C  Y N 326 
TRP CD1  C  Y N 327 
TRP CD2  C  Y N 328 
TRP NE1  N  Y N 329 
TRP CE2  C  Y N 330 
TRP CE3  C  Y N 331 
TRP CZ2  C  Y N 332 
TRP CZ3  C  Y N 333 
TRP CH2  C  Y N 334 
TRP OXT  O  N N 335 
TRP H    H  N N 336 
TRP H2   H  N N 337 
TRP HA   H  N N 338 
TRP HB2  H  N N 339 
TRP HB3  H  N N 340 
TRP HD1  H  N N 341 
TRP HE1  H  N N 342 
TRP HE3  H  N N 343 
TRP HZ2  H  N N 344 
TRP HZ3  H  N N 345 
TRP HH2  H  N N 346 
TRP HXT  H  N N 347 
TYR N    N  N N 348 
TYR CA   C  N S 349 
TYR C    C  N N 350 
TYR O    O  N N 351 
TYR CB   C  N N 352 
TYR CG   C  Y N 353 
TYR CD1  C  Y N 354 
TYR CD2  C  Y N 355 
TYR CE1  C  Y N 356 
TYR CE2  C  Y N 357 
TYR CZ   C  Y N 358 
TYR OH   O  N N 359 
TYR OXT  O  N N 360 
TYR H    H  N N 361 
TYR H2   H  N N 362 
TYR HA   H  N N 363 
TYR HB2  H  N N 364 
TYR HB3  H  N N 365 
TYR HD1  H  N N 366 
TYR HD2  H  N N 367 
TYR HE1  H  N N 368 
TYR HE2  H  N N 369 
TYR HH   H  N N 370 
TYR HXT  H  N N 371 
VAL N    N  N N 372 
VAL CA   C  N S 373 
VAL C    C  N N 374 
VAL O    O  N N 375 
VAL CB   C  N N 376 
VAL CG1  C  N N 377 
VAL CG2  C  N N 378 
VAL OXT  O  N N 379 
VAL H    H  N N 380 
VAL H2   H  N N 381 
VAL HA   H  N N 382 
VAL HB   H  N N 383 
VAL HG11 H  N N 384 
VAL HG12 H  N N 385 
VAL HG13 H  N N 386 
VAL HG21 H  N N 387 
VAL HG22 H  N N 388 
VAL HG23 H  N N 389 
VAL HXT  H  N N 390 
# 
loop_
_chem_comp_bond.comp_id 
_chem_comp_bond.atom_id_1 
_chem_comp_bond.atom_id_2 
_chem_comp_bond.value_order 
_chem_comp_bond.pdbx_aromatic_flag 
_chem_comp_bond.pdbx_stereo_config 
_chem_comp_bond.pdbx_ordinal 
1WG O01 C02  doub N N 1   
1WG O04 C03  sing N N 2   
1WG C02 C03  sing N N 3   
1WG C02 C10  sing N N 4   
1WG C03 C05  doub N N 5   
1WG C10 C08  doub N N 6   
1WG C05 C06  sing N N 7   
1WG C08 C06  sing N N 8   
1WG C08 O09  sing N N 9   
1WG C06 O07  doub N N 10  
1WG O04 H1   sing N N 11  
1WG C05 H2   sing N N 12  
1WG O09 H3   sing N N 13  
1WG C10 H4   sing N N 14  
ALA N   CA   sing N N 15  
ALA N   H    sing N N 16  
ALA N   H2   sing N N 17  
ALA CA  C    sing N N 18  
ALA CA  CB   sing N N 19  
ALA CA  HA   sing N N 20  
ALA C   O    doub N N 21  
ALA C   OXT  sing N N 22  
ALA CB  HB1  sing N N 23  
ALA CB  HB2  sing N N 24  
ALA CB  HB3  sing N N 25  
ALA OXT HXT  sing N N 26  
ARG N   CA   sing N N 27  
ARG N   H    sing N N 28  
ARG N   H2   sing N N 29  
ARG CA  C    sing N N 30  
ARG CA  CB   sing N N 31  
ARG CA  HA   sing N N 32  
ARG C   O    doub N N 33  
ARG C   OXT  sing N N 34  
ARG CB  CG   sing N N 35  
ARG CB  HB2  sing N N 36  
ARG CB  HB3  sing N N 37  
ARG CG  CD   sing N N 38  
ARG CG  HG2  sing N N 39  
ARG CG  HG3  sing N N 40  
ARG CD  NE   sing N N 41  
ARG CD  HD2  sing N N 42  
ARG CD  HD3  sing N N 43  
ARG NE  CZ   sing N N 44  
ARG NE  HE   sing N N 45  
ARG CZ  NH1  sing N N 46  
ARG CZ  NH2  doub N N 47  
ARG NH1 HH11 sing N N 48  
ARG NH1 HH12 sing N N 49  
ARG NH2 HH21 sing N N 50  
ARG NH2 HH22 sing N N 51  
ARG OXT HXT  sing N N 52  
ASN N   CA   sing N N 53  
ASN N   H    sing N N 54  
ASN N   H2   sing N N 55  
ASN CA  C    sing N N 56  
ASN CA  CB   sing N N 57  
ASN CA  HA   sing N N 58  
ASN C   O    doub N N 59  
ASN C   OXT  sing N N 60  
ASN CB  CG   sing N N 61  
ASN CB  HB2  sing N N 62  
ASN CB  HB3  sing N N 63  
ASN CG  OD1  doub N N 64  
ASN CG  ND2  sing N N 65  
ASN ND2 HD21 sing N N 66  
ASN ND2 HD22 sing N N 67  
ASN OXT HXT  sing N N 68  
ASP N   CA   sing N N 69  
ASP N   H    sing N N 70  
ASP N   H2   sing N N 71  
ASP CA  C    sing N N 72  
ASP CA  CB   sing N N 73  
ASP CA  HA   sing N N 74  
ASP C   O    doub N N 75  
ASP C   OXT  sing N N 76  
ASP CB  CG   sing N N 77  
ASP CB  HB2  sing N N 78  
ASP CB  HB3  sing N N 79  
ASP CG  OD1  doub N N 80  
ASP CG  OD2  sing N N 81  
ASP OD2 HD2  sing N N 82  
ASP OXT HXT  sing N N 83  
GLN N   CA   sing N N 84  
GLN N   H    sing N N 85  
GLN N   H2   sing N N 86  
GLN CA  C    sing N N 87  
GLN CA  CB   sing N N 88  
GLN CA  HA   sing N N 89  
GLN C   O    doub N N 90  
GLN C   OXT  sing N N 91  
GLN CB  CG   sing N N 92  
GLN CB  HB2  sing N N 93  
GLN CB  HB3  sing N N 94  
GLN CG  CD   sing N N 95  
GLN CG  HG2  sing N N 96  
GLN CG  HG3  sing N N 97  
GLN CD  OE1  doub N N 98  
GLN CD  NE2  sing N N 99  
GLN NE2 HE21 sing N N 100 
GLN NE2 HE22 sing N N 101 
GLN OXT HXT  sing N N 102 
GLU N   CA   sing N N 103 
GLU N   H    sing N N 104 
GLU N   H2   sing N N 105 
GLU CA  C    sing N N 106 
GLU CA  CB   sing N N 107 
GLU CA  HA   sing N N 108 
GLU C   O    doub N N 109 
GLU C   OXT  sing N N 110 
GLU CB  CG   sing N N 111 
GLU CB  HB2  sing N N 112 
GLU CB  HB3  sing N N 113 
GLU CG  CD   sing N N 114 
GLU CG  HG2  sing N N 115 
GLU CG  HG3  sing N N 116 
GLU CD  OE1  doub N N 117 
GLU CD  OE2  sing N N 118 
GLU OE2 HE2  sing N N 119 
GLU OXT HXT  sing N N 120 
GLY N   CA   sing N N 121 
GLY N   H    sing N N 122 
GLY N   H2   sing N N 123 
GLY CA  C    sing N N 124 
GLY CA  HA2  sing N N 125 
GLY CA  HA3  sing N N 126 
GLY C   O    doub N N 127 
GLY C   OXT  sing N N 128 
GLY OXT HXT  sing N N 129 
HIS N   CA   sing N N 130 
HIS N   H    sing N N 131 
HIS N   H2   sing N N 132 
HIS CA  C    sing N N 133 
HIS CA  CB   sing N N 134 
HIS CA  HA   sing N N 135 
HIS C   O    doub N N 136 
HIS C   OXT  sing N N 137 
HIS CB  CG   sing N N 138 
HIS CB  HB2  sing N N 139 
HIS CB  HB3  sing N N 140 
HIS CG  ND1  sing Y N 141 
HIS CG  CD2  doub Y N 142 
HIS ND1 CE1  doub Y N 143 
HIS ND1 HD1  sing N N 144 
HIS CD2 NE2  sing Y N 145 
HIS CD2 HD2  sing N N 146 
HIS CE1 NE2  sing Y N 147 
HIS CE1 HE1  sing N N 148 
HIS NE2 HE2  sing N N 149 
HIS OXT HXT  sing N N 150 
HOH O   H1   sing N N 151 
HOH O   H2   sing N N 152 
ILE N   CA   sing N N 153 
ILE N   H    sing N N 154 
ILE N   H2   sing N N 155 
ILE CA  C    sing N N 156 
ILE CA  CB   sing N N 157 
ILE CA  HA   sing N N 158 
ILE C   O    doub N N 159 
ILE C   OXT  sing N N 160 
ILE CB  CG1  sing N N 161 
ILE CB  CG2  sing N N 162 
ILE CB  HB   sing N N 163 
ILE CG1 CD1  sing N N 164 
ILE CG1 HG12 sing N N 165 
ILE CG1 HG13 sing N N 166 
ILE CG2 HG21 sing N N 167 
ILE CG2 HG22 sing N N 168 
ILE CG2 HG23 sing N N 169 
ILE CD1 HD11 sing N N 170 
ILE CD1 HD12 sing N N 171 
ILE CD1 HD13 sing N N 172 
ILE OXT HXT  sing N N 173 
LEU N   CA   sing N N 174 
LEU N   H    sing N N 175 
LEU N   H2   sing N N 176 
LEU CA  C    sing N N 177 
LEU CA  CB   sing N N 178 
LEU CA  HA   sing N N 179 
LEU C   O    doub N N 180 
LEU C   OXT  sing N N 181 
LEU CB  CG   sing N N 182 
LEU CB  HB2  sing N N 183 
LEU CB  HB3  sing N N 184 
LEU CG  CD1  sing N N 185 
LEU CG  CD2  sing N N 186 
LEU CG  HG   sing N N 187 
LEU CD1 HD11 sing N N 188 
LEU CD1 HD12 sing N N 189 
LEU CD1 HD13 sing N N 190 
LEU CD2 HD21 sing N N 191 
LEU CD2 HD22 sing N N 192 
LEU CD2 HD23 sing N N 193 
LEU OXT HXT  sing N N 194 
LYS N   CA   sing N N 195 
LYS N   H    sing N N 196 
LYS N   H2   sing N N 197 
LYS CA  C    sing N N 198 
LYS CA  CB   sing N N 199 
LYS CA  HA   sing N N 200 
LYS C   O    doub N N 201 
LYS C   OXT  sing N N 202 
LYS CB  CG   sing N N 203 
LYS CB  HB2  sing N N 204 
LYS CB  HB3  sing N N 205 
LYS CG  CD   sing N N 206 
LYS CG  HG2  sing N N 207 
LYS CG  HG3  sing N N 208 
LYS CD  CE   sing N N 209 
LYS CD  HD2  sing N N 210 
LYS CD  HD3  sing N N 211 
LYS CE  NZ   sing N N 212 
LYS CE  HE2  sing N N 213 
LYS CE  HE3  sing N N 214 
LYS NZ  HZ1  sing N N 215 
LYS NZ  HZ2  sing N N 216 
LYS NZ  HZ3  sing N N 217 
LYS OXT HXT  sing N N 218 
MSE N   CA   sing N N 219 
MSE N   H    sing N N 220 
MSE N   H2   sing N N 221 
MSE CA  C    sing N N 222 
MSE CA  CB   sing N N 223 
MSE CA  HA   sing N N 224 
MSE C   O    doub N N 225 
MSE C   OXT  sing N N 226 
MSE OXT HXT  sing N N 227 
MSE CB  CG   sing N N 228 
MSE CB  HB2  sing N N 229 
MSE CB  HB3  sing N N 230 
MSE CG  SE   sing N N 231 
MSE CG  HG2  sing N N 232 
MSE CG  HG3  sing N N 233 
MSE SE  CE   sing N N 234 
MSE CE  HE1  sing N N 235 
MSE CE  HE2  sing N N 236 
MSE CE  HE3  sing N N 237 
PHE N   CA   sing N N 238 
PHE N   H    sing N N 239 
PHE N   H2   sing N N 240 
PHE CA  C    sing N N 241 
PHE CA  CB   sing N N 242 
PHE CA  HA   sing N N 243 
PHE C   O    doub N N 244 
PHE C   OXT  sing N N 245 
PHE CB  CG   sing N N 246 
PHE CB  HB2  sing N N 247 
PHE CB  HB3  sing N N 248 
PHE CG  CD1  doub Y N 249 
PHE CG  CD2  sing Y N 250 
PHE CD1 CE1  sing Y N 251 
PHE CD1 HD1  sing N N 252 
PHE CD2 CE2  doub Y N 253 
PHE CD2 HD2  sing N N 254 
PHE CE1 CZ   doub Y N 255 
PHE CE1 HE1  sing N N 256 
PHE CE2 CZ   sing Y N 257 
PHE CE2 HE2  sing N N 258 
PHE CZ  HZ   sing N N 259 
PHE OXT HXT  sing N N 260 
PRO N   CA   sing N N 261 
PRO N   CD   sing N N 262 
PRO N   H    sing N N 263 
PRO CA  C    sing N N 264 
PRO CA  CB   sing N N 265 
PRO CA  HA   sing N N 266 
PRO C   O    doub N N 267 
PRO C   OXT  sing N N 268 
PRO CB  CG   sing N N 269 
PRO CB  HB2  sing N N 270 
PRO CB  HB3  sing N N 271 
PRO CG  CD   sing N N 272 
PRO CG  HG2  sing N N 273 
PRO CG  HG3  sing N N 274 
PRO CD  HD2  sing N N 275 
PRO CD  HD3  sing N N 276 
PRO OXT HXT  sing N N 277 
SER N   CA   sing N N 278 
SER N   H    sing N N 279 
SER N   H2   sing N N 280 
SER CA  C    sing N N 281 
SER CA  CB   sing N N 282 
SER CA  HA   sing N N 283 
SER C   O    doub N N 284 
SER C   OXT  sing N N 285 
SER CB  OG   sing N N 286 
SER CB  HB2  sing N N 287 
SER CB  HB3  sing N N 288 
SER OG  HG   sing N N 289 
SER OXT HXT  sing N N 290 
THR N   CA   sing N N 291 
THR N   H    sing N N 292 
THR N   H2   sing N N 293 
THR CA  C    sing N N 294 
THR CA  CB   sing N N 295 
THR CA  HA   sing N N 296 
THR C   O    doub N N 297 
THR C   OXT  sing N N 298 
THR CB  OG1  sing N N 299 
THR CB  CG2  sing N N 300 
THR CB  HB   sing N N 301 
THR OG1 HG1  sing N N 302 
THR CG2 HG21 sing N N 303 
THR CG2 HG22 sing N N 304 
THR CG2 HG23 sing N N 305 
THR OXT HXT  sing N N 306 
TRP N   CA   sing N N 307 
TRP N   H    sing N N 308 
TRP N   H2   sing N N 309 
TRP CA  C    sing N N 310 
TRP CA  CB   sing N N 311 
TRP CA  HA   sing N N 312 
TRP C   O    doub N N 313 
TRP C   OXT  sing N N 314 
TRP CB  CG   sing N N 315 
TRP CB  HB2  sing N N 316 
TRP CB  HB3  sing N N 317 
TRP CG  CD1  doub Y N 318 
TRP CG  CD2  sing Y N 319 
TRP CD1 NE1  sing Y N 320 
TRP CD1 HD1  sing N N 321 
TRP CD2 CE2  doub Y N 322 
TRP CD2 CE3  sing Y N 323 
TRP NE1 CE2  sing Y N 324 
TRP NE1 HE1  sing N N 325 
TRP CE2 CZ2  sing Y N 326 
TRP CE3 CZ3  doub Y N 327 
TRP CE3 HE3  sing N N 328 
TRP CZ2 CH2  doub Y N 329 
TRP CZ2 HZ2  sing N N 330 
TRP CZ3 CH2  sing Y N 331 
TRP CZ3 HZ3  sing N N 332 
TRP CH2 HH2  sing N N 333 
TRP OXT HXT  sing N N 334 
TYR N   CA   sing N N 335 
TYR N   H    sing N N 336 
TYR N   H2   sing N N 337 
TYR CA  C    sing N N 338 
TYR CA  CB   sing N N 339 
TYR CA  HA   sing N N 340 
TYR C   O    doub N N 341 
TYR C   OXT  sing N N 342 
TYR CB  CG   sing N N 343 
TYR CB  HB2  sing N N 344 
TYR CB  HB3  sing N N 345 
TYR CG  CD1  doub Y N 346 
TYR CG  CD2  sing Y N 347 
TYR CD1 CE1  sing Y N 348 
TYR CD1 HD1  sing N N 349 
TYR CD2 CE2  doub Y N 350 
TYR CD2 HD2  sing N N 351 
TYR CE1 CZ   doub Y N 352 
TYR CE1 HE1  sing N N 353 
TYR CE2 CZ   sing Y N 354 
TYR CE2 HE2  sing N N 355 
TYR CZ  OH   sing N N 356 
TYR OH  HH   sing N N 357 
TYR OXT HXT  sing N N 358 
VAL N   CA   sing N N 359 
VAL N   H    sing N N 360 
VAL N   H2   sing N N 361 
VAL CA  C    sing N N 362 
VAL CA  CB   sing N N 363 
VAL CA  HA   sing N N 364 
VAL C   O    doub N N 365 
VAL C   OXT  sing N N 366 
VAL CB  CG1  sing N N 367 
VAL CB  CG2  sing N N 368 
VAL CB  HB   sing N N 369 
VAL CG1 HG11 sing N N 370 
VAL CG1 HG12 sing N N 371 
VAL CG1 HG13 sing N N 372 
VAL CG2 HG21 sing N N 373 
VAL CG2 HG22 sing N N 374 
VAL CG2 HG23 sing N N 375 
VAL OXT HXT  sing N N 376 
# 
_atom_sites.entry_id                    4LBP 
_atom_sites.fract_transf_matrix[1][1]   0.00887939 
_atom_sites.fract_transf_matrix[1][2]   -0.00503345 
_atom_sites.fract_transf_matrix[1][3]   0.00772900 
_atom_sites.fract_transf_matrix[2][1]   0.01085404 
_atom_sites.fract_transf_matrix[2][2]   0.00639046 
_atom_sites.fract_transf_matrix[2][3]   0.00229536 
_atom_sites.fract_transf_matrix[3][1]   -0.00843175 
_atom_sites.fract_transf_matrix[3][2]   0.00878648 
_atom_sites.fract_transf_matrix[3][3]   0.01540886 
_atom_sites.fract_transf_vector[1]      0.056773 
_atom_sites.fract_transf_vector[2]      0.434914 
_atom_sites.fract_transf_vector[3]      -0.211070 
# 
loop_
_atom_type.symbol 
C  
N  
O  
SE 
# 
loop_
_atom_site.group_PDB 
_atom_site.id 
_atom_site.type_symbol 
_atom_site.label_atom_id 
_atom_site.label_alt_id 
_atom_site.label_comp_id 
_atom_site.label_asym_id 
_atom_site.label_entity_id 
_atom_site.label_seq_id 
_atom_site.pdbx_PDB_ins_code 
_atom_site.Cartn_x 
_atom_site.Cartn_y 
_atom_site.Cartn_z 
_atom_site.occupancy 
_atom_site.B_iso_or_equiv 
_atom_site.pdbx_formal_charge 
_atom_site.auth_seq_id 
_atom_site.auth_comp_id 
_atom_site.auth_asym_id 
_atom_site.auth_atom_id 
_atom_site.pdbx_PDB_model_num 
HETATM 1   N  N   . MSE A 1 1  ? -7.904  3.070   -15.642 1.00 34.65 ? 1   MSE A N   1 
HETATM 2   C  CA  . MSE A 1 1  ? -8.166  3.997   -14.546 1.00 29.34 ? 1   MSE A CA  1 
HETATM 3   C  C   . MSE A 1 1  ? -7.268  3.665   -13.365 1.00 22.52 ? 1   MSE A C   1 
HETATM 4   O  O   . MSE A 1 1  ? -7.301  2.556   -12.863 1.00 25.22 ? 1   MSE A O   1 
HETATM 5   C  CB  . MSE A 1 1  ? -9.627  3.928   -14.106 1.00 33.14 ? 1   MSE A CB  1 
HETATM 6   C  CG  . MSE A 1 1  ? -10.035 5.074   -13.185 1.00 32.53 ? 1   MSE A CG  1 
HETATM 7   SE SE  . MSE A 1 1  ? -11.993 5.311   -13.076 1.00 73.47 ? 1   MSE A SE  1 
HETATM 8   C  CE  . MSE A 1 1  ? -12.286 3.683   -12.140 1.00 30.12 ? 1   MSE A CE  1 
ATOM   9   N  N   . LEU A 1 2  ? -6.493  4.646   -12.919 1.00 24.72 ? 2   LEU A N   1 
ATOM   10  C  CA  . LEU A 1 2  ? -5.479  4.409   -11.904 1.00 22.45 ? 2   LEU A CA  1 
ATOM   11  C  C   . LEU A 1 2  ? -5.807  5.137   -10.614 1.00 20.61 ? 2   LEU A C   1 
ATOM   12  O  O   . LEU A 1 2  ? -6.408  6.221   -10.622 1.00 18.46 ? 2   LEU A O   1 
ATOM   13  C  CB  . LEU A 1 2  ? -4.116  4.875   -12.412 1.00 22.17 ? 2   LEU A CB  1 
ATOM   14  C  CG  . LEU A 1 2  ? -3.511  4.126   -13.596 1.00 25.74 ? 2   LEU A CG  1 
ATOM   15  C  CD1 . LEU A 1 2  ? -2.164  4.725   -13.953 1.00 27.38 ? 2   LEU A CD1 1 
ATOM   16  C  CD2 . LEU A 1 2  ? -3.364  2.675   -13.235 1.00 26.52 ? 2   LEU A CD2 1 
ATOM   17  N  N   . PHE A 1 3  ? -5.400  4.530   -9.507  1.00 18.73 ? 3   PHE A N   1 
ATOM   18  C  CA  . PHE A 1 3  ? -5.555  5.121   -8.193  1.00 15.55 ? 3   PHE A CA  1 
ATOM   19  C  C   . PHE A 1 3  ? -4.240  5.056   -7.441  1.00 17.23 ? 3   PHE A C   1 
ATOM   20  O  O   . PHE A 1 3  ? -3.549  4.031   -7.484  1.00 19.31 ? 3   PHE A O   1 
ATOM   21  C  CB  . PHE A 1 3  ? -6.603  4.358   -7.390  1.00 17.65 ? 3   PHE A CB  1 
ATOM   22  C  CG  . PHE A 1 3  ? -7.990  4.498   -7.922  1.00 18.49 ? 3   PHE A CG  1 
ATOM   23  C  CD1 . PHE A 1 3  ? -8.477  3.595   -8.858  1.00 21.25 ? 3   PHE A CD1 1 
ATOM   24  C  CD2 . PHE A 1 3  ? -8.811  5.524   -7.482  1.00 19.06 ? 3   PHE A CD2 1 
ATOM   25  C  CE1 . PHE A 1 3  ? -9.761  3.725   -9.366  1.00 24.26 ? 3   PHE A CE1 1 
ATOM   26  C  CE2 . PHE A 1 3  ? -10.099 5.659   -7.977  1.00 22.46 ? 3   PHE A CE2 1 
ATOM   27  C  CZ  . PHE A 1 3  ? -10.575 4.752   -8.920  1.00 24.13 ? 3   PHE A CZ  1 
ATOM   28  N  N   . LEU A 1 4  ? -3.912  6.148   -6.757  1.00 13.95 ? 4   LEU A N   1 
ATOM   29  C  CA  . LEU A 1 4  ? -2.859  6.165   -5.744  1.00 16.03 ? 4   LEU A CA  1 
ATOM   30  C  C   . LEU A 1 4  ? -3.479  5.633   -4.463  1.00 15.98 ? 4   LEU A C   1 
ATOM   31  O  O   . LEU A 1 4  ? -4.584  6.045   -4.083  1.00 16.75 ? 4   LEU A O   1 
ATOM   32  C  CB  . LEU A 1 4  ? -2.378  7.602   -5.488  1.00 16.37 ? 4   LEU A CB  1 
ATOM   33  C  CG  . LEU A 1 4  ? -1.939  8.461   -6.673  1.00 19.95 ? 4   LEU A CG  1 
ATOM   34  C  CD1 . LEU A 1 4  ? -1.515  9.874   -6.210  1.00 19.18 ? 4   LEU A CD1 1 
ATOM   35  C  CD2 . LEU A 1 4  ? -0.810  7.777   -7.459  1.00 21.09 ? 4   LEU A CD2 1 
ATOM   36  N  N   . ILE A 1 5  ? -2.787  4.721   -3.790  1.00 16.01 ? 5   ILE A N   1 
ATOM   37  C  CA  . ILE A 1 5  ? -3.285  4.201   -2.526  1.00 14.94 ? 5   ILE A CA  1 
ATOM   38  C  C   . ILE A 1 5  ? -2.135  4.316   -1.540  1.00 17.99 ? 5   ILE A C   1 
ATOM   39  O  O   . ILE A 1 5  ? -1.125  3.628   -1.678  1.00 17.44 ? 5   ILE A O   1 
ATOM   40  C  CB  . ILE A 1 5  ? -3.750  2.731   -2.622  1.00 18.08 ? 5   ILE A CB  1 
ATOM   41  C  CG1 . ILE A 1 5  ? -4.778  2.538   -3.742  1.00 17.90 ? 5   ILE A CG1 1 
ATOM   42  C  CG2 . ILE A 1 5  ? -4.329  2.275   -1.305  1.00 16.89 ? 5   ILE A CG2 1 
ATOM   43  C  CD1 . ILE A 1 5  ? -5.197  1.090   -3.906  1.00 22.17 ? 5   ILE A CD1 1 
ATOM   44  N  N   . TYR A 1 6  ? -2.288  5.219   -0.581  1.00 15.26 ? 6   TYR A N   1 
ATOM   45  C  CA  . TYR A 1 6  ? -1.234  5.576   0.361   1.00 15.25 ? 6   TYR A CA  1 
ATOM   46  C  C   . TYR A 1 6  ? -1.720  5.190   1.753   1.00 19.00 ? 6   TYR A C   1 
ATOM   47  O  O   . TYR A 1 6  ? -2.807  5.602   2.171   1.00 17.17 ? 6   TYR A O   1 
ATOM   48  C  CB  . TYR A 1 6  ? -0.976  7.090   0.275   1.00 15.56 ? 6   TYR A CB  1 
ATOM   49  C  CG  . TYR A 1 6  ? -0.196  7.677   1.451   1.00 19.16 ? 6   TYR A CG  1 
ATOM   50  C  CD1 . TYR A 1 6  ? -0.855  8.135   2.588   1.00 19.33 ? 6   TYR A CD1 1 
ATOM   51  C  CD2 . TYR A 1 6  ? 1.181   7.800   1.408   1.00 22.86 ? 6   TYR A CD2 1 
ATOM   52  C  CE1 . TYR A 1 6  ? -0.159  8.683   3.663   1.00 23.92 ? 6   TYR A CE1 1 
ATOM   53  C  CE2 . TYR A 1 6  ? 1.889   8.352   2.486   1.00 25.97 ? 6   TYR A CE2 1 
ATOM   54  C  CZ  . TYR A 1 6  ? 1.205   8.791   3.608   1.00 22.52 ? 6   TYR A CZ  1 
ATOM   55  O  OH  . TYR A 1 6  ? 1.884   9.339   4.682   1.00 24.92 ? 6   TYR A OH  1 
ATOM   56  N  N   A ARG A 1 7  ? -0.939  4.389   2.474   0.64 17.41 ? 7   ARG A N   1 
ATOM   57  N  N   B ARG A 1 7  ? -0.933  4.385   2.457   0.36 17.45 ? 7   ARG A N   1 
ATOM   58  C  CA  A ARG A 1 7  ? -1.348  3.949   3.809   0.64 16.43 ? 7   ARG A CA  1 
ATOM   59  C  CA  B ARG A 1 7  ? -1.314  3.946   3.791   0.36 16.36 ? 7   ARG A CA  1 
ATOM   60  C  C   A ARG A 1 7  ? -0.156  3.959   4.763   0.64 17.80 ? 7   ARG A C   1 
ATOM   61  C  C   B ARG A 1 7  ? -0.104  4.064   4.713   0.36 17.79 ? 7   ARG A C   1 
ATOM   62  O  O   A ARG A 1 7  ? 0.878   3.357   4.478   0.64 16.98 ? 7   ARG A O   1 
ATOM   63  O  O   B ARG A 1 7  ? 1.002   3.654   4.357   0.36 16.96 ? 7   ARG A O   1 
ATOM   64  C  CB  A ARG A 1 7  ? -2.003  2.561   3.758   0.64 18.39 ? 7   ARG A CB  1 
ATOM   65  C  CB  B ARG A 1 7  ? -1.858  2.511   3.757   0.36 18.37 ? 7   ARG A CB  1 
ATOM   66  C  CG  A ARG A 1 7  ? -3.392  2.536   3.082   0.64 19.04 ? 7   ARG A CG  1 
ATOM   67  C  CG  B ARG A 1 7  ? -2.856  2.240   2.616   0.36 19.84 ? 7   ARG A CG  1 
ATOM   68  C  CD  A ARG A 1 7  ? -3.902  1.118   2.899   0.64 21.39 ? 7   ARG A CD  1 
ATOM   69  C  CD  B ARG A 1 7  ? -3.690  0.996   2.867   0.36 21.27 ? 7   ARG A CD  1 
ATOM   70  N  NE  A ARG A 1 7  ? -3.093  0.350   1.957   0.64 18.88 ? 7   ARG A NE  1 
ATOM   71  N  NE  B ARG A 1 7  ? -4.756  1.260   3.827   0.36 21.75 ? 7   ARG A NE  1 
ATOM   72  C  CZ  A ARG A 1 7  ? -3.252  -0.952  1.744   0.64 23.49 ? 7   ARG A CZ  1 
ATOM   73  C  CZ  B ARG A 1 7  ? -5.551  0.331   4.341   0.36 23.61 ? 7   ARG A CZ  1 
ATOM   74  N  NH1 A ARG A 1 7  ? -4.182  -1.617  2.410   0.64 23.03 1 7   ARG A NH1 1 
ATOM   75  N  NH1 B ARG A 1 7  ? -5.395  -0.940  3.999   0.36 25.66 1 7   ARG A NH1 1 
ATOM   76  N  NH2 A ARG A 1 7  ? -2.486  -1.587  0.872   0.64 22.87 ? 7   ARG A NH2 1 
ATOM   77  N  NH2 B ARG A 1 7  ? -6.494  0.671   5.208   0.36 21.07 ? 7   ARG A NH2 1 
ATOM   78  N  N   . LYS A 1 8  ? -0.309  4.652   5.886   1.00 16.19 ? 8   LYS A N   1 
ATOM   79  C  CA  . LYS A 1 8  ? 0.793   4.866   6.821   1.00 16.46 ? 8   LYS A CA  1 
ATOM   80  C  C   . LYS A 1 8  ? 0.548   4.097   8.110   1.00 14.16 ? 8   LYS A C   1 
ATOM   81  O  O   . LYS A 1 8  ? -0.538  4.185   8.684   1.00 14.64 ? 8   LYS A O   1 
ATOM   82  C  CB  . LYS A 1 8  ? 0.906   6.358   7.136   1.00 19.40 ? 8   LYS A CB  1 
ATOM   83  C  CG  . LYS A 1 8  ? 2.238   6.765   7.734   1.00 23.36 ? 8   LYS A CG  1 
ATOM   84  C  CD  . LYS A 1 8  ? 3.320   6.755   6.656   1.00 26.10 ? 8   LYS A CD  1 
ATOM   85  C  CE  . LYS A 1 8  ? 4.671   7.189   7.202   1.00 28.57 ? 8   LYS A CE  1 
ATOM   86  N  NZ  . LYS A 1 8  ? 4.663   8.617   7.605   1.00 27.57 1 8   LYS A NZ  1 
ATOM   87  N  N   . ASP A 1 9  ? 1.547   3.336   8.552   1.00 17.14 ? 9   ASP A N   1 
ATOM   88  C  CA  . ASP A 1 9  ? 1.413   2.526   9.765   1.00 16.09 ? 9   ASP A CA  1 
ATOM   89  C  C   . ASP A 1 9  ? 1.238   3.381   11.018  1.00 16.53 ? 9   ASP A C   1 
ATOM   90  O  O   . ASP A 1 9  ? 1.860   4.444   11.156  1.00 15.30 ? 9   ASP A O   1 
ATOM   91  C  CB  . ASP A 1 9  ? 2.662   1.655   10.003  1.00 17.11 ? 9   ASP A CB  1 
ATOM   92  C  CG  . ASP A 1 9  ? 2.982   0.711   8.851   1.00 17.12 ? 9   ASP A CG  1 
ATOM   93  O  OD1 . ASP A 1 9  ? 2.208   0.649   7.870   1.00 18.62 ? 9   ASP A OD1 1 
ATOM   94  O  OD2 . ASP A 1 9  ? 4.032   0.023   8.947   1.00 21.35 1 9   ASP A OD2 1 
ATOM   95  N  N   . ARG A 1 10 ? 0.436   2.879   11.955  1.00 15.86 ? 10  ARG A N   1 
ATOM   96  C  CA  . ARG A 1 10 ? 0.335   3.464   13.290  1.00 18.68 ? 10  ARG A CA  1 
ATOM   97  C  C   . ARG A 1 10 ? 1.703   3.437   13.980  1.00 21.10 ? 10  ARG A C   1 
ATOM   98  O  O   . ARG A 1 10 ? 2.532   2.586   13.676  1.00 18.56 ? 10  ARG A O   1 
ATOM   99  C  CB  . ARG A 1 10 ? -0.619  2.627   14.140  1.00 22.84 ? 10  ARG A CB  1 
ATOM   100 C  CG  . ARG A 1 10 ? -2.042  2.594   13.686  1.00 26.41 ? 10  ARG A CG  1 
ATOM   101 C  CD  . ARG A 1 10 ? -2.794  1.553   14.477  1.00 26.99 ? 10  ARG A CD  1 
ATOM   102 N  NE  . ARG A 1 10 ? -2.401  1.589   15.872  1.00 35.32 ? 10  ARG A NE  1 
ATOM   103 C  CZ  . ARG A 1 10 ? -2.492  0.561   16.711  1.00 28.68 ? 10  ARG A CZ  1 
ATOM   104 N  NH1 . ARG A 1 10 ? -2.090  0.710   17.960  1.00 31.32 1 10  ARG A NH1 1 
ATOM   105 N  NH2 . ARG A 1 10 ? -2.976  -0.604  16.313  1.00 35.48 ? 10  ARG A NH2 1 
ATOM   106 N  N   . PRO A 1 11 ? 1.941   4.372   14.912  1.00 20.94 ? 11  PRO A N   1 
ATOM   107 C  CA  . PRO A 1 11 ? 3.192   4.339   15.679  1.00 20.70 ? 11  PRO A CA  1 
ATOM   108 C  C   . PRO A 1 11 ? 3.341   3.026   16.453  1.00 19.42 ? 11  PRO A C   1 
ATOM   109 O  O   . PRO A 1 11 ? 2.340   2.472   16.910  1.00 21.22 ? 11  PRO A O   1 
ATOM   110 C  CB  . PRO A 1 11 ? 3.036   5.516   16.652  1.00 23.41 ? 11  PRO A CB  1 
ATOM   111 C  CG  . PRO A 1 11 ? 2.078   6.443   15.974  1.00 25.01 ? 11  PRO A CG  1 
ATOM   112 C  CD  . PRO A 1 11 ? 1.127   5.568   15.213  1.00 20.57 ? 11  PRO A CD  1 
ATOM   113 N  N   . GLY A 1 12 ? 4.573   2.531   16.570  1.00 21.20 ? 12  GLY A N   1 
ATOM   114 C  CA  . GLY A 1 12 ? 4.867   1.382   17.414  1.00 22.04 ? 12  GLY A CA  1 
ATOM   115 C  C   . GLY A 1 12 ? 4.430   0.049   16.842  1.00 22.69 ? 12  GLY A C   1 
ATOM   116 O  O   . GLY A 1 12 ? 4.481   -0.972  17.523  1.00 21.79 ? 12  GLY A O   1 
ATOM   117 N  N   . SER A 1 13 ? 3.996   0.048   15.587  1.00 21.16 ? 13  SER A N   1 
ATOM   118 C  CA  . SER A 1 13 ? 3.392   -1.144  15.002  1.00 19.96 ? 13  SER A CA  1 
ATOM   119 C  C   . SER A 1 13 ? 4.230   -1.831  13.926  1.00 18.25 ? 13  SER A C   1 
ATOM   120 O  O   . SER A 1 13 ? 3.702   -2.627  13.148  1.00 19.01 ? 13  SER A O   1 
ATOM   121 C  CB  . SER A 1 13 ? 2.008   -0.807  14.444  1.00 21.78 ? 13  SER A CB  1 
ATOM   122 O  OG  . SER A 1 13 ? 1.156   -0.373  15.490  1.00 25.30 ? 13  SER A OG  1 
ATOM   123 N  N   . LEU A 1 14 ? 5.525   -1.532  13.881  1.00 15.53 ? 14  LEU A N   1 
ATOM   124 C  CA  . LEU A 1 14 ? 6.406   -2.205  12.934  1.00 17.35 ? 14  LEU A CA  1 
ATOM   125 C  C   . LEU A 1 14 ? 6.288   -3.733  13.032  1.00 19.76 ? 14  LEU A C   1 
ATOM   126 O  O   . LEU A 1 14 ? 6.245   -4.421  12.020  1.00 18.41 ? 14  LEU A O   1 
ATOM   127 C  CB  . LEU A 1 14 ? 7.860   -1.763  13.125  1.00 21.17 ? 14  LEU A CB  1 
ATOM   128 C  CG  . LEU A 1 14 ? 8.876   -2.535  12.285  1.00 21.00 ? 14  LEU A CG  1 
ATOM   129 C  CD1 . LEU A 1 14 ? 8.576   -2.388  10.785  1.00 19.33 ? 14  LEU A CD1 1 
ATOM   130 C  CD2 . LEU A 1 14 ? 10.304  -2.084  12.599  1.00 22.74 ? 14  LEU A CD2 1 
ATOM   131 N  N   . GLN A 1 15 ? 6.210   -4.261  14.253  1.00 19.73 ? 15  GLN A N   1 
ATOM   132 C  CA  . GLN A 1 15 ? 6.089   -5.719  14.419  1.00 20.71 ? 15  GLN A CA  1 
ATOM   133 C  C   . GLN A 1 15 ? 4.777   -6.293  13.842  1.00 20.13 ? 15  GLN A C   1 
ATOM   134 O  O   . GLN A 1 15 ? 4.759   -7.418  13.362  1.00 19.25 ? 15  GLN A O   1 
ATOM   135 C  CB  . GLN A 1 15 ? 6.309   -6.141  15.880  1.00 20.50 ? 15  GLN A CB  1 
ATOM   136 C  CG  . GLN A 1 15 ? 6.482   -7.655  16.082  1.00 22.85 ? 15  GLN A CG  1 
ATOM   137 C  CD  . GLN A 1 15 ? 7.719   -8.213  15.391  1.00 21.34 ? 15  GLN A CD  1 
ATOM   138 O  OE1 . GLN A 1 15 ? 8.797   -7.630  15.461  1.00 22.06 ? 15  GLN A OE1 1 
ATOM   139 N  NE2 . GLN A 1 15 ? 7.559   -9.343  14.706  1.00 24.87 ? 15  GLN A NE2 1 
ATOM   140 N  N   . VAL A 1 16 ? 3.693   -5.521  13.881  1.00 19.45 ? 16  VAL A N   1 
ATOM   141 C  CA  . VAL A 1 16 ? 2.443   -5.903  13.215  1.00 18.63 ? 16  VAL A CA  1 
ATOM   142 C  C   . VAL A 1 16 ? 2.644   -6.028  11.705  1.00 20.13 ? 16  VAL A C   1 
ATOM   143 O  O   . VAL A 1 16 ? 2.198   -7.002  11.080  1.00 19.81 ? 16  VAL A O   1 
ATOM   144 C  CB  . VAL A 1 16 ? 1.305   -4.888  13.498  1.00 18.42 ? 16  VAL A CB  1 
ATOM   145 C  CG1 . VAL A 1 16 ? 0.007   -5.300  12.778  1.00 22.14 ? 16  VAL A CG1 1 
ATOM   146 C  CG2 . VAL A 1 16 ? 1.061   -4.772  14.992  1.00 22.12 ? 16  VAL A CG2 1 
ATOM   147 N  N   . ARG A 1 17 ? 3.324   -5.045  11.123  1.00 17.50 ? 17  ARG A N   1 
ATOM   148 C  CA  . ARG A 1 17 ? 3.679   -5.105  9.707   1.00 17.36 ? 17  ARG A CA  1 
ATOM   149 C  C   . ARG A 1 17 ? 4.482   -6.372  9.417   1.00 20.98 ? 17  ARG A C   1 
ATOM   150 O  O   . ARG A 1 17 ? 4.147   -7.135  8.505   1.00 18.92 ? 17  ARG A O   1 
ATOM   151 C  CB  . ARG A 1 17 ? 4.472   -3.862  9.280   1.00 19.71 ? 17  ARG A CB  1 
ATOM   152 C  CG  . ARG A 1 17 ? 5.193   -3.997  7.939   1.00 18.89 ? 17  ARG A CG  1 
ATOM   153 C  CD  . ARG A 1 17 ? 5.729   -2.642  7.433   1.00 20.09 ? 17  ARG A CD  1 
ATOM   154 N  NE  . ARG A 1 17 ? 4.611   -1.788  7.043   1.00 18.45 ? 17  ARG A NE  1 
ATOM   155 C  CZ  . ARG A 1 17 ? 4.101   -1.738  5.818   1.00 19.88 ? 17  ARG A CZ  1 
ATOM   156 N  NH1 . ARG A 1 17 ? 4.644   -2.451  4.840   1.00 18.65 1 17  ARG A NH1 1 
ATOM   157 N  NH2 . ARG A 1 17 ? 3.047   -0.968  5.569   1.00 18.08 ? 17  ARG A NH2 1 
ATOM   158 N  N   . ILE A 1 18 ? 5.543   -6.595  10.193  1.00 19.08 ? 18  ILE A N   1 
ATOM   159 C  CA  . ILE A 1 18 ? 6.365   -7.791  10.015  1.00 21.42 ? 18  ILE A CA  1 
ATOM   160 C  C   . ILE A 1 18 ? 5.526   -9.065  10.121  1.00 21.86 ? 18  ILE A C   1 
ATOM   161 O  O   . ILE A 1 18 ? 5.598   -9.934  9.241   1.00 23.34 ? 18  ILE A O   1 
ATOM   162 C  CB  . ILE A 1 18 ? 7.542   -7.859  11.022  1.00 19.48 ? 18  ILE A CB  1 
ATOM   163 C  CG1 . ILE A 1 18 ? 8.477   -6.650  10.875  1.00 24.07 ? 18  ILE A CG1 1 
ATOM   164 C  CG2 . ILE A 1 18 ? 8.301   -9.186  10.878  1.00 23.76 ? 18  ILE A CG2 1 
ATOM   165 C  CD1 . ILE A 1 18 ? 9.048   -6.456  9.502   1.00 26.78 ? 18  ILE A CD1 1 
ATOM   166 N  N   . ASP A 1 19 ? 4.710   -9.165  11.171  1.00 20.35 ? 19  ASP A N   1 
ATOM   167 C  CA  . ASP A 1 19 ? 3.901   -10.363 11.406  1.00 24.38 ? 19  ASP A CA  1 
ATOM   168 C  C   . ASP A 1 19 ? 2.958   -10.652 10.240  1.00 27.50 ? 19  ASP A C   1 
ATOM   169 O  O   . ASP A 1 19 ? 2.583   -11.800 10.000  1.00 24.25 ? 19  ASP A O   1 
ATOM   170 C  CB  . ASP A 1 19 ? 3.040   -10.224 12.668  1.00 25.62 ? 19  ASP A CB  1 
ATOM   171 C  CG  . ASP A 1 19 ? 3.844   -10.246 13.952  1.00 30.89 ? 19  ASP A CG  1 
ATOM   172 O  OD1 . ASP A 1 19 ? 4.975   -10.771 13.957  1.00 26.37 ? 19  ASP A OD1 1 
ATOM   173 O  OD2 . ASP A 1 19 ? 3.319   -9.741  14.969  1.00 35.30 1 19  ASP A OD2 1 
ATOM   174 N  N   . ASN A 1 20 ? 2.544   -9.607  9.532   1.00 22.59 ? 20  ASN A N   1 
ATOM   175 C  CA  . ASN A 1 20 ? 1.528   -9.771  8.498   1.00 23.59 ? 20  ASN A CA  1 
ATOM   176 C  C   . ASN A 1 20 ? 2.063   -9.596  7.082   1.00 22.66 ? 20  ASN A C   1 
ATOM   177 O  O   . ASN A 1 20 ? 1.299   -9.598  6.120   1.00 25.04 ? 20  ASN A O   1 
ATOM   178 C  CB  . ASN A 1 20 ? 0.359   -8.815  8.746   1.00 22.09 ? 20  ASN A CB  1 
ATOM   179 C  CG  . ASN A 1 20 ? -0.453  -9.188  9.980   1.00 27.39 ? 20  ASN A CG  1 
ATOM   180 O  OD1 . ASN A 1 20 ? -1.385  -9.995  9.900   1.00 24.90 ? 20  ASN A OD1 1 
ATOM   181 N  ND2 . ASN A 1 20 ? -0.119  -8.587  11.125  1.00 21.88 ? 20  ASN A ND2 1 
ATOM   182 N  N   . TYR A 1 21 ? 3.381   -9.471  6.963   1.00 23.43 ? 21  TYR A N   1 
ATOM   183 C  CA  . TYR A 1 21 ? 4.029   -9.050  5.722   1.00 23.56 ? 21  TYR A CA  1 
ATOM   184 C  C   . TYR A 1 21 ? 3.901   -10.122 4.650   1.00 29.11 ? 21  TYR A C   1 
ATOM   185 O  O   . TYR A 1 21 ? 3.570   -9.830  3.497   1.00 26.27 ? 21  TYR A O   1 
ATOM   186 C  CB  . TYR A 1 21 ? 5.499   -8.728  6.002   1.00 24.14 ? 21  TYR A CB  1 
ATOM   187 C  CG  . TYR A 1 21 ? 6.267   -8.071  4.871   1.00 26.26 ? 21  TYR A CG  1 
ATOM   188 C  CD1 . TYR A 1 21 ? 5.637   -7.230  3.953   1.00 28.06 ? 21  TYR A CD1 1 
ATOM   189 C  CD2 . TYR A 1 21 ? 7.629   -8.287  4.729   1.00 33.50 ? 21  TYR A CD2 1 
ATOM   190 C  CE1 . TYR A 1 21 ? 6.349   -6.635  2.927   1.00 27.57 ? 21  TYR A CE1 1 
ATOM   191 C  CE2 . TYR A 1 21 ? 8.346   -7.695  3.707   1.00 31.55 ? 21  TYR A CE2 1 
ATOM   192 C  CZ  . TYR A 1 21 ? 7.702   -6.873  2.809   1.00 30.96 ? 21  TYR A CZ  1 
ATOM   193 O  OH  . TYR A 1 21 ? 8.426   -6.285  1.796   1.00 36.75 ? 21  TYR A OH  1 
ATOM   194 N  N   . ALA A 1 22 ? 4.152   -11.369 5.037   1.00 26.26 ? 22  ALA A N   1 
ATOM   195 C  CA  . ALA A 1 22 ? 3.999   -12.481 4.111   1.00 28.16 ? 22  ALA A CA  1 
ATOM   196 C  C   . ALA A 1 22 ? 2.560   -12.596 3.612   1.00 27.88 ? 22  ALA A C   1 
ATOM   197 O  O   . ALA A 1 22 ? 2.334   -12.798 2.419   1.00 32.10 ? 22  ALA A O   1 
ATOM   198 C  CB  . ALA A 1 22 ? 4.476   -13.790 4.756   1.00 29.06 ? 22  ALA A CB  1 
ATOM   199 N  N   . ALA A 1 23 ? 1.588   -12.448 4.513   1.00 28.58 ? 23  ALA A N   1 
ATOM   200 C  CA  . ALA A 1 23 ? 0.171   -12.505 4.145   1.00 23.30 ? 23  ALA A CA  1 
ATOM   201 C  C   . ALA A 1 23 ? -0.231  -11.346 3.240   1.00 29.25 ? 23  ALA A C   1 
ATOM   202 O  O   . ALA A 1 23 ? -1.064  -11.500 2.343   1.00 27.96 ? 23  ALA A O   1 
ATOM   203 C  CB  . ALA A 1 23 ? -0.696  -12.488 5.379   1.00 25.35 ? 23  ALA A CB  1 
ATOM   204 N  N   . HIS A 1 24 ? 0.333   -10.177 3.511   1.00 25.26 ? 24  HIS A N   1 
ATOM   205 C  CA  . HIS A 1 24 ? 0.068   -9.000  2.687   1.00 26.80 ? 24  HIS A CA  1 
ATOM   206 C  C   . HIS A 1 24 ? 0.546   -9.248  1.257   1.00 27.31 ? 24  HIS A C   1 
ATOM   207 O  O   . HIS A 1 24 ? -0.210  -9.053  0.303   1.00 30.18 ? 24  HIS A O   1 
ATOM   208 C  CB  . HIS A 1 24 ? 0.765   -7.783  3.284   1.00 23.38 ? 24  HIS A CB  1 
ATOM   209 C  CG  . HIS A 1 24 ? 0.684   -6.553  2.436   1.00 25.36 ? 24  HIS A CG  1 
ATOM   210 N  ND1 . HIS A 1 24 ? -0.486  -5.846  2.263   1.00 26.39 ? 24  HIS A ND1 1 
ATOM   211 C  CD2 . HIS A 1 24 ? 1.634   -5.887  1.738   1.00 26.28 ? 24  HIS A CD2 1 
ATOM   212 C  CE1 . HIS A 1 24 ? -0.255  -4.800  1.489   1.00 25.73 ? 24  HIS A CE1 1 
ATOM   213 N  NE2 . HIS A 1 24 ? 1.023   -4.800  1.157   1.00 25.69 ? 24  HIS A NE2 1 
ATOM   214 N  N   . LEU A 1 25 ? 1.791   -9.697  1.113   1.00 26.73 ? 25  LEU A N   1 
ATOM   215 C  CA  . LEU A 1 25 ? 2.348   -9.968  -0.210  1.00 28.13 ? 25  LEU A CA  1 
ATOM   216 C  C   . LEU A 1 25 ? 1.588   -11.079 -0.944  1.00 34.84 ? 25  LEU A C   1 
ATOM   217 O  O   . LEU A 1 25 ? 1.446   -11.036 -2.163  1.00 36.22 ? 25  LEU A O   1 
ATOM   218 C  CB  . LEU A 1 25 ? 3.832   -10.297 -0.127  1.00 25.54 ? 25  LEU A CB  1 
ATOM   219 C  CG  . LEU A 1 25 ? 4.775   -9.259  0.481   1.00 31.83 ? 25  LEU A CG  1 
ATOM   220 C  CD1 . LEU A 1 25 ? 6.218   -9.716  0.334   1.00 32.68 ? 25  LEU A CD1 1 
ATOM   221 C  CD2 . LEU A 1 25 ? 4.587   -7.884  -0.141  1.00 33.08 ? 25  LEU A CD2 1 
ATOM   222 N  N   . ALA A 1 26 ? 1.091   -12.062 -0.198  1.00 32.95 ? 26  ALA A N   1 
ATOM   223 C  CA  . ALA A 1 26 ? 0.297   -13.140 -0.785  1.00 34.30 ? 26  ALA A CA  1 
ATOM   224 C  C   . ALA A 1 26 ? -1.047  -12.609 -1.267  1.00 34.24 ? 26  ALA A C   1 
ATOM   225 O  O   . ALA A 1 26 ? -1.630  -13.128 -2.218  1.00 38.07 ? 26  ALA A O   1 
ATOM   226 C  CB  . ALA A 1 26 ? 0.087   -14.253 0.225   1.00 32.31 ? 26  ALA A CB  1 
ATOM   227 N  N   . TYR A 1 27 ? -1.538  -11.577 -0.590  1.00 33.94 ? 27  TYR A N   1 
ATOM   228 C  CA  . TYR A 1 27 ? -2.801  -10.943 -0.936  1.00 34.55 ? 27  TYR A CA  1 
ATOM   229 C  C   . TYR A 1 27 ? -2.645  -10.103 -2.196  1.00 34.80 ? 27  TYR A C   1 
ATOM   230 O  O   . TYR A 1 27 ? -3.577  -9.985  -2.987  1.00 34.30 ? 27  TYR A O   1 
ATOM   231 C  CB  . TYR A 1 27 ? -3.280  -10.072 0.224   1.00 33.56 ? 27  TYR A CB  1 
ATOM   232 C  CG  . TYR A 1 27 ? -4.512  -9.237  -0.060  1.00 32.70 ? 27  TYR A CG  1 
ATOM   233 C  CD1 . TYR A 1 27 ? -5.768  -9.824  -0.148  1.00 33.16 ? 27  TYR A CD1 1 
ATOM   234 C  CD2 . TYR A 1 27 ? -4.423  -7.856  -0.212  1.00 32.15 ? 27  TYR A CD2 1 
ATOM   235 C  CE1 . TYR A 1 27 ? -6.900  -9.068  -0.396  1.00 30.86 ? 27  TYR A CE1 1 
ATOM   236 C  CE2 . TYR A 1 27 ? -5.553  -7.089  -0.459  1.00 29.48 ? 27  TYR A CE2 1 
ATOM   237 C  CZ  . TYR A 1 27 ? -6.790  -7.704  -0.554  1.00 34.54 ? 27  TYR A CZ  1 
ATOM   238 O  OH  . TYR A 1 27 ? -7.919  -6.954  -0.799  1.00 32.60 ? 27  TYR A OH  1 
ATOM   239 N  N   . LEU A 1 28 ? -1.463  -9.520  -2.371  1.00 34.85 ? 28  LEU A N   1 
ATOM   240 C  CA  . LEU A 1 28 ? -1.158  -8.715  -3.549  1.00 34.90 ? 28  LEU A CA  1 
ATOM   241 C  C   . LEU A 1 28 ? -0.812  -9.566  -4.767  1.00 37.76 ? 28  LEU A C   1 
ATOM   242 O  O   . LEU A 1 28 ? -1.013  -9.139  -5.899  1.00 36.38 ? 28  LEU A O   1 
ATOM   243 C  CB  . LEU A 1 28 ? 0.008   -7.770  -3.264  1.00 33.51 ? 28  LEU A CB  1 
ATOM   244 C  CG  . LEU A 1 28 ? -0.201  -6.689  -2.205  1.00 28.34 ? 28  LEU A CG  1 
ATOM   245 C  CD1 . LEU A 1 28 ? 1.014   -5.770  -2.179  1.00 28.03 ? 28  LEU A CD1 1 
ATOM   246 C  CD2 . LEU A 1 28 ? -1.473  -5.899  -2.486  1.00 29.81 ? 28  LEU A CD2 1 
ATOM   247 N  N   . GLU A 1 29 ? -0.281  -10.762 -4.528  1.00 38.47 ? 29  GLU A N   1 
ATOM   248 C  CA  . GLU A 1 29 ? 0.201   -11.620 -5.616  1.00 40.70 ? 29  GLU A CA  1 
ATOM   249 C  C   . GLU A 1 29 ? -0.769  -11.819 -6.800  1.00 39.74 ? 29  GLU A C   1 
ATOM   250 O  O   . GLU A 1 29 ? -0.367  -11.648 -7.950  1.00 42.21 ? 29  GLU A O   1 
ATOM   251 C  CB  . GLU A 1 29 ? 0.683   -12.972 -5.080  1.00 43.11 ? 29  GLU A CB  1 
ATOM   252 C  CG  . GLU A 1 29 ? 1.669   -13.669 -5.992  1.00 46.59 ? 29  GLU A CG  1 
ATOM   253 C  CD  . GLU A 1 29 ? 2.982   -12.913 -6.101  1.00 55.55 ? 29  GLU A CD  1 
ATOM   254 O  OE1 . GLU A 1 29 ? 4.026   -13.471 -5.696  1.00 64.57 ? 29  GLU A OE1 1 
ATOM   255 O  OE2 . GLU A 1 29 ? 2.969   -11.761 -6.589  1.00 57.95 1 29  GLU A OE2 1 
ATOM   256 N  N   . PRO A 1 30 ? -2.042  -12.162 -6.531  1.00 39.05 ? 30  PRO A N   1 
ATOM   257 C  CA  . PRO A 1 30 ? -2.960  -12.347 -7.660  1.00 40.72 ? 30  PRO A CA  1 
ATOM   258 C  C   . PRO A 1 30 ? -3.340  -11.037 -8.339  1.00 42.57 ? 30  PRO A C   1 
ATOM   259 O  O   . PRO A 1 30 ? -3.898  -11.063 -9.435  1.00 42.20 ? 30  PRO A O   1 
ATOM   260 C  CB  . PRO A 1 30 ? -4.213  -12.945 -7.004  1.00 40.49 ? 30  PRO A CB  1 
ATOM   261 C  CG  . PRO A 1 30 ? -3.774  -13.427 -5.675  1.00 39.95 ? 30  PRO A CG  1 
ATOM   262 C  CD  . PRO A 1 30 ? -2.691  -12.503 -5.252  1.00 41.10 ? 30  PRO A CD  1 
ATOM   263 N  N   . LEU A 1 31 ? -3.053  -9.913  -7.687  1.00 41.21 ? 31  LEU A N   1 
ATOM   264 C  CA  . LEU A 1 31 ? -3.428  -8.599  -8.194  1.00 37.81 ? 31  LEU A CA  1 
ATOM   265 C  C   . LEU A 1 31 ? -2.275  -7.928  -8.918  1.00 35.61 ? 31  LEU A C   1 
ATOM   266 O  O   . LEU A 1 31 ? -2.404  -6.788  -9.360  1.00 34.58 ? 31  LEU A O   1 
ATOM   267 C  CB  . LEU A 1 31 ? -3.850  -7.679  -7.042  1.00 37.66 ? 31  LEU A CB  1 
ATOM   268 C  CG  . LEU A 1 31 ? -5.202  -7.800  -6.344  1.00 39.58 ? 31  LEU A CG  1 
ATOM   269 C  CD1 . LEU A 1 31 ? -6.329  -7.878  -7.366  1.00 42.79 ? 31  LEU A CD1 1 
ATOM   270 C  CD2 . LEU A 1 31 ? -5.231  -8.985  -5.407  1.00 40.59 ? 31  LEU A CD2 1 
ATOM   271 N  N   . LYS A 1 32 ? -1.146  -8.620  -9.030  1.00 32.40 ? 32  LYS A N   1 
ATOM   272 C  CA  . LYS A 1 32 ? 0.085   -7.982  -9.495  1.00 32.00 ? 32  LYS A CA  1 
ATOM   273 C  C   . LYS A 1 32 ? -0.044  -7.330  -10.875 1.00 30.94 ? 32  LYS A C   1 
ATOM   274 O  O   . LYS A 1 32 ? 0.592   -6.318  -11.156 1.00 32.23 ? 32  LYS A O   1 
ATOM   275 C  CB  . LYS A 1 32 ? 1.249   -8.978  -9.467  1.00 37.44 ? 32  LYS A CB  1 
ATOM   276 C  CG  . LYS A 1 32 ? 2.599   -8.355  -9.799  1.00 44.93 ? 32  LYS A CG  1 
ATOM   277 C  CD  . LYS A 1 32 ? 3.740   -9.341  -9.601  1.00 49.15 ? 32  LYS A CD  1 
ATOM   278 C  CE  . LYS A 1 32 ? 5.019   -8.839  -10.264 1.00 54.44 ? 32  LYS A CE  1 
ATOM   279 N  NZ  . LYS A 1 32 ? 6.173   -9.770  -10.048 1.00 59.13 1 32  LYS A NZ  1 
ATOM   280 N  N   . ALA A 1 33 ? -0.872  -7.915  -11.727 1.00 30.07 ? 33  ALA A N   1 
ATOM   281 C  CA  . ALA A 1 33 ? -1.106  -7.366  -13.059 1.00 30.54 ? 33  ALA A CA  1 
ATOM   282 C  C   . ALA A 1 33 ? -1.725  -5.965  -13.001 1.00 31.99 ? 33  ALA A C   1 
ATOM   283 O  O   . ALA A 1 33 ? -1.559  -5.172  -13.922 1.00 35.06 ? 33  ALA A O   1 
ATOM   284 C  CB  . ALA A 1 33 ? -2.003  -8.302  -13.859 1.00 32.59 ? 33  ALA A CB  1 
ATOM   285 N  N   . LYS A 1 34 ? -2.437  -5.667  -11.916 1.00 28.36 ? 34  LYS A N   1 
ATOM   286 C  CA  . LYS A 1 34 ? -3.119  -4.380  -11.784 1.00 27.60 ? 34  LYS A CA  1 
ATOM   287 C  C   . LYS A 1 34 ? -2.287  -3.323  -11.075 1.00 29.61 ? 34  LYS A C   1 
ATOM   288 O  O   . LYS A 1 34 ? -2.632  -2.144  -11.095 1.00 28.24 ? 34  LYS A O   1 
ATOM   289 C  CB  . LYS A 1 34 ? -4.448  -4.554  -11.055 1.00 31.23 ? 34  LYS A CB  1 
ATOM   290 C  CG  . LYS A 1 34 ? -5.388  -5.537  -11.720 1.00 38.18 ? 34  LYS A CG  1 
ATOM   291 C  CD  . LYS A 1 34 ? -6.805  -5.361  -11.211 1.00 41.00 ? 34  LYS A CD  1 
ATOM   292 C  CE  . LYS A 1 34 ? -7.795  -6.172  -12.042 1.00 48.07 ? 34  LYS A CE  1 
ATOM   293 N  NZ  . LYS A 1 34 ? -7.769  -5.796  -13.487 1.00 47.39 1 34  LYS A NZ  1 
ATOM   294 N  N   . ILE A 1 35 ? -1.189  -3.746  -10.458 1.00 27.34 ? 35  ILE A N   1 
ATOM   295 C  CA  . ILE A 1 35 ? -0.348  -2.840  -9.688  1.00 26.53 ? 35  ILE A CA  1 
ATOM   296 C  C   . ILE A 1 35 ? 0.800   -2.343  -10.559 1.00 26.61 ? 35  ILE A C   1 
ATOM   297 O  O   . ILE A 1 35 ? 1.635   -3.127  -10.999 1.00 31.55 ? 35  ILE A O   1 
ATOM   298 C  CB  . ILE A 1 35 ? 0.197   -3.548  -8.431  1.00 26.76 ? 35  ILE A CB  1 
ATOM   299 C  CG1 . ILE A 1 35 ? -0.959  -4.076  -7.581  1.00 27.82 ? 35  ILE A CG1 1 
ATOM   300 C  CG2 . ILE A 1 35 ? 1.085   -2.605  -7.622  1.00 27.51 ? 35  ILE A CG2 1 
ATOM   301 C  CD1 . ILE A 1 35 ? -0.515  -4.937  -6.406  1.00 30.93 ? 35  ILE A CD1 1 
ATOM   302 N  N   . GLN A 1 36 ? 0.826   -1.044  -10.831 1.00 23.45 ? 36  GLN A N   1 
ATOM   303 C  CA  . GLN A 1 36 ? 1.841   -0.466  -11.699 1.00 25.64 ? 36  GLN A CA  1 
ATOM   304 C  C   . GLN A 1 36 ? 3.126   -0.180  -10.945 1.00 28.65 ? 36  GLN A C   1 
ATOM   305 O  O   . GLN A 1 36 ? 4.230   -0.370  -11.467 1.00 26.92 ? 36  GLN A O   1 
ATOM   306 C  CB  . GLN A 1 36 ? 1.342   0.836   -12.321 1.00 27.90 ? 36  GLN A CB  1 
ATOM   307 C  CG  . GLN A 1 36 ? 0.220   0.667   -13.332 1.00 33.98 ? 36  GLN A CG  1 
ATOM   308 C  CD  . GLN A 1 36 ? 0.224   1.768   -14.373 1.00 36.30 ? 36  GLN A CD  1 
ATOM   309 O  OE1 . GLN A 1 36 ? 1.075   2.666   -14.350 1.00 39.29 ? 36  GLN A OE1 1 
ATOM   310 N  NE2 . GLN A 1 36 ? -0.724  1.705   -15.303 1.00 44.71 ? 36  GLN A NE2 1 
ATOM   311 N  N   . VAL A 1 37 ? 2.969   0.304   -9.719  1.00 27.23 ? 37  VAL A N   1 
ATOM   312 C  CA  . VAL A 1 37 ? 4.083   0.727   -8.878  1.00 23.59 ? 37  VAL A CA  1 
ATOM   313 C  C   . VAL A 1 37 ? 3.711   0.324   -7.460  1.00 20.95 ? 37  VAL A C   1 
ATOM   314 O  O   . VAL A 1 37 ? 2.551   0.427   -7.069  1.00 20.02 ? 37  VAL A O   1 
ATOM   315 C  CB  . VAL A 1 37 ? 4.260   2.271   -8.943  1.00 26.44 ? 37  VAL A CB  1 
ATOM   316 C  CG1 . VAL A 1 37 ? 5.317   2.736   -7.964  1.00 28.68 ? 37  VAL A CG1 1 
ATOM   317 C  CG2 . VAL A 1 37 ? 4.596   2.727   -10.366 1.00 28.96 ? 37  VAL A CG2 1 
ATOM   318 N  N   . GLY A 1 38 ? 4.664   -0.172  -6.677  1.00 23.09 ? 38  GLY A N   1 
ATOM   319 C  CA  . GLY A 1 38 ? 4.323   -0.551  -5.317  1.00 21.95 ? 38  GLY A CA  1 
ATOM   320 C  C   . GLY A 1 38 ? 5.546   -0.683  -4.440  1.00 22.91 ? 38  GLY A C   1 
ATOM   321 O  O   . GLY A 1 38 ? 6.597   -1.109  -4.912  1.00 21.06 ? 38  GLY A O   1 
ATOM   322 N  N   . GLY A 1 39 ? 5.407   -0.319  -3.170  1.00 18.18 ? 39  GLY A N   1 
ATOM   323 C  CA  . GLY A 1 39 ? 6.508   -0.445  -2.237  1.00 18.86 ? 39  GLY A CA  1 
ATOM   324 C  C   . GLY A 1 39 ? 6.223   0.235   -0.920  1.00 18.72 ? 39  GLY A C   1 
ATOM   325 O  O   . GLY A 1 39 ? 5.239   0.974   -0.779  1.00 17.81 ? 39  GLY A O   1 
ATOM   326 N  N   . PRO A 1 40 ? 7.095   -0.001  0.063   1.00 19.65 ? 40  PRO A N   1 
ATOM   327 C  CA  . PRO A 1 40 ? 6.897   0.590   1.383   1.00 16.89 ? 40  PRO A CA  1 
ATOM   328 C  C   . PRO A 1 40 ? 7.455   2.003   1.461   1.00 17.41 ? 40  PRO A C   1 
ATOM   329 O  O   . PRO A 1 40 ? 8.461   2.320   0.834   1.00 16.55 ? 40  PRO A O   1 
ATOM   330 C  CB  . PRO A 1 40 ? 7.723   -0.334  2.292   1.00 20.62 ? 40  PRO A CB  1 
ATOM   331 C  CG  . PRO A 1 40 ? 8.871   -0.750  1.405   1.00 17.08 ? 40  PRO A CG  1 
ATOM   332 C  CD  . PRO A 1 40 ? 8.248   -0.922  0.028   1.00 17.61 ? 40  PRO A CD  1 
ATOM   333 N  N   . THR A 1 41 ? 6.803   2.863   2.233   1.00 15.95 ? 41  THR A N   1 
ATOM   334 C  CA  . THR A 1 41 ? 7.438   4.098   2.635   1.00 13.94 ? 41  THR A CA  1 
ATOM   335 C  C   . THR A 1 41 ? 8.467   3.739   3.706   1.00 16.43 ? 41  THR A C   1 
ATOM   336 O  O   . THR A 1 41 ? 8.350   2.702   4.368   1.00 16.58 ? 41  THR A O   1 
ATOM   337 C  CB  . THR A 1 41 ? 6.442   5.106   3.222   1.00 16.68 ? 41  THR A CB  1 
ATOM   338 O  OG1 . THR A 1 41 ? 5.694   4.478   4.268   1.00 18.00 ? 41  THR A OG1 1 
ATOM   339 C  CG2 . THR A 1 41 ? 5.479   5.612   2.138   1.00 15.19 ? 41  THR A CG2 1 
ATOM   340 N  N   . LEU A 1 42 ? 9.451   4.611   3.869   1.00 16.70 ? 42  LEU A N   1 
ATOM   341 C  CA  . LEU A 1 42 ? 10.600  4.350   4.729   1.00 18.46 ? 42  LEU A CA  1 
ATOM   342 C  C   . LEU A 1 42 ? 10.769  5.481   5.729   1.00 18.24 ? 42  LEU A C   1 
ATOM   343 O  O   . LEU A 1 42 ? 10.402  6.624   5.454   1.00 18.38 ? 42  LEU A O   1 
ATOM   344 C  CB  . LEU A 1 42 ? 11.860  4.228   3.867   1.00 18.35 ? 42  LEU A CB  1 
ATOM   345 C  CG  . LEU A 1 42 ? 11.816  3.099   2.823   1.00 18.32 ? 42  LEU A CG  1 
ATOM   346 C  CD1 . LEU A 1 42 ? 12.984  3.252   1.833   1.00 18.24 ? 42  LEU A CD1 1 
ATOM   347 C  CD2 . LEU A 1 42 ? 11.848  1.727   3.495   1.00 18.37 ? 42  LEU A CD2 1 
ATOM   348 N  N   . GLY A 1 43 ? 11.355  5.172   6.880   1.00 18.51 ? 43  GLY A N   1 
ATOM   349 C  CA  . GLY A 1 43 ? 11.472  6.146   7.949   1.00 19.41 ? 43  GLY A CA  1 
ATOM   350 C  C   . GLY A 1 43 ? 12.808  6.868   7.976   1.00 20.21 ? 43  GLY A C   1 
ATOM   351 O  O   . GLY A 1 43 ? 13.374  7.199   6.938   1.00 21.79 ? 43  GLY A O   1 
ATOM   352 N  N   . ALA A 1 44 ? 13.306  7.125   9.177   1.00 21.78 ? 44  ALA A N   1 
ATOM   353 C  CA  . ALA A 1 44 ? 14.531  7.909   9.349   1.00 22.91 ? 44  ALA A CA  1 
ATOM   354 C  C   . ALA A 1 44 ? 15.736  7.232   8.700   1.00 25.23 ? 44  ALA A C   1 
ATOM   355 O  O   . ALA A 1 44 ? 15.775  6.011   8.575   1.00 24.56 ? 44  ALA A O   1 
ATOM   356 C  CB  . ALA A 1 44 ? 14.794  8.127   10.831  1.00 23.46 ? 44  ALA A CB  1 
ATOM   357 N  N   . GLY A 1 45 ? 16.722  8.029   8.296   1.00 27.92 ? 45  GLY A N   1 
ATOM   358 C  CA  . GLY A 1 45 ? 17.987  7.487   7.821   1.00 28.12 ? 45  GLY A CA  1 
ATOM   359 C  C   . GLY A 1 45 ? 18.026  7.104   6.355   1.00 26.30 ? 45  GLY A C   1 
ATOM   360 O  O   . GLY A 1 45 ? 17.264  7.627   5.542   1.00 28.49 ? 45  GLY A O   1 
ATOM   361 N  N   . THR A 1 46 ? 18.933  6.191   6.015   1.00 25.19 ? 46  THR A N   1 
ATOM   362 C  CA  . THR A 1 46 ? 19.134  5.788   4.631   1.00 24.43 ? 46  THR A CA  1 
ATOM   363 C  C   . THR A 1 46 ? 18.884  4.299   4.457   1.00 25.23 ? 46  THR A C   1 
ATOM   364 O  O   . THR A 1 46 ? 19.002  3.777   3.356   1.00 24.22 ? 46  THR A O   1 
ATOM   365 C  CB  . THR A 1 46 ? 20.577  6.059   4.174   1.00 26.45 ? 46  THR A CB  1 
ATOM   366 O  OG1 . THR A 1 46 ? 21.474  5.285   4.978   1.00 26.59 ? 46  THR A OG1 1 
ATOM   367 C  CG2 . THR A 1 46 ? 20.928  7.542   4.320   1.00 32.24 ? 46  THR A CG2 1 
ATOM   368 N  N   . GLY A 1 47 ? 18.546  3.620   5.545   1.00 24.26 ? 47  GLY A N   1 
ATOM   369 C  CA  . GLY A 1 47 ? 18.316  2.189   5.487   1.00 27.43 ? 47  GLY A CA  1 
ATOM   370 C  C   . GLY A 1 47 ? 17.137  1.817   4.609   1.00 23.92 ? 47  GLY A C   1 
ATOM   371 O  O   . GLY A 1 47 ? 16.152  2.554   4.526   1.00 22.53 ? 47  GLY A O   1 
ATOM   372 N  N   . THR A 1 48 ? 17.235  0.674   3.943   1.00 21.76 ? 48  THR A N   1 
ATOM   373 C  CA  . THR A 1 48 ? 16.142  0.199   3.093   1.00 26.63 ? 48  THR A CA  1 
ATOM   374 C  C   . THR A 1 48 ? 15.754  -1.238  3.439   1.00 23.85 ? 48  THR A C   1 
ATOM   375 O  O   . THR A 1 48 ? 15.297  -1.990  2.578   1.00 28.79 ? 48  THR A O   1 
ATOM   376 C  CB  . THR A 1 48 ? 16.507  0.295   1.600   1.00 27.56 ? 48  THR A CB  1 
ATOM   377 O  OG1 . THR A 1 48 ? 17.717  -0.433  1.362   1.00 32.15 ? 48  THR A OG1 1 
ATOM   378 C  CG2 . THR A 1 48 ? 16.727  1.752   1.202   1.00 25.66 ? 48  THR A CG2 1 
ATOM   379 N  N   . ASP A 1 49 ? 15.922  -1.608  4.706   1.00 23.10 ? 49  ASP A N   1 
ATOM   380 C  CA  . ASP A 1 49 ? 15.607  -2.958  5.164   1.00 25.61 ? 49  ASP A CA  1 
ATOM   381 C  C   . ASP A 1 49 ? 14.172  -3.041  5.673   1.00 26.41 ? 49  ASP A C   1 
ATOM   382 O  O   . ASP A 1 49 ? 13.491  -2.024  5.781   1.00 23.17 ? 49  ASP A O   1 
ATOM   383 C  CB  . ASP A 1 49 ? 16.569  -3.379  6.272   1.00 26.91 ? 49  ASP A CB  1 
ATOM   384 C  CG  . ASP A 1 49 ? 18.006  -3.460  5.797   1.00 33.73 ? 49  ASP A CG  1 
ATOM   385 O  OD1 . ASP A 1 49 ? 18.226  -3.799  4.615   1.00 38.31 ? 49  ASP A OD1 1 
ATOM   386 O  OD2 . ASP A 1 49 ? 18.912  -3.180  6.605   1.00 38.12 1 49  ASP A OD2 1 
ATOM   387 N  N   . ASP A 1 50 ? 13.729  -4.253  5.999   1.00 22.70 ? 50  ASP A N   1 
ATOM   388 C  CA  . ASP A 1 50 ? 12.409  -4.466  6.579   1.00 24.44 ? 50  ASP A CA  1 
ATOM   389 C  C   . ASP A 1 50 ? 12.161  -3.542  7.777   1.00 24.60 ? 50  ASP A C   1 
ATOM   390 O  O   . ASP A 1 50 ? 11.075  -2.980  7.924   1.00 22.38 ? 50  ASP A O   1 
ATOM   391 C  CB  . ASP A 1 50 ? 12.237  -5.922  7.037   1.00 26.91 ? 50  ASP A CB  1 
ATOM   392 C  CG  . ASP A 1 50 ? 12.175  -6.913  5.881   1.00 32.92 ? 50  ASP A CG  1 
ATOM   393 O  OD1 . ASP A 1 50 ? 11.931  -6.508  4.723   1.00 28.46 ? 50  ASP A OD1 1 
ATOM   394 O  OD2 . ASP A 1 50 ? 12.356  -8.122  6.148   1.00 33.70 1 50  ASP A OD2 1 
ATOM   395 N  N   . LYS A 1 51 ? 13.168  -3.386  8.635   1.00 20.14 ? 51  LYS A N   1 
ATOM   396 C  CA  . LYS A 1 51 ? 13.018  -2.548  9.827   1.00 21.37 ? 51  LYS A CA  1 
ATOM   397 C  C   . LYS A 1 51 ? 12.760  -1.063  9.518   1.00 20.93 ? 51  LYS A C   1 
ATOM   398 O  O   . LYS A 1 51 ? 12.355  -0.303  10.397  1.00 21.18 ? 51  LYS A O   1 
ATOM   399 C  CB  . LYS A 1 51 ? 14.243  -2.690  10.741  1.00 25.74 ? 51  LYS A CB  1 
ATOM   400 C  CG  . LYS A 1 51 ? 15.535  -2.124  10.173  1.00 26.95 ? 51  LYS A CG  1 
ATOM   401 C  CD  . LYS A 1 51 ? 16.644  -2.209  11.220  1.00 35.66 ? 51  LYS A CD  1 
ATOM   402 C  CE  . LYS A 1 51 ? 17.966  -1.677  10.694  1.00 40.83 ? 51  LYS A CE  1 
ATOM   403 N  NZ  . LYS A 1 51 ? 18.465  -2.429  9.501   1.00 44.31 1 51  LYS A NZ  1 
ATOM   404 N  N   . ASP A 1 52 ? 12.988  -0.658  8.272   1.00 20.27 ? 52  ASP A N   1 
ATOM   405 C  CA  . ASP A 1 52 ? 12.830  0.740   7.887   1.00 20.42 ? 52  ASP A CA  1 
ATOM   406 C  C   . ASP A 1 52 ? 11.431  1.066   7.343   1.00 17.85 ? 52  ASP A C   1 
ATOM   407 O  O   . ASP A 1 52 ? 11.131  2.231   7.068   1.00 16.65 ? 52  ASP A O   1 
ATOM   408 C  CB  . ASP A 1 52 ? 13.896  1.131   6.861   1.00 21.65 ? 52  ASP A CB  1 
ATOM   409 C  CG  . ASP A 1 52 ? 15.303  1.015   7.411   1.00 23.45 ? 52  ASP A CG  1 
ATOM   410 O  OD1 . ASP A 1 52 ? 15.650  1.828   8.294   1.00 23.71 ? 52  ASP A OD1 1 
ATOM   411 O  OD2 . ASP A 1 52 ? 16.062  0.122   6.959   1.00 24.21 1 52  ASP A OD2 1 
HETATM 412 N  N   . MSE A 1 53 ? 10.589  0.048   7.186   1.00 16.82 ? 53  MSE A N   1 
HETATM 413 C  CA  . MSE A 1 53 ? 9.253   0.228   6.606   1.00 17.01 ? 53  MSE A CA  1 
HETATM 414 C  C   . MSE A 1 53 ? 8.291   0.952   7.538   1.00 16.79 ? 53  MSE A C   1 
HETATM 415 O  O   . MSE A 1 53 ? 8.217   0.645   8.724   1.00 18.30 ? 53  MSE A O   1 
HETATM 416 C  CB  . MSE A 1 53 ? 8.649   -1.124  6.205   1.00 18.44 ? 53  MSE A CB  1 
HETATM 417 C  CG  . MSE A 1 53 ? 9.467   -1.864  5.189   1.00 20.36 ? 53  MSE A CG  1 
HETATM 418 SE SE  . MSE A 1 53 ? 8.518   -3.382  4.436   1.00 27.96 ? 53  MSE A SE  1 
HETATM 419 C  CE  . MSE A 1 53 ? 10.032  -4.129  3.448   1.00 38.44 ? 53  MSE A CE  1 
ATOM   420 N  N   . THR A 1 54 ? 7.539   1.906   6.988   1.00 14.15 ? 54  THR A N   1 
ATOM   421 C  CA  . THR A 1 54 ? 6.626   2.709   7.789   1.00 15.38 ? 54  THR A CA  1 
ATOM   422 C  C   . THR A 1 54 ? 5.218   2.797   7.172   1.00 16.49 ? 54  THR A C   1 
ATOM   423 O  O   . THR A 1 54 ? 4.333   3.460   7.717   1.00 15.07 ? 54  THR A O   1 
ATOM   424 C  CB  . THR A 1 54 ? 7.156   4.144   7.940   1.00 16.74 ? 54  THR A CB  1 
ATOM   425 O  OG1 . THR A 1 54 ? 7.392   4.689   6.633   1.00 15.40 ? 54  THR A OG1 1 
ATOM   426 C  CG2 . THR A 1 54 ? 8.486   4.162   8.758   1.00 16.68 ? 54  THR A CG2 1 
ATOM   427 N  N   . GLY A 1 55 ? 5.009   2.132   6.044   1.00 15.69 ? 55  GLY A N   1 
ATOM   428 C  CA  . GLY A 1 55 ? 3.730   2.219   5.358   1.00 16.83 ? 55  GLY A CA  1 
ATOM   429 C  C   . GLY A 1 55 ? 3.789   1.576   3.989   1.00 17.09 ? 55  GLY A C   1 
ATOM   430 O  O   . GLY A 1 55 ? 4.820   1.018   3.608   1.00 16.46 ? 55  GLY A O   1 
ATOM   431 N  N   . SER A 1 56 ? 2.673   1.657   3.257   1.00 17.69 ? 56  SER A N   1 
ATOM   432 C  CA  . SER A 1 56 ? 2.516   0.993   1.972   1.00 17.81 ? 56  SER A CA  1 
ATOM   433 C  C   . SER A 1 56 ? 2.018   2.007   0.969   1.00 19.53 ? 56  SER A C   1 
ATOM   434 O  O   . SER A 1 56 ? 1.080   2.738   1.262   1.00 19.29 ? 56  SER A O   1 
ATOM   435 C  CB  . SER A 1 56 ? 1.467   -0.113  2.077   1.00 18.67 ? 56  SER A CB  1 
ATOM   436 O  OG  . SER A 1 56 ? 1.882   -1.165  2.925   1.00 22.07 ? 56  SER A OG  1 
ATOM   437 N  N   . PHE A 1 57 ? 2.658   2.061   -0.192  1.00 19.56 ? 57  PHE A N   1 
ATOM   438 C  CA  . PHE A 1 57 ? 2.175   2.875   -1.298  1.00 17.89 ? 57  PHE A CA  1 
ATOM   439 C  C   . PHE A 1 57 ? 2.049   2.063   -2.589  1.00 21.69 ? 57  PHE A C   1 
ATOM   440 O  O   . PHE A 1 57 ? 2.984   1.361   -2.976  1.00 19.26 ? 57  PHE A O   1 
ATOM   441 C  CB  . PHE A 1 57 ? 3.095   4.067   -1.543  1.00 16.89 ? 57  PHE A CB  1 
ATOM   442 C  CG  . PHE A 1 57 ? 2.668   4.889   -2.712  1.00 16.53 ? 57  PHE A CG  1 
ATOM   443 C  CD1 . PHE A 1 57 ? 1.604   5.762   -2.592  1.00 19.28 ? 57  PHE A CD1 1 
ATOM   444 C  CD2 . PHE A 1 57 ? 3.282   4.747   -3.946  1.00 18.64 ? 57  PHE A CD2 1 
ATOM   445 C  CE1 . PHE A 1 57 ? 1.174   6.511   -3.682  1.00 20.11 ? 57  PHE A CE1 1 
ATOM   446 C  CE2 . PHE A 1 57 ? 2.857   5.494   -5.038  1.00 20.67 ? 57  PHE A CE2 1 
ATOM   447 C  CZ  . PHE A 1 57 ? 1.800   6.366   -4.903  1.00 20.83 ? 57  PHE A CZ  1 
ATOM   448 N  N   . LEU A 1 58 ? 0.906   2.189   -3.270  1.00 18.09 ? 58  LEU A N   1 
ATOM   449 C  CA  . LEU A 1 58 ? 0.666   1.469   -4.519  1.00 19.00 ? 58  LEU A CA  1 
ATOM   450 C  C   . LEU A 1 58 ? 0.023   2.407   -5.533  1.00 19.15 ? 58  LEU A C   1 
ATOM   451 O  O   . LEU A 1 58 ? -0.717  3.304   -5.157  1.00 17.90 ? 58  LEU A O   1 
ATOM   452 C  CB  . LEU A 1 58 ? -0.329  0.331   -4.296  1.00 20.77 ? 58  LEU A CB  1 
ATOM   453 C  CG  . LEU A 1 58 ? -0.065  -0.793  -3.307  1.00 26.49 ? 58  LEU A CG  1 
ATOM   454 C  CD1 . LEU A 1 58 ? -1.296  -1.654  -3.202  1.00 27.20 ? 58  LEU A CD1 1 
ATOM   455 C  CD2 . LEU A 1 58 ? 1.122   -1.619  -3.764  1.00 27.32 ? 58  LEU A CD2 1 
ATOM   456 N  N   . ILE A 1 59 ? 0.308   2.191   -6.811  1.00 19.73 ? 59  ILE A N   1 
ATOM   457 C  CA  . ILE A 1 59 ? -0.510  2.762   -7.879  1.00 17.23 ? 59  ILE A CA  1 
ATOM   458 C  C   . ILE A 1 59 ? -1.166  1.576   -8.574  1.00 18.70 ? 59  ILE A C   1 
ATOM   459 O  O   . ILE A 1 59 ? -0.470  0.691   -9.062  1.00 20.51 ? 59  ILE A O   1 
ATOM   460 C  CB  . ILE A 1 59 ? 0.319   3.564   -8.897  1.00 18.42 ? 59  ILE A CB  1 
ATOM   461 C  CG1 . ILE A 1 59 ? 1.038   4.718   -8.201  1.00 20.69 ? 59  ILE A CG1 1 
ATOM   462 C  CG2 . ILE A 1 59 ? -0.591  4.104   -10.025 1.00 18.10 ? 59  ILE A CG2 1 
ATOM   463 C  CD1 . ILE A 1 59 ? 1.918   5.561   -9.138  1.00 21.54 ? 59  ILE A CD1 1 
HETATM 464 N  N   . MSE A 1 60 ? -2.495  1.551   -8.611  1.00 17.89 ? 60  MSE A N   1 
HETATM 465 C  CA  . MSE A 1 60 ? -3.220  0.358   -9.038  1.00 19.52 ? 60  MSE A CA  1 
HETATM 466 C  C   . MSE A 1 60 ? -4.384  0.666   -9.981  1.00 22.35 ? 60  MSE A C   1 
HETATM 467 O  O   . MSE A 1 60 ? -5.070  1.676   -9.827  1.00 22.97 ? 60  MSE A O   1 
HETATM 468 C  CB  . MSE A 1 60 ? -3.748  -0.376  -7.805  1.00 22.49 ? 60  MSE A CB  1 
HETATM 469 C  CG  . MSE A 1 60 ? -4.435  -1.693  -8.077  1.00 28.74 ? 60  MSE A CG  1 
HETATM 470 SE SE  . MSE A 1 60 ? -4.923  -2.559  -6.379  1.00 44.96 ? 60  MSE A SE  1 
HETATM 471 C  CE  . MSE A 1 60 ? -6.645  -1.703  -6.133  1.00 30.19 ? 60  MSE A CE  1 
ATOM   472 N  N   . GLU A 1 61 ? -4.591  -0.212  -10.957 1.00 23.81 ? 61  GLU A N   1 
ATOM   473 C  CA  . GLU A 1 61 ? -5.741  -0.131  -11.855 1.00 24.73 ? 61  GLU A CA  1 
ATOM   474 C  C   . GLU A 1 61 ? -6.989  -0.644  -11.162 1.00 23.66 ? 61  GLU A C   1 
ATOM   475 O  O   . GLU A 1 61 ? -6.952  -1.670  -10.500 1.00 26.07 ? 61  GLU A O   1 
ATOM   476 C  CB  . GLU A 1 61 ? -5.513  -1.001  -13.092 1.00 27.54 ? 61  GLU A CB  1 
ATOM   477 C  CG  . GLU A 1 61 ? -4.371  -0.585  -13.967 1.00 34.36 ? 61  GLU A CG  1 
ATOM   478 C  CD  . GLU A 1 61 ? -4.089  -1.594  -15.075 1.00 51.77 ? 61  GLU A CD  1 
ATOM   479 O  OE1 . GLU A 1 61 ? -2.897  -1.894  -15.324 1.00 53.96 ? 61  GLU A OE1 1 
ATOM   480 O  OE2 . GLU A 1 61 ? -5.057  -2.087  -15.695 1.00 54.80 1 61  GLU A OE2 1 
ATOM   481 N  N   . ALA A 1 62 ? -8.101  0.064   -11.314 1.00 21.36 ? 62  ALA A N   1 
ATOM   482 C  CA  . ALA A 1 62 ? -9.376  -0.444  -10.818 1.00 28.42 ? 62  ALA A CA  1 
ATOM   483 C  C   . ALA A 1 62 ? -10.492 0.164   -11.642 1.00 30.48 ? 62  ALA A C   1 
ATOM   484 O  O   . ALA A 1 62 ? -10.314 1.229   -12.223 1.00 30.67 ? 62  ALA A O   1 
ATOM   485 C  CB  . ALA A 1 62 ? -9.559  -0.125  -9.339  1.00 25.16 ? 62  ALA A CB  1 
ATOM   486 N  N   . GLU A 1 63 ? -11.635 -0.520  -11.692 1.00 32.98 ? 63  GLU A N   1 
ATOM   487 C  CA  . GLU A 1 63 ? -12.766 -0.083  -12.511 1.00 37.43 ? 63  GLU A CA  1 
ATOM   488 C  C   . GLU A 1 63 ? -13.675 0.847   -11.734 1.00 36.70 ? 63  GLU A C   1 
ATOM   489 O  O   . GLU A 1 63 ? -14.556 1.485   -12.309 1.00 37.98 ? 63  GLU A O   1 
ATOM   490 C  CB  . GLU A 1 63 ? -13.577 -1.286  -13.003 1.00 41.04 ? 63  GLU A CB  1 
ATOM   491 C  CG  . GLU A 1 63 ? -12.794 -2.255  -13.883 1.00 47.58 ? 63  GLU A CG  1 
ATOM   492 C  CD  . GLU A 1 63 ? -13.491 -3.604  -14.065 1.00 57.43 ? 63  GLU A CD  1 
ATOM   493 O  OE1 . GLU A 1 63 ? -12.784 -4.604  -14.323 1.00 59.52 ? 63  GLU A OE1 1 
ATOM   494 O  OE2 . GLU A 1 63 ? -14.740 -3.666  -13.954 1.00 52.96 1 63  GLU A OE2 1 
ATOM   495 N  N   . SER A 1 64 ? -13.447 0.948   -10.430 1.00 31.88 ? 64  SER A N   1 
ATOM   496 C  CA  . SER A 1 64 ? -14.351 1.697   -9.572  1.00 32.28 ? 64  SER A CA  1 
ATOM   497 C  C   . SER A 1 64 ? -13.754 1.982   -8.191  1.00 28.77 ? 64  SER A C   1 
ATOM   498 O  O   . SER A 1 64 ? -12.925 1.227   -7.702  1.00 27.23 ? 64  SER A O   1 
ATOM   499 C  CB  . SER A 1 64 ? -15.647 0.900   -9.410  1.00 30.03 ? 64  SER A CB  1 
ATOM   500 O  OG  . SER A 1 64 ? -16.489 1.455   -8.420  1.00 33.20 ? 64  SER A OG  1 
ATOM   501 N  N   . TRP A 1 65 ? -14.200 3.064   -7.562  1.00 27.92 ? 65  TRP A N   1 
ATOM   502 C  CA  . TRP A 1 65 ? -13.905 3.296   -6.154  1.00 28.68 ? 65  TRP A CA  1 
ATOM   503 C  C   . TRP A 1 65 ? -14.390 2.133   -5.286  1.00 32.70 ? 65  TRP A C   1 
ATOM   504 O  O   . TRP A 1 65 ? -13.799 1.839   -4.248  1.00 30.61 ? 65  TRP A O   1 
ATOM   505 C  CB  . TRP A 1 65 ? -14.556 4.591   -5.672  1.00 27.88 ? 65  TRP A CB  1 
ATOM   506 C  CG  . TRP A 1 65 ? -13.755 5.820   -5.903  1.00 27.40 ? 65  TRP A CG  1 
ATOM   507 C  CD1 . TRP A 1 65 ? -13.775 6.627   -7.010  1.00 28.04 ? 65  TRP A CD1 1 
ATOM   508 C  CD2 . TRP A 1 65 ? -12.822 6.410   -4.992  1.00 28.56 ? 65  TRP A CD2 1 
ATOM   509 N  NE1 . TRP A 1 65 ? -12.902 7.675   -6.842  1.00 26.88 ? 65  TRP A NE1 1 
ATOM   510 C  CE2 . TRP A 1 65 ? -12.303 7.563   -5.613  1.00 25.30 ? 65  TRP A CE2 1 
ATOM   511 C  CE3 . TRP A 1 65 ? -12.368 6.068   -3.714  1.00 27.56 ? 65  TRP A CE3 1 
ATOM   512 C  CZ2 . TRP A 1 65 ? -11.357 8.384   -4.996  1.00 26.52 ? 65  TRP A CZ2 1 
ATOM   513 C  CZ3 . TRP A 1 65 ? -11.429 6.884   -3.103  1.00 23.34 ? 65  TRP A CZ3 1 
ATOM   514 C  CH2 . TRP A 1 65 ? -10.933 8.025   -3.743  1.00 23.94 ? 65  TRP A CH2 1 
ATOM   515 N  N   . ASP A 1 66 ? -15.475 1.479   -5.699  1.00 32.98 ? 66  ASP A N   1 
ATOM   516 C  CA  . ASP A 1 66 ? -15.997 0.344   -4.939  1.00 33.60 ? 66  ASP A CA  1 
ATOM   517 C  C   . ASP A 1 66 ? -14.963 -0.772  -4.913  1.00 31.40 ? 66  ASP A C   1 
ATOM   518 O  O   . ASP A 1 66 ? -14.751 -1.427  -3.887  1.00 31.56 ? 66  ASP A O   1 
ATOM   519 C  CB  . ASP A 1 66 ? -17.315 -0.166  -5.533  1.00 35.30 ? 66  ASP A CB  1 
ATOM   520 C  CG  . ASP A 1 66 ? -18.413 0.888   -5.523  1.00 39.45 ? 66  ASP A CG  1 
ATOM   521 O  OD1 . ASP A 1 66 ? -18.308 1.867   -4.751  1.00 41.65 ? 66  ASP A OD1 1 
ATOM   522 O  OD2 . ASP A 1 66 ? -19.389 0.732   -6.289  1.00 41.93 1 66  ASP A OD2 1 
ATOM   523 N  N   . GLU A 1 67 ? -14.299 -0.966  -6.045  1.00 28.27 ? 67  GLU A N   1 
ATOM   524 C  CA  . GLU A 1 67 ? -13.259 -1.979  -6.146  1.00 30.35 ? 67  GLU A CA  1 
ATOM   525 C  C   . GLU A 1 67 ? -12.065 -1.617  -5.258  1.00 28.16 ? 67  GLU A C   1 
ATOM   526 O  O   . GLU A 1 67 ? -11.513 -2.472  -4.561  1.00 26.25 ? 67  GLU A O   1 
ATOM   527 C  CB  . GLU A 1 67 ? -12.821 -2.127  -7.599  1.00 28.18 ? 67  GLU A CB  1 
ATOM   528 C  CG  . GLU A 1 67 ? -11.855 -3.267  -7.855  1.00 35.91 ? 67  GLU A CG  1 
ATOM   529 C  CD  . GLU A 1 67 ? -11.424 -3.342  -9.312  1.00 40.45 ? 67  GLU A CD  1 
ATOM   530 O  OE1 . GLU A 1 67 ? -12.205 -2.898  -10.184 1.00 39.01 ? 67  GLU A OE1 1 
ATOM   531 O  OE2 . GLU A 1 67 ? -10.306 -3.838  -9.578  1.00 45.55 1 67  GLU A OE2 1 
ATOM   532 N  N   . VAL A 1 68 ? -11.671 -0.348  -5.290  1.00 27.08 ? 68  VAL A N   1 
ATOM   533 C  CA  . VAL A 1 68 ? -10.579 0.118   -4.444  1.00 26.77 ? 68  VAL A CA  1 
ATOM   534 C  C   . VAL A 1 68 ? -10.941 -0.069  -2.974  1.00 30.60 ? 68  VAL A C   1 
ATOM   535 O  O   . VAL A 1 68 ? -10.125 -0.549  -2.179  1.00 27.98 ? 68  VAL A O   1 
ATOM   536 C  CB  . VAL A 1 68 ? -10.244 1.596   -4.734  1.00 25.89 ? 68  VAL A CB  1 
ATOM   537 C  CG1 . VAL A 1 68 ? -9.274  2.138   -3.699  1.00 24.51 ? 68  VAL A CG1 1 
ATOM   538 C  CG2 . VAL A 1 68 ? -9.671  1.733   -6.128  1.00 22.35 ? 68  VAL A CG2 1 
ATOM   539 N  N   . HIS A 1 69 ? -12.172 0.291   -2.624  1.00 27.87 ? 69  HIS A N   1 
ATOM   540 C  CA  . HIS A 1 69 ? -12.654 0.167   -1.253  1.00 30.56 ? 69  HIS A CA  1 
ATOM   541 C  C   . HIS A 1 69 ? -12.560 -1.273  -0.760  1.00 35.35 ? 69  HIS A C   1 
ATOM   542 O  O   . HIS A 1 69 ? -12.073 -1.529  0.343   1.00 33.99 ? 69  HIS A O   1 
ATOM   543 C  CB  . HIS A 1 69 ? -14.093 0.687   -1.148  1.00 37.95 ? 69  HIS A CB  1 
ATOM   544 C  CG  . HIS A 1 69 ? -14.609 0.787   0.256   1.00 44.01 ? 69  HIS A CG  1 
ATOM   545 N  ND1 . HIS A 1 69 ? -15.032 -0.311  0.976   1.00 47.36 ? 69  HIS A ND1 1 
ATOM   546 C  CD2 . HIS A 1 69 ? -14.790 1.859   1.065   1.00 45.31 ? 69  HIS A CD2 1 
ATOM   547 C  CE1 . HIS A 1 69 ? -15.440 0.079   2.171   1.00 49.60 ? 69  HIS A CE1 1 
ATOM   548 N  NE2 . HIS A 1 69 ? -15.305 1.391   2.251   1.00 47.33 ? 69  HIS A NE2 1 
ATOM   549 N  N   . SER A 1 70 ? -13.007 -2.218  -1.579  1.00 32.12 ? 70  SER A N   1 
ATOM   550 C  CA  . SER A 1 70 ? -12.955 -3.614  -1.180  1.00 34.55 ? 70  SER A CA  1 
ATOM   551 C  C   . SER A 1 70 ? -11.513 -4.104  -1.080  1.00 35.55 ? 70  SER A C   1 
ATOM   552 O  O   . SER A 1 70 ? -11.173 -4.854  -0.159  1.00 34.36 ? 70  SER A O   1 
ATOM   553 C  CB  . SER A 1 70 ? -13.754 -4.499  -2.142  1.00 37.33 ? 70  SER A CB  1 
ATOM   554 O  OG  . SER A 1 70 ? -13.003 -4.759  -3.317  1.00 43.93 ? 70  SER A OG  1 
ATOM   555 N  N   . PHE A 1 71 ? -10.670 -3.679  -2.020  1.00 32.78 ? 71  PHE A N   1 
ATOM   556 C  CA  . PHE A 1 71 ? -9.262  -4.064  -1.995  1.00 33.07 ? 71  PHE A CA  1 
ATOM   557 C  C   . PHE A 1 71 ? -8.597  -3.651  -0.691  1.00 30.97 ? 71  PHE A C   1 
ATOM   558 O  O   . PHE A 1 71 ? -7.807  -4.403  -0.112  1.00 31.12 ? 71  PHE A O   1 
ATOM   559 C  CB  . PHE A 1 71 ? -8.485  -3.440  -3.152  1.00 31.84 ? 71  PHE A CB  1 
ATOM   560 C  CG  . PHE A 1 71 ? -6.995  -3.455  -2.939  1.00 29.62 ? 71  PHE A CG  1 
ATOM   561 C  CD1 . PHE A 1 71 ? -6.256  -4.598  -3.218  1.00 31.63 ? 71  PHE A CD1 1 
ATOM   562 C  CD2 . PHE A 1 71 ? -6.337  -2.333  -2.438  1.00 29.94 ? 71  PHE A CD2 1 
ATOM   563 C  CE1 . PHE A 1 71 ? -4.882  -4.629  -3.011  1.00 32.19 ? 71  PHE A CE1 1 
ATOM   564 C  CE2 . PHE A 1 71 ? -4.966  -2.351  -2.221  1.00 30.21 ? 71  PHE A CE2 1 
ATOM   565 C  CZ  . PHE A 1 71 ? -4.233  -3.502  -2.508  1.00 30.25 ? 71  PHE A CZ  1 
ATOM   566 N  N   . VAL A 1 72 ? -8.893  -2.435  -0.258  1.00 30.96 ? 72  VAL A N   1 
ATOM   567 C  CA  . VAL A 1 72 ? -8.332  -1.912  0.973   1.00 33.28 ? 72  VAL A CA  1 
ATOM   568 C  C   . VAL A 1 72 ? -8.927  -2.668  2.152   1.00 34.22 ? 72  VAL A C   1 
ATOM   569 O  O   . VAL A 1 72 ? -8.202  -3.119  3.026   1.00 32.14 ? 72  VAL A O   1 
ATOM   570 C  CB  . VAL A 1 72 ? -8.600  -0.408  1.111   1.00 30.84 ? 72  VAL A CB  1 
ATOM   571 C  CG1 . VAL A 1 72 ? -8.442  0.043   2.551   1.00 33.45 ? 72  VAL A CG1 1 
ATOM   572 C  CG2 . VAL A 1 72 ? -7.675  0.387   0.184   1.00 28.33 ? 72  VAL A CG2 1 
ATOM   573 N  N   . GLU A 1 73 ? -10.244 -2.832  2.150   1.00 31.63 ? 73  GLU A N   1 
ATOM   574 C  CA  . GLU A 1 73 ? -10.941 -3.478  3.264   1.00 37.43 ? 73  GLU A CA  1 
ATOM   575 C  C   . GLU A 1 73 ? -10.489 -4.925  3.507   1.00 37.71 ? 73  GLU A C   1 
ATOM   576 O  O   . GLU A 1 73 ? -10.498 -5.405  4.642   1.00 38.90 ? 73  GLU A O   1 
ATOM   577 C  CB  . GLU A 1 73 ? -12.455 -3.422  3.042   1.00 42.58 ? 73  GLU A CB  1 
ATOM   578 C  CG  . GLU A 1 73 ? -13.267 -3.178  4.305   1.00 52.69 ? 73  GLU A CG  1 
ATOM   579 C  CD  . GLU A 1 73 ? -13.059 -1.785  4.887   1.00 54.98 ? 73  GLU A CD  1 
ATOM   580 O  OE1 . GLU A 1 73 ? -14.025 -0.990  4.902   1.00 57.43 ? 73  GLU A OE1 1 
ATOM   581 O  OE2 . GLU A 1 73 ? -11.932 -1.485  5.342   1.00 55.75 1 73  GLU A OE2 1 
ATOM   582 N  N   . ASN A 1 74 ? -10.078 -5.614  2.448   1.00 33.86 ? 74  ASN A N   1 
ATOM   583 C  CA  . ASN A 1 74 ? -9.730  -7.030  2.556   1.00 34.55 ? 74  ASN A CA  1 
ATOM   584 C  C   . ASN A 1 74 ? -8.253  -7.348  2.775   1.00 33.03 ? 74  ASN A C   1 
ATOM   585 O  O   . ASN A 1 74 ? -7.887  -8.504  2.930   1.00 30.00 ? 74  ASN A O   1 
ATOM   586 C  CB  . ASN A 1 74 ? -10.247 -7.789  1.336   1.00 36.46 ? 74  ASN A CB  1 
ATOM   587 C  CG  . ASN A 1 74 ? -11.727 -8.076  1.429   1.00 40.07 ? 74  ASN A CG  1 
ATOM   588 O  OD1 . ASN A 1 74 ? -12.131 -9.164  1.831   1.00 43.34 ? 74  ASN A OD1 1 
ATOM   589 N  ND2 . ASN A 1 74 ? -12.547 -7.087  1.086   1.00 40.05 ? 74  ASN A ND2 1 
ATOM   590 N  N   . ASP A 1 75 ? -7.411  -6.318  2.773   1.00 28.88 ? 75  ASP A N   1 
ATOM   591 C  CA  . ASP A 1 75 ? -5.972  -6.467  2.966   1.00 27.16 ? 75  ASP A CA  1 
ATOM   592 C  C   . ASP A 1 75 ? -5.710  -6.988  4.381   1.00 22.82 ? 75  ASP A C   1 
ATOM   593 O  O   . ASP A 1 75 ? -6.276  -6.469  5.335   1.00 27.41 ? 75  ASP A O   1 
ATOM   594 C  CB  . ASP A 1 75 ? -5.332  -5.079  2.782   1.00 29.70 ? 75  ASP A CB  1 
ATOM   595 C  CG  . ASP A 1 75 ? -3.810  -5.108  2.706   1.00 27.43 ? 75  ASP A CG  1 
ATOM   596 O  OD1 . ASP A 1 75 ? -3.159  -6.041  3.230   1.00 25.68 ? 75  ASP A OD1 1 
ATOM   597 O  OD2 . ASP A 1 75 ? -3.256  -4.150  2.123   1.00 27.14 1 75  ASP A OD2 1 
ATOM   598 N  N   . PRO A 1 76 ? -4.869  -8.030  4.515   1.00 24.55 ? 76  PRO A N   1 
ATOM   599 C  CA  . PRO A 1 76 ? -4.428  -8.506  5.830   1.00 24.97 ? 76  PRO A CA  1 
ATOM   600 C  C   . PRO A 1 76 ? -3.888  -7.376  6.719   1.00 26.22 ? 76  PRO A C   1 
ATOM   601 O  O   . PRO A 1 76 ? -4.093  -7.402  7.931   1.00 24.46 ? 76  PRO A O   1 
ATOM   602 C  CB  . PRO A 1 76 ? -3.294  -9.470  5.475   1.00 27.67 ? 76  PRO A CB  1 
ATOM   603 C  CG  . PRO A 1 76 ? -3.708  -10.032 4.158   1.00 29.82 ? 76  PRO A CG  1 
ATOM   604 C  CD  . PRO A 1 76 ? -4.344  -8.878  3.428   1.00 27.06 ? 76  PRO A CD  1 
ATOM   605 N  N   . PHE A 1 77 ? -3.207  -6.402  6.121   1.00 24.56 ? 77  PHE A N   1 
ATOM   606 C  CA  . PHE A 1 77 ? -2.697  -5.248  6.865   1.00 23.77 ? 77  PHE A CA  1 
ATOM   607 C  C   . PHE A 1 77 ? -3.848  -4.440  7.457   1.00 24.46 ? 77  PHE A C   1 
ATOM   608 O  O   . PHE A 1 77 ? -3.797  -4.012  8.612   1.00 21.71 ? 77  PHE A O   1 
ATOM   609 C  CB  . PHE A 1 77 ? -1.849  -4.345  5.955   1.00 22.62 ? 77  PHE A CB  1 
ATOM   610 C  CG  . PHE A 1 77 ? -0.404  -4.752  5.849   1.00 22.61 ? 77  PHE A CG  1 
ATOM   611 C  CD1 . PHE A 1 77 ? 0.143   -5.706  6.709   1.00 22.72 ? 77  PHE A CD1 1 
ATOM   612 C  CD2 . PHE A 1 77 ? 0.421   -4.153  4.908   1.00 21.38 ? 77  PHE A CD2 1 
ATOM   613 C  CE1 . PHE A 1 77 ? 1.482   -6.061  6.612   1.00 22.52 ? 77  PHE A CE1 1 
ATOM   614 C  CE2 . PHE A 1 77 ? 1.759   -4.499  4.811   1.00 22.80 ? 77  PHE A CE2 1 
ATOM   615 C  CZ  . PHE A 1 77 ? 2.292   -5.462  5.670   1.00 21.68 ? 77  PHE A CZ  1 
ATOM   616 N  N   . THR A 1 78 ? -4.895  -4.231  6.665   1.00 24.74 ? 78  THR A N   1 
ATOM   617 C  CA  . THR A 1 78 ? -6.053  -3.493  7.153   1.00 24.83 ? 78  THR A CA  1 
ATOM   618 C  C   . THR A 1 78 ? -6.767  -4.256  8.258   1.00 25.98 ? 78  THR A C   1 
ATOM   619 O  O   . THR A 1 78 ? -7.142  -3.684  9.282   1.00 28.26 ? 78  THR A O   1 
ATOM   620 C  CB  . THR A 1 78 ? -7.047  -3.203  6.016   1.00 29.66 ? 78  THR A CB  1 
ATOM   621 O  OG1 . THR A 1 78 ? -6.378  -2.445  5.005   1.00 29.93 ? 78  THR A OG1 1 
ATOM   622 C  CG2 . THR A 1 78 ? -8.234  -2.417  6.528   1.00 31.53 ? 78  THR A CG2 1 
ATOM   623 N  N   . LYS A 1 79 ? -6.946  -5.556  8.048   1.00 27.03 ? 79  LYS A N   1 
ATOM   624 C  CA  . LYS A 1 79 ? -7.632  -6.389  9.027   1.00 30.83 ? 79  LYS A CA  1 
ATOM   625 C  C   . LYS A 1 79 ? -6.855  -6.500  10.342  1.00 27.68 ? 79  LYS A C   1 
ATOM   626 O  O   . LYS A 1 79 ? -7.446  -6.699  11.399  1.00 27.25 ? 79  LYS A O   1 
ATOM   627 C  CB  . LYS A 1 79 ? -7.933  -7.774  8.440   1.00 31.21 ? 79  LYS A CB  1 
ATOM   628 C  CG  . LYS A 1 79 ? -9.127  -7.762  7.481   1.00 33.97 ? 79  LYS A CG  1 
ATOM   629 C  CD  . LYS A 1 79 ? -9.468  -9.148  6.958   1.00 38.51 ? 79  LYS A CD  1 
ATOM   630 C  CE  . LYS A 1 79 ? -8.395  -9.669  6.011   1.00 38.82 ? 79  LYS A CE  1 
ATOM   631 N  NZ  . LYS A 1 79 ? -8.801  -10.956 5.373   1.00 45.40 1 79  LYS A NZ  1 
ATOM   632 N  N   . ALA A 1 80 ? -5.537  -6.347  10.266  1.00 25.52 ? 80  ALA A N   1 
ATOM   633 C  CA  . ALA A 1 80 ? -4.679  -6.387  11.450  1.00 24.12 ? 80  ALA A CA  1 
ATOM   634 C  C   . ALA A 1 80 ? -4.641  -5.051  12.185  1.00 23.34 ? 80  ALA A C   1 
ATOM   635 O  O   . ALA A 1 80 ? -4.051  -4.945  13.259  1.00 23.98 ? 80  ALA A O   1 
ATOM   636 C  CB  . ALA A 1 80 ? -3.266  -6.813  11.061  1.00 25.42 ? 80  ALA A CB  1 
ATOM   637 N  N   . GLY A 1 81 ? -5.255  -4.022  11.601  1.00 23.39 ? 81  GLY A N   1 
ATOM   638 C  CA  . GLY A 1 81 ? -5.257  -2.701  12.209  1.00 22.63 ? 81  GLY A CA  1 
ATOM   639 C  C   . GLY A 1 81 ? -3.908  -1.999  12.170  1.00 21.51 ? 81  GLY A C   1 
ATOM   640 O  O   . GLY A 1 81 ? -3.560  -1.259  13.083  1.00 19.82 ? 81  GLY A O   1 
ATOM   641 N  N   . LEU A 1 82 ? -3.163  -2.206  11.093  1.00 18.55 ? 82  LEU A N   1 
ATOM   642 C  CA  . LEU A 1 82 ? -1.820  -1.654  10.985  1.00 18.03 ? 82  LEU A CA  1 
ATOM   643 C  C   . LEU A 1 82 ? -1.798  -0.136  10.797  1.00 18.47 ? 82  LEU A C   1 
ATOM   644 O  O   . LEU A 1 82 ? -0.902  0.535   11.297  1.00 18.02 ? 82  LEU A O   1 
ATOM   645 C  CB  . LEU A 1 82 ? -1.058  -2.336  9.845   1.00 17.10 ? 82  LEU A CB  1 
ATOM   646 C  CG  . LEU A 1 82 ? 0.348   -1.818  9.527   1.00 17.46 ? 82  LEU A CG  1 
ATOM   647 C  CD1 . LEU A 1 82 ? 1.274   -1.960  10.764  1.00 17.08 ? 82  LEU A CD1 1 
ATOM   648 C  CD2 . LEU A 1 82 ? 0.923   -2.539  8.323   1.00 18.58 ? 82  LEU A CD2 1 
ATOM   649 N  N   . PHE A 1 83 ? -2.789  0.410   10.089  1.00 19.00 ? 83  PHE A N   1 
ATOM   650 C  CA  . PHE A 1 83 ? -2.670  1.777   9.575   1.00 16.55 ? 83  PHE A CA  1 
ATOM   651 C  C   . PHE A 1 83 ? -3.310  2.889   10.411  1.00 18.58 ? 83  PHE A C   1 
ATOM   652 O  O   . PHE A 1 83 ? -4.375  2.705   11.004  1.00 20.76 ? 83  PHE A O   1 
ATOM   653 C  CB  . PHE A 1 83 ? -3.228  1.824   8.151   1.00 17.39 ? 83  PHE A CB  1 
ATOM   654 C  CG  . PHE A 1 83 ? -2.540  0.889   7.207   1.00 17.77 ? 83  PHE A CG  1 
ATOM   655 C  CD1 . PHE A 1 83 ? -1.181  1.016   6.948   1.00 18.49 ? 83  PHE A CD1 1 
ATOM   656 C  CD2 . PHE A 1 83 ? -3.247  -0.107  6.569   1.00 20.44 ? 83  PHE A CD2 1 
ATOM   657 C  CE1 . PHE A 1 83 ? -0.547  0.156   6.057   1.00 18.89 ? 83  PHE A CE1 1 
ATOM   658 C  CE2 . PHE A 1 83 ? -2.625  -0.961  5.686   1.00 21.80 ? 83  PHE A CE2 1 
ATOM   659 C  CZ  . PHE A 1 83 ? -1.284  -0.838  5.428   1.00 16.92 ? 83  PHE A CZ  1 
ATOM   660 N  N   . ALA A 1 84 ? -2.652  4.050   10.433  1.00 16.27 ? 84  ALA A N   1 
ATOM   661 C  CA  . ALA A 1 84 ? -3.190  5.242   11.070  1.00 17.64 ? 84  ALA A CA  1 
ATOM   662 C  C   . ALA A 1 84 ? -3.807  6.176   10.025  1.00 19.63 ? 84  ALA A C   1 
ATOM   663 O  O   . ALA A 1 84 ? -4.631  7.034   10.358  1.00 20.15 ? 84  ALA A O   1 
ATOM   664 C  CB  . ALA A 1 84 ? -2.090  5.972   11.845  1.00 17.64 ? 84  ALA A CB  1 
ATOM   665 N  N   . ALA A 1 85 ? -3.390  6.021   8.769   1.00 16.43 ? 85  ALA A N   1 
ATOM   666 C  CA  . ALA A 1 85 ? -3.833  6.919   7.700   1.00 15.70 ? 85  ALA A CA  1 
ATOM   667 C  C   . ALA A 1 85 ? -3.998  6.144   6.406   1.00 17.17 ? 85  ALA A C   1 
ATOM   668 O  O   . ALA A 1 85 ? -3.209  5.242   6.112   1.00 15.49 ? 85  ALA A O   1 
ATOM   669 C  CB  . ALA A 1 85 ? -2.819  8.049   7.502   1.00 17.98 ? 85  ALA A CB  1 
ATOM   670 N  N   . THR A 1 86 ? -5.014  6.511   5.629   1.00 15.49 ? 86  THR A N   1 
ATOM   671 C  CA  . THR A 1 86 ? -5.252  5.912   4.318   1.00 14.83 ? 86  THR A CA  1 
ATOM   672 C  C   . THR A 1 86 ? -5.691  7.052   3.411   1.00 18.95 ? 86  THR A C   1 
ATOM   673 O  O   . THR A 1 86 ? -6.603  7.795   3.765   1.00 18.18 ? 86  THR A O   1 
ATOM   674 C  CB  . THR A 1 86 ? -6.381  4.859   4.379   1.00 20.97 ? 86  THR A CB  1 
ATOM   675 O  OG1 . THR A 1 86 ? -5.984  3.768   5.214   1.00 21.91 ? 86  THR A OG1 1 
ATOM   676 C  CG2 . THR A 1 86 ? -6.701  4.317   2.990   1.00 20.25 ? 86  THR A CG2 1 
ATOM   677 N  N   . ILE A 1 87 ? -5.029  7.213   2.268   1.00 15.84 ? 87  ILE A N   1 
ATOM   678 C  CA  . ILE A 1 87 ? -5.398  8.262   1.315   1.00 17.18 ? 87  ILE A CA  1 
ATOM   679 C  C   . ILE A 1 87 ? -5.498  7.630   -0.058  1.00 19.64 ? 87  ILE A C   1 
ATOM   680 O  O   . ILE A 1 87 ? -4.577  6.931   -0.474  1.00 17.89 ? 87  ILE A O   1 
ATOM   681 C  CB  . ILE A 1 87 ? -4.357  9.396   1.300   1.00 17.32 ? 87  ILE A CB  1 
ATOM   682 C  CG1 . ILE A 1 87 ? -4.222  10.006  2.702   1.00 16.93 ? 87  ILE A CG1 1 
ATOM   683 C  CG2 . ILE A 1 87 ? -4.736  10.476  0.266   1.00 18.48 ? 87  ILE A CG2 1 
ATOM   684 C  CD1 . ILE A 1 87 ? -3.109  11.083  2.832   1.00 18.64 ? 87  ILE A CD1 1 
ATOM   685 N  N   . VAL A 1 88 ? -6.625  7.842   -0.739  1.00 14.98 ? 88  VAL A N   1 
ATOM   686 C  CA  . VAL A 1 88 ? -6.815  7.294   -2.082  1.00 16.24 ? 88  VAL A CA  1 
ATOM   687 C  C   . VAL A 1 88 ? -7.146  8.420   -3.056  1.00 16.78 ? 88  VAL A C   1 
ATOM   688 O  O   . VAL A 1 88 ? -7.947  9.297   -2.742  1.00 15.73 ? 88  VAL A O   1 
ATOM   689 C  CB  . VAL A 1 88 ? -7.921  6.220   -2.098  1.00 17.20 ? 88  VAL A CB  1 
ATOM   690 C  CG1 . VAL A 1 88 ? -8.153  5.713   -3.510  1.00 17.16 ? 88  VAL A CG1 1 
ATOM   691 C  CG2 . VAL A 1 88 ? -7.549  5.045   -1.149  1.00 15.40 ? 88  VAL A CG2 1 
ATOM   692 N  N   . GLU A 1 89 ? -6.528  8.399   -4.234  1.00 15.62 ? 89  GLU A N   1 
ATOM   693 C  CA  . GLU A 1 89 ? -6.771  9.447   -5.230  1.00 17.84 ? 89  GLU A CA  1 
ATOM   694 C  C   . GLU A 1 89 ? -6.797  8.850   -6.627  1.00 16.57 ? 89  GLU A C   1 
ATOM   695 O  O   . GLU A 1 89 ? -5.929  8.054   -6.966  1.00 16.50 ? 89  GLU A O   1 
ATOM   696 C  CB  . GLU A 1 89 ? -5.640  10.482  -5.213  1.00 21.46 ? 89  GLU A CB  1 
ATOM   697 C  CG  . GLU A 1 89 ? -5.422  11.230  -3.918  1.00 20.01 ? 89  GLU A CG  1 
ATOM   698 C  CD  . GLU A 1 89 ? -6.368  12.398  -3.735  1.00 25.48 ? 89  GLU A CD  1 
ATOM   699 O  OE1 . GLU A 1 89 ? -7.236  12.621  -4.599  1.00 26.53 ? 89  GLU A OE1 1 
ATOM   700 O  OE2 . GLU A 1 89 ? -6.238  13.095  -2.714  1.00 27.51 1 89  GLU A OE2 1 
ATOM   701 N  N   . ARG A 1 90 ? -7.769  9.244   -7.445  1.00 17.16 ? 90  ARG A N   1 
ATOM   702 C  CA  . ARG A 1 90 ? -7.697  8.919   -8.860  1.00 17.63 ? 90  ARG A CA  1 
ATOM   703 C  C   . ARG A 1 90 ? -6.514  9.711   -9.437  1.00 16.99 ? 90  ARG A C   1 
ATOM   704 O  O   . ARG A 1 90 ? -6.199  10.799  -8.961  1.00 15.62 ? 90  ARG A O   1 
ATOM   705 C  CB  . ARG A 1 90 ? -9.024  9.272   -9.560  1.00 18.21 ? 90  ARG A CB  1 
ATOM   706 C  CG  . ARG A 1 90 ? -9.155  8.722   -10.968 1.00 20.62 ? 90  ARG A CG  1 
ATOM   707 C  CD  . ARG A 1 90 ? -10.589 8.835   -11.477 1.00 20.63 ? 90  ARG A CD  1 
ATOM   708 N  NE  . ARG A 1 90 ? -11.046 10.211  -11.671 1.00 20.98 ? 90  ARG A NE  1 
ATOM   709 C  CZ  . ARG A 1 90 ? -11.037 10.835  -12.844 1.00 21.40 ? 90  ARG A CZ  1 
ATOM   710 N  NH1 . ARG A 1 90 ? -10.562 10.214  -13.909 1.00 18.35 1 90  ARG A NH1 1 
ATOM   711 N  NH2 . ARG A 1 90 ? -11.497 12.077  -12.952 1.00 21.61 ? 90  ARG A NH2 1 
ATOM   712 N  N   . TRP A 1 91 ? -5.846  9.161   -10.445 1.00 16.09 ? 91  TRP A N   1 
ATOM   713 C  CA  . TRP A 1 91 ? -4.582  9.712   -10.898 1.00 17.43 ? 91  TRP A CA  1 
ATOM   714 C  C   . TRP A 1 91 ? -4.269  9.251   -12.316 1.00 17.02 ? 91  TRP A C   1 
ATOM   715 O  O   . TRP A 1 91 ? -4.751  8.203   -12.750 1.00 18.57 ? 91  TRP A O   1 
ATOM   716 C  CB  . TRP A 1 91 ? -3.476  9.254   -9.933  1.00 17.31 ? 91  TRP A CB  1 
ATOM   717 C  CG  . TRP A 1 91 ? -2.091  9.714   -10.275 1.00 15.66 ? 91  TRP A CG  1 
ATOM   718 C  CD1 . TRP A 1 91 ? -1.509  10.895  -9.926  1.00 16.48 ? 91  TRP A CD1 1 
ATOM   719 C  CD2 . TRP A 1 91 ? -1.101  8.978   -11.007 1.00 17.36 ? 91  TRP A CD2 1 
ATOM   720 N  NE1 . TRP A 1 91 ? -0.221  10.950  -10.415 1.00 18.60 ? 91  TRP A NE1 1 
ATOM   721 C  CE2 . TRP A 1 91 ? 0.054   9.781   -11.071 1.00 18.29 ? 91  TRP A CE2 1 
ATOM   722 C  CE3 . TRP A 1 91 ? -1.080  7.714   -11.608 1.00 17.89 ? 91  TRP A CE3 1 
ATOM   723 C  CZ2 . TRP A 1 91 ? 1.212   9.371   -11.724 1.00 19.58 ? 91  TRP A CZ2 1 
ATOM   724 C  CZ3 . TRP A 1 91 ? 0.066   7.309   -12.254 1.00 22.21 ? 91  TRP A CZ3 1 
ATOM   725 C  CH2 . TRP A 1 91 ? 1.196   8.132   -12.308 1.00 19.01 ? 91  TRP A CH2 1 
ATOM   726 N  N   . LYS A 1 92 ? -3.485  10.044  -13.041 1.00 19.49 ? 92  LYS A N   1 
ATOM   727 C  CA  . LYS A 1 92 ? -2.995  9.622   -14.347 1.00 21.83 ? 92  LYS A CA  1 
ATOM   728 C  C   . LYS A 1 92 ? -1.543  10.038  -14.542 1.00 20.21 ? 92  LYS A C   1 
ATOM   729 O  O   . LYS A 1 92 ? -1.063  10.983  -13.903 1.00 19.63 ? 92  LYS A O   1 
ATOM   730 C  CB  . LYS A 1 92 ? -3.865  10.201  -15.472 1.00 19.65 ? 92  LYS A CB  1 
ATOM   731 C  CG  . LYS A 1 92 ? -3.732  11.706  -15.627 1.00 19.28 ? 92  LYS A CG  1 
ATOM   732 C  CD  . LYS A 1 92 ? -4.350  12.178  -16.953 1.00 23.40 ? 92  LYS A CD  1 
ATOM   733 C  CE  . LYS A 1 92 ? -3.884  13.582  -17.298 1.00 29.22 ? 92  LYS A CE  1 
ATOM   734 N  NZ  . LYS A 1 92 ? -4.416  14.057  -18.613 1.00 35.43 1 92  LYS A NZ  1 
ATOM   735 N  N   . HIS A 1 93 ? -0.831  9.332   -15.413 1.00 21.28 ? 93  HIS A N   1 
ATOM   736 C  CA  . HIS A 1 93 ? 0.526   9.758   -15.766 1.00 22.03 ? 93  HIS A CA  1 
ATOM   737 C  C   . HIS A 1 93 ? 0.459   11.091  -16.501 1.00 25.03 ? 93  HIS A C   1 
ATOM   738 O  O   . HIS A 1 93 ? -0.446  11.302  -17.311 1.00 26.32 ? 93  HIS A O   1 
ATOM   739 C  CB  . HIS A 1 93 ? 1.199   8.732   -16.678 1.00 24.76 ? 93  HIS A CB  1 
ATOM   740 C  CG  . HIS A 1 93 ? 1.505   7.430   -16.011 1.00 28.33 ? 93  HIS A CG  1 
ATOM   741 N  ND1 . HIS A 1 93 ? 2.720   7.167   -15.417 1.00 31.57 ? 93  HIS A ND1 1 
ATOM   742 C  CD2 . HIS A 1 93 ? 0.760   6.309   -15.858 1.00 27.61 ? 93  HIS A CD2 1 
ATOM   743 C  CE1 . HIS A 1 93 ? 2.710   5.943   -14.919 1.00 26.22 ? 93  HIS A CE1 1 
ATOM   744 N  NE2 . HIS A 1 93 ? 1.534   5.400   -15.177 1.00 30.87 ? 93  HIS A NE2 1 
ATOM   745 N  N   . GLY A 1 94 ? 1.404   11.987  -16.225 1.00 22.02 ? 94  GLY A N   1 
ATOM   746 C  CA  . GLY A 1 94 ? 1.492   13.241  -16.964 1.00 31.73 ? 94  GLY A CA  1 
ATOM   747 C  C   . GLY A 1 94 ? 1.712   12.979  -18.447 1.00 38.43 ? 94  GLY A C   1 
ATOM   748 O  O   . GLY A 1 94 ? 2.533   12.136  -18.814 1.00 39.72 ? 94  GLY A O   1 
ATOM   749 N  N   . LYS A 1 95 ? 1.035   13.644  -19.353 1.00 40.48 ? 95  LYS A N   1 
ATOM   750 C  CA  . LYS A 1 95 ? 1.058   13.185  -20.768 1.00 50.59 ? 95  LYS A CA  1 
ATOM   751 C  C   . LYS A 1 95 ? 2.075   13.740  -21.731 1.00 54.28 ? 95  LYS A C   1 
ATOM   752 O  O   . LYS A 1 95 ? 2.217   13.243  -22.798 1.00 60.62 ? 95  LYS A O   1 
ATOM   753 C  CB  . LYS A 1 95 ? -0.354  13.173  -21.411 1.00 48.96 ? 95  LYS A CB  1 
ATOM   754 C  CG  . LYS A 1 95 ? -1.178  11.887  -21.125 1.00 54.04 ? 95  LYS A CG  1 
ATOM   755 C  CD  . LYS A 1 95 ? -2.621  11.862  -21.701 1.00 55.62 ? 95  LYS A CD  1 
ATOM   756 C  CE  . LYS A 1 95 ? -3.705  11.455  -20.684 1.00 53.92 ? 95  LYS A CE  1 
ATOM   757 N  NZ  . LYS A 1 95 ? -4.058  9.995   -20.480 1.00 48.03 1 95  LYS A NZ  1 
ATOM   758 N  N   . HIS A 1 96 ? 2.780   14.772  -21.366 1.00 52.50 ? 96  HIS A N   1 
ATOM   759 C  CA  . HIS A 1 96 ? 4.123   14.983  -21.808 1.00 54.02 ? 96  HIS A CA  1 
ATOM   760 C  C   . HIS A 1 96 ? 4.855   13.773  -21.225 1.00 59.72 ? 96  HIS A C   1 
ATOM   761 O  O   . HIS A 1 96 ? 4.419   12.638  -21.359 1.00 64.07 ? 96  HIS A O   1 
ATOM   762 C  CB  . HIS A 1 96 ? 4.625   16.204  -21.103 1.00 53.29 ? 96  HIS A CB  1 
ATOM   763 C  CG  . HIS A 1 96 ? 3.908   16.426  -19.840 1.00 48.36 ? 96  HIS A CG  1 
ATOM   764 N  ND1 . HIS A 1 96 ? 2.636   16.918  -19.812 1.00 47.09 ? 96  HIS A ND1 1 
ATOM   765 C  CD2 . HIS A 1 96 ? 4.206   16.053  -18.580 1.00 46.99 ? 96  HIS A CD2 1 
ATOM   766 C  CE1 . HIS A 1 96 ? 2.213   16.924  -18.567 1.00 43.25 ? 96  HIS A CE1 1 
ATOM   767 N  NE2 . HIS A 1 96 ? 3.141   16.393  -17.805 1.00 42.52 ? 96  HIS A NE2 1 
ATOM   768 N  N   . ASN A 1 97 ? 5.953   14.003  -20.539 1.00 59.13 ? 97  ASN A N   1 
ATOM   769 C  CA  . ASN A 1 97 ? 6.482   12.969  -19.674 1.00 59.07 ? 97  ASN A CA  1 
ATOM   770 C  C   . ASN A 1 97 ? 7.420   13.518  -18.646 1.00 60.12 ? 97  ASN A C   1 
ATOM   771 O  O   . ASN A 1 97 ? 8.241   14.345  -18.960 1.00 64.17 ? 97  ASN A O   1 
ATOM   772 C  CB  . ASN A 1 97 ? 7.174   11.836  -20.398 1.00 61.72 ? 97  ASN A CB  1 
ATOM   773 C  CG  . ASN A 1 97 ? 7.799   10.870  -19.421 1.00 63.74 ? 97  ASN A CG  1 
ATOM   774 O  OD1 . ASN A 1 97 ? 8.328   11.294  -18.426 1.00 60.90 ? 97  ASN A OD1 1 
ATOM   775 N  ND2 . ASN A 1 97 ? 7.701   9.586   -19.673 1.00 65.27 ? 97  ASN A ND2 1 
ATOM   776 N  N   . ASP A 1 98 ? 7.244   13.055  -17.422 1.00 60.30 ? 98  ASP A N   1 
ATOM   777 C  CA  . ASP A 1 98 ? 8.097   13.308  -16.289 1.00 52.68 ? 98  ASP A CA  1 
ATOM   778 C  C   . ASP A 1 98 ? 8.095   12.011  -15.493 1.00 47.14 ? 98  ASP A C   1 
ATOM   779 O  O   . ASP A 1 98 ? 8.892   11.104  -15.723 1.00 46.47 ? 98  ASP A O   1 
ATOM   780 C  CB  . ASP A 1 98 ? 7.488   14.406  -15.457 1.00 49.51 ? 98  ASP A CB  1 
ATOM   781 C  CG  . ASP A 1 98 ? 6.022   14.264  -15.329 1.00 42.76 ? 98  ASP A CG  1 
ATOM   782 O  OD1 . ASP A 1 98 ? 5.406   13.674  -16.187 1.00 47.22 ? 98  ASP A OD1 1 
ATOM   783 O  OD2 . ASP A 1 98 ? 5.479   14.698  -14.371 1.00 42.61 1 98  ASP A OD2 1 
HETATM 784 O  O01 . 1WG B 2 .  ? 5.892   -4.186  -2.470  1.00 34.23 ? 201 1WG A O01 1 
HETATM 785 C  C02 . 1WG B 2 .  ? 5.406   -3.846  -1.403  1.00 30.20 ? 201 1WG A C02 1 
HETATM 786 C  C03 . 1WG B 2 .  ? 6.228   -3.922  -0.133  1.00 29.03 ? 201 1WG A C03 1 
HETATM 787 O  O04 . 1WG B 2 .  ? 7.550   -4.390  -0.183  1.00 30.39 ? 201 1WG A O04 1 
HETATM 788 C  C05 . 1WG B 2 .  ? 5.708   -3.543  1.055   1.00 27.53 ? 201 1WG A C05 1 
HETATM 789 C  C06 . 1WG B 2 .  ? 4.284   -3.057  1.113   1.00 25.74 ? 201 1WG A C06 1 
HETATM 790 O  O07 . 1WG B 2 .  ? 3.790   -2.708  2.164   1.00 28.10 ? 201 1WG A O07 1 
HETATM 791 C  C08 . 1WG B 2 .  ? 3.463   -2.979  -0.151  1.00 23.62 ? 201 1WG A C08 1 
HETATM 792 O  O09 . 1WG B 2 .  ? 2.150   -2.528  -0.046  1.00 26.26 ? 201 1WG A O09 1 
HETATM 793 C  C10 . 1WG B 2 .  ? 3.982   -3.345  -1.340  1.00 28.85 ? 201 1WG A C10 1 
HETATM 794 O  O   . HOH C 3 .  ? 10.259  1.421   10.580  1.00 19.44 ? 301 HOH A O   1 
HETATM 795 O  O   . HOH C 3 .  ? 17.546  3.881   8.117   1.00 26.48 ? 302 HOH A O   1 
HETATM 796 O  O   . HOH C 3 .  ? 4.293   4.952   10.175  1.00 20.49 ? 303 HOH A O   1 
HETATM 797 O  O   . HOH C 3 .  ? 13.916  3.960   8.562   1.00 22.43 ? 304 HOH A O   1 
HETATM 798 O  O   . HOH C 3 .  ? 6.834   -2.960  16.717  1.00 23.16 ? 305 HOH A O   1 
HETATM 799 O  O   . HOH C 3 .  ? -2.170  7.162   -17.096 1.00 31.33 ? 306 HOH A O   1 
HETATM 800 O  O   . HOH C 3 .  ? -6.511  7.230   -14.437 1.00 24.70 ? 307 HOH A O   1 
HETATM 801 O  O   . HOH C 3 .  ? 5.981   0.451   10.776  1.00 23.03 ? 308 HOH A O   1 
HETATM 802 O  O   . HOH C 3 .  ? -9.212  7.906   -14.542 1.00 25.48 ? 309 HOH A O   1 
HETATM 803 O  O   . HOH C 3 .  ? 5.031   -12.291 7.776   1.00 25.24 ? 310 HOH A O   1 
HETATM 804 O  O   . HOH C 3 .  ? 10.097  9.423   5.147   1.00 25.10 ? 311 HOH A O   1 
HETATM 805 O  O   . HOH C 3 .  ? 11.845  3.685   10.441  1.00 24.51 ? 312 HOH A O   1 
HETATM 806 O  O   . HOH C 3 .  ? 16.318  10.170  5.575   1.00 29.59 ? 313 HOH A O   1 
HETATM 807 O  O   . HOH C 3 .  ? 19.564  -0.757  4.198   1.00 31.14 ? 314 HOH A O   1 
HETATM 808 O  O   . HOH C 3 .  ? 6.616   4.055   15.948  1.00 31.43 ? 315 HOH A O   1 
HETATM 809 O  O   . HOH C 3 .  ? -5.530  0.024   15.224  1.00 39.36 ? 316 HOH A O   1 
HETATM 810 O  O   . HOH C 3 .  ? -6.706  4.496   8.074   1.00 30.32 ? 317 HOH A O   1 
HETATM 811 O  O   . HOH C 3 .  ? 15.462  -6.453  5.265   1.00 29.50 ? 318 HOH A O   1 
HETATM 812 O  O   . HOH C 3 .  ? 13.190  0.188   12.833  1.00 33.46 ? 319 HOH A O   1 
HETATM 813 O  O   . HOH C 3 .  ? 11.715  6.246   11.435  1.00 29.17 ? 320 HOH A O   1 
HETATM 814 O  O   . HOH C 3 .  ? -1.144  1.185   0.037   1.00 23.57 ? 321 HOH A O   1 
HETATM 815 O  O   . HOH C 3 .  ? 7.056   1.019   14.813  1.00 32.23 ? 322 HOH A O   1 
HETATM 816 O  O   . HOH C 3 .  ? 18.879  4.910   0.802   1.00 34.96 ? 323 HOH A O   1 
HETATM 817 O  O   . HOH C 3 .  ? -5.565  -0.571  9.558   1.00 25.07 ? 324 HOH A O   1 
HETATM 818 O  O   . HOH C 3 .  ? 6.068   -12.367 12.899  1.00 30.56 ? 325 HOH A O   1 
HETATM 819 O  O   . HOH C 3 .  ? 7.868   7.209   6.708   1.00 28.51 ? 326 HOH A O   1 
HETATM 820 O  O   . HOH C 3 .  ? 5.240   1.840   12.977  1.00 27.73 ? 327 HOH A O   1 
HETATM 821 O  O   . HOH C 3 .  ? 2.166   -12.986 7.388   1.00 26.42 ? 328 HOH A O   1 
HETATM 822 O  O   . HOH C 3 .  ? 20.467  5.339   8.174   1.00 29.95 ? 329 HOH A O   1 
HETATM 823 O  O   . HOH C 3 .  ? -7.923  11.675  -0.916  1.00 23.71 ? 330 HOH A O   1 
HETATM 824 O  O   . HOH C 3 .  ? 18.369  -0.388  7.949   1.00 35.87 ? 331 HOH A O   1 
HETATM 825 O  O   . HOH C 3 .  ? -1.881  9.586   -18.975 1.00 37.04 ? 332 HOH A O   1 
HETATM 826 O  O   . HOH C 3 .  ? 9.390   2.145   12.947  1.00 34.66 ? 333 HOH A O   1 
HETATM 827 O  O   . HOH C 3 .  ? 3.773   -14.282 0.810   1.00 39.60 ? 334 HOH A O   1 
HETATM 828 O  O   . HOH C 3 .  ? 20.796  0.510   8.008   1.00 38.77 ? 335 HOH A O   1 
HETATM 829 O  O   . HOH C 3 .  ? -4.695  -9.807  9.202   1.00 33.37 ? 336 HOH A O   1 
HETATM 830 O  O   . HOH C 3 .  ? -3.038  -7.271  14.644  1.00 34.52 ? 337 HOH A O   1 
HETATM 831 O  O   . HOH C 3 .  ? 21.959  2.974   7.882   1.00 30.28 ? 338 HOH A O   1 
HETATM 832 O  O   . HOH C 3 .  ? -0.180  3.313   17.610  1.00 26.52 ? 339 HOH A O   1 
HETATM 833 O  O   . HOH C 3 .  ? 17.720  11.452  3.607   1.00 42.73 ? 340 HOH A O   1 
HETATM 834 O  O   . HOH C 3 .  ? 1.017   -2.496  17.499  1.00 27.16 ? 341 HOH A O   1 
HETATM 835 O  O   . HOH C 3 .  ? 4.883   9.323   -15.221 1.00 31.55 ? 342 HOH A O   1 
HETATM 836 O  O   . HOH C 3 .  ? 2.580   10.269  9.255   0.50 30.16 ? 343 HOH A O   1 
HETATM 837 O  O   . HOH C 3 .  ? -9.187  13.553  -0.436  1.00 34.20 ? 344 HOH A O   1 
HETATM 838 O  O   . HOH C 3 .  ? 9.639   -3.290  16.471  1.00 33.31 ? 345 HOH A O   1 
HETATM 839 O  O   . HOH C 3 .  ? -7.128  4.916   10.202  1.00 31.73 ? 346 HOH A O   1 
HETATM 840 O  O   . HOH C 3 .  ? 3.207   -3.997  17.732  0.50 29.80 ? 347 HOH A O   1 
HETATM 841 O  O   . HOH C 3 .  ? 8.165   11.226  6.079   1.00 28.69 ? 348 HOH A O   1 
HETATM 842 O  O   . HOH C 3 .  ? 1.465   7.289   11.825  1.00 30.45 ? 349 HOH A O   1 
HETATM 843 O  O   . HOH C 3 .  ? 0.170   -13.476 8.959   1.00 32.86 ? 350 HOH A O   1 
HETATM 844 O  O   . HOH C 3 .  ? 13.737  10.112  6.270   1.00 31.19 ? 351 HOH A O   1 
HETATM 845 O  O   . HOH C 3 .  ? -11.270 -5.292  -4.959  1.00 39.35 ? 352 HOH A O   1 
HETATM 846 O  O   . HOH C 3 .  ? -2.270  4.668   -17.288 1.00 40.89 ? 353 HOH A O   1 
HETATM 847 O  O   . HOH C 3 .  ? -3.848  -3.798  15.339  1.00 37.05 ? 354 HOH A O   1 
HETATM 848 O  O   . HOH C 3 .  ? -1.457  -9.319  13.459  1.00 36.24 ? 355 HOH A O   1 
HETATM 849 O  O   . HOH C 3 .  ? -2.640  -13.430 2.360   1.00 33.06 ? 356 HOH A O   1 
HETATM 850 O  O   . HOH C 3 .  ? 8.197   -12.540 2.477   1.00 50.19 ? 357 HOH A O   1 
HETATM 851 O  O   . HOH C 3 .  ? 22.164  2.719   5.227   1.00 36.97 ? 358 HOH A O   1 
HETATM 852 O  O   . HOH C 3 .  ? 8.092   -0.263  16.863  1.00 37.37 ? 359 HOH A O   1 
HETATM 853 O  O   . HOH C 3 .  ? 1.603   -8.246  16.149  1.00 35.73 ? 360 HOH A O   1 
HETATM 854 O  O   . HOH C 3 .  ? -9.252  -7.749  -3.146  1.00 40.19 ? 361 HOH A O   1 
HETATM 855 O  O   . HOH C 3 .  ? 4.339   10.671  -17.333 1.00 38.94 ? 362 HOH A O   1 
HETATM 856 O  O   . HOH C 3 .  ? -15.811 3.988   -12.241 1.00 36.56 ? 363 HOH A O   1 
HETATM 857 O  O   . HOH C 3 .  ? -1.737  -6.908  16.687  0.50 32.96 ? 364 HOH A O   1 
HETATM 858 O  O   . HOH C 3 .  ? 19.432  6.530   10.403  1.00 33.86 ? 365 HOH A O   1 
HETATM 859 O  O   . HOH C 3 .  ? 9.659   6.434   12.267  1.00 46.76 ? 366 HOH A O   1 
HETATM 860 O  O   . HOH C 3 .  ? 9.824   -5.060  14.415  1.00 27.18 ? 367 HOH A O   1 
HETATM 861 O  O   . HOH C 3 .  ? 7.551   3.760   13.260  1.00 42.34 ? 368 HOH A O   1 
HETATM 862 O  O   . HOH C 3 .  ? 10.978  -3.118  18.773  1.00 40.05 ? 369 HOH A O   1 
HETATM 863 O  O   . HOH C 3 .  ? -0.502  -1.723  -0.108  1.00 36.64 ? 370 HOH A O   1 
HETATM 864 O  O   . HOH C 3 .  ? 7.707   8.593   -16.499 1.00 50.07 ? 371 HOH A O   1 
HETATM 865 O  O   . HOH C 3 .  ? -5.701  -9.978  11.437  1.00 41.92 ? 372 HOH A O   1 
HETATM 866 O  O   . HOH C 3 .  ? -2.368  -15.622 3.309   1.00 40.56 ? 373 HOH A O   1 
HETATM 867 O  O   . HOH C 3 .  ? -16.219 2.273   -15.620 1.00 44.16 ? 374 HOH A O   1 
HETATM 868 O  O   . HOH C 3 .  ? 2.758   -16.206 6.155   1.00 45.42 ? 375 HOH A O   1 
HETATM 869 O  O   . HOH C 3 .  ? -2.607  -11.641 8.320   1.00 39.56 ? 376 HOH A O   1 
HETATM 870 O  O   . HOH C 3 .  ? -4.357  6.447   -16.899 1.00 38.62 ? 377 HOH A O   1 
HETATM 871 O  O   . HOH C 3 .  ? 2.733   -16.447 1.757   1.00 48.99 ? 378 HOH A O   1 
# 
